data_6XFY
# 
_entry.id   6XFY 
# 
_audit_conform.dict_name       mmcif_pdbx.dic 
_audit_conform.dict_version    5.380 
_audit_conform.dict_location   http://mmcif.pdb.org/dictionaries/ascii/mmcif_pdbx.dic 
# 
loop_
_database_2.database_id 
_database_2.database_code 
_database_2.pdbx_database_accession 
_database_2.pdbx_DOI 
PDB   6XFY         pdb_00006xfy 10.2210/pdb6xfy/pdb 
WWPDB D_1000249227 ?            ?                   
# 
_pdbx_database_status.status_code                     REL 
_pdbx_database_status.status_code_sf                  REL 
_pdbx_database_status.status_code_mr                  ? 
_pdbx_database_status.entry_id                        6XFY 
_pdbx_database_status.recvd_initial_deposition_date   2020-06-16 
_pdbx_database_status.SG_entry                        N 
_pdbx_database_status.deposit_site                    RCSB 
_pdbx_database_status.process_site                    RCSB 
_pdbx_database_status.status_code_cs                  ? 
_pdbx_database_status.status_code_nmr_data            ? 
_pdbx_database_status.methods_development_category    ? 
_pdbx_database_status.pdb_format_compatible           Y 
# 
loop_
_audit_author.name 
_audit_author.pdbx_ordinal 
_audit_author.identifier_ORCID 
'Simmons, C.R.'      1 0000-0002-2290-6132 
'MacCulloch, T.'     2 0000-0001-5875-3361 
'Stephanopoulos, N.' 3 0000-0001-7859-410X 
'Yan, H.'            4 0000-0001-7397-9852 
# 
_citation.abstract                  ? 
_citation.abstract_id_CAS           ? 
_citation.book_id_ISBN              ? 
_citation.book_publisher            ? 
_citation.book_publisher_city       ? 
_citation.book_title                ? 
_citation.coordinate_linkage        ? 
_citation.country                   UK 
_citation.database_id_Medline       ? 
_citation.details                   ? 
_citation.id                        primary 
_citation.journal_abbrev            'Nat Commun' 
_citation.journal_id_ASTM           ? 
_citation.journal_id_CSD            ? 
_citation.journal_id_ISSN           2041-1723 
_citation.journal_full              ? 
_citation.journal_issue             ? 
_citation.journal_volume            13 
_citation.language                  ? 
_citation.page_first                3112 
_citation.page_last                 3112 
_citation.title                     'The influence of Holliday junction sequence and dynamics on DNA crystal self-assembly.' 
_citation.year                      2022 
_citation.database_id_CSD           ? 
_citation.pdbx_database_id_DOI      10.1038/s41467-022-30779-6 
_citation.pdbx_database_id_PubMed   35662248 
_citation.unpublished_flag          ? 
# 
loop_
_citation_author.citation_id 
_citation_author.name 
_citation_author.ordinal 
_citation_author.identifier_ORCID 
primary 'Simmons, C.R.'      1  ?                   
primary 'MacCulloch, T.'     2  ?                   
primary 'Krepl, M.'          3  0000-0002-9833-4281 
primary 'Matthies, M.'       4  ?                   
primary 'Buchberger, A.'     5  ?                   
primary 'Crawford, I.'       6  ?                   
primary 'Sponer, J.'         7  0000-0001-6558-6186 
primary 'Sulc, P.'           8  0000-0003-1565-6769 
primary 'Stephanopoulos, N.' 9  0000-0001-7859-410X 
primary 'Yan, H.'            10 0000-0001-7397-9852 
# 
_cell.angle_alpha                  90.000 
_cell.angle_alpha_esd              ? 
_cell.angle_beta                   90.000 
_cell.angle_beta_esd               ? 
_cell.angle_gamma                  120.000 
_cell.angle_gamma_esd              ? 
_cell.entry_id                     6XFY 
_cell.details                      ? 
_cell.formula_units_Z              ? 
_cell.length_a                     68.962 
_cell.length_a_esd                 ? 
_cell.length_b                     68.962 
_cell.length_b_esd                 ? 
_cell.length_c                     60.585 
_cell.length_c_esd                 ? 
_cell.volume                       ? 
_cell.volume_esd                   ? 
_cell.Z_PDB                        3 
_cell.reciprocal_angle_alpha       ? 
_cell.reciprocal_angle_beta        ? 
_cell.reciprocal_angle_gamma       ? 
_cell.reciprocal_angle_alpha_esd   ? 
_cell.reciprocal_angle_beta_esd    ? 
_cell.reciprocal_angle_gamma_esd   ? 
_cell.reciprocal_length_a          ? 
_cell.reciprocal_length_b          ? 
_cell.reciprocal_length_c          ? 
_cell.reciprocal_length_a_esd      ? 
_cell.reciprocal_length_b_esd      ? 
_cell.reciprocal_length_c_esd      ? 
_cell.pdbx_unique_axis             ? 
# 
_symmetry.entry_id                         6XFY 
_symmetry.cell_setting                     ? 
_symmetry.Int_Tables_number                145 
_symmetry.space_group_name_Hall            ? 
_symmetry.space_group_name_H-M             'P 32' 
_symmetry.pdbx_full_space_group_name_H-M   ? 
# 
loop_
_entity.id 
_entity.type 
_entity.src_method 
_entity.pdbx_description 
_entity.formula_weight 
_entity.pdbx_number_of_molecules 
_entity.pdbx_ec 
_entity.pdbx_mutation 
_entity.pdbx_fragment 
_entity.details 
1 polymer     syn 
;DNA (5'-D(*GP*AP*GP*CP*AP*GP*AP*CP*AP*TP*G)-3')
;
3407.249 1 ? ? ? ? 
2 polymer     syn 
;DNA (5'-D(P*AP*CP*TP*CP*CP*AP*CP*TP*CP*A)-3')
;
2948.958 1 ? ? ? ? 
3 polymer     syn 
;DNA (5'-D(P*CP*AP*AP*GP*T)-3')
;
1504.037 1 ? ? ? ? 
4 polymer     syn 
;DNA (5'-D(*TP*CP*TP*GP*AP*GP*TP*GP*GP*TP*GP*TP*CP*TP*GP*C)-3')
;
4936.186 1 ? ? ? ? 
5 non-polymer syn 'CACODYLATE ION'                                                 136.989  3 ? ? ? ? 
# 
loop_
_entity_poly.entity_id 
_entity_poly.type 
_entity_poly.nstd_linkage 
_entity_poly.nstd_monomer 
_entity_poly.pdbx_seq_one_letter_code 
_entity_poly.pdbx_seq_one_letter_code_can 
_entity_poly.pdbx_strand_id 
_entity_poly.pdbx_target_identifier 
1 polydeoxyribonucleotide no no '(DG)(DA)(DG)(DC)(DA)(DG)(DA)(DC)(DA)(DT)(DG)'                     GAGCAGACATG      A ? 
2 polydeoxyribonucleotide no no '(DA)(DC)(DT)(DC)(DC)(DA)(DC)(DT)(DC)(DA)'                         ACTCCACTCA       B ? 
3 polydeoxyribonucleotide no no '(DC)(DA)(DA)(DG)(DT)'                                             CAAGT            C ? 
4 polydeoxyribonucleotide no no '(DT)(DC)(DT)(DG)(DA)(DG)(DT)(DG)(DG)(DT)(DG)(DT)(DC)(DT)(DG)(DC)' TCTGAGTGGTGTCTGC D ? 
# 
loop_
_entity_poly_seq.entity_id 
_entity_poly_seq.num 
_entity_poly_seq.mon_id 
_entity_poly_seq.hetero 
1 1  DG n 
1 2  DA n 
1 3  DG n 
1 4  DC n 
1 5  DA n 
1 6  DG n 
1 7  DA n 
1 8  DC n 
1 9  DA n 
1 10 DT n 
1 11 DG n 
2 1  DA n 
2 2  DC n 
2 3  DT n 
2 4  DC n 
2 5  DC n 
2 6  DA n 
2 7  DC n 
2 8  DT n 
2 9  DC n 
2 10 DA n 
3 1  DC n 
3 2  DA n 
3 3  DA n 
3 4  DG n 
3 5  DT n 
4 1  DT n 
4 2  DC n 
4 3  DT n 
4 4  DG n 
4 5  DA n 
4 6  DG n 
4 7  DT n 
4 8  DG n 
4 9  DG n 
4 10 DT n 
4 11 DG n 
4 12 DT n 
4 13 DC n 
4 14 DT n 
4 15 DG n 
4 16 DC n 
# 
loop_
_pdbx_entity_src_syn.entity_id 
_pdbx_entity_src_syn.pdbx_src_id 
_pdbx_entity_src_syn.pdbx_alt_source_flag 
_pdbx_entity_src_syn.pdbx_beg_seq_num 
_pdbx_entity_src_syn.pdbx_end_seq_num 
_pdbx_entity_src_syn.organism_scientific 
_pdbx_entity_src_syn.organism_common_name 
_pdbx_entity_src_syn.ncbi_taxonomy_id 
_pdbx_entity_src_syn.details 
1 1 sample 1 11 'synthetic construct' ? 32630 ? 
2 1 sample 1 10 'synthetic construct' ? 32630 ? 
3 1 sample 1 5  'synthetic construct' ? 32630 ? 
4 1 sample 1 16 'synthetic construct' ? 32630 ? 
# 
loop_
_struct_ref.id 
_struct_ref.db_name 
_struct_ref.db_code 
_struct_ref.pdbx_db_accession 
_struct_ref.pdbx_db_isoform 
_struct_ref.entity_id 
_struct_ref.pdbx_seq_one_letter_code 
_struct_ref.pdbx_align_begin 
1 PDB 6XFY 6XFY ? 1 ? 1 
2 PDB 6XFY 6XFY ? 2 ? 1 
3 PDB 6XFY 6XFY ? 3 ? 1 
4 PDB 6XFY 6XFY ? 4 ? 1 
# 
loop_
_struct_ref_seq.align_id 
_struct_ref_seq.ref_id 
_struct_ref_seq.pdbx_PDB_id_code 
_struct_ref_seq.pdbx_strand_id 
_struct_ref_seq.seq_align_beg 
_struct_ref_seq.pdbx_seq_align_beg_ins_code 
_struct_ref_seq.seq_align_end 
_struct_ref_seq.pdbx_seq_align_end_ins_code 
_struct_ref_seq.pdbx_db_accession 
_struct_ref_seq.db_align_beg 
_struct_ref_seq.pdbx_db_align_beg_ins_code 
_struct_ref_seq.db_align_end 
_struct_ref_seq.pdbx_db_align_end_ins_code 
_struct_ref_seq.pdbx_auth_seq_align_beg 
_struct_ref_seq.pdbx_auth_seq_align_end 
1 1 6XFY A 1 ? 11 ? 6XFY 1  ? 11 ? 1  11 
2 2 6XFY B 1 ? 10 ? 6XFY 12 ? 21 ? 12 21 
3 3 6XFY C 1 ? 5  ? 6XFY 1  ? 5  ? 1  5  
4 4 6XFY D 1 ? 16 ? 6XFY 1  ? 16 ? 1  16 
# 
loop_
_chem_comp.id 
_chem_comp.type 
_chem_comp.mon_nstd_flag 
_chem_comp.name 
_chem_comp.pdbx_synonyms 
_chem_comp.formula 
_chem_comp.formula_weight 
CAC non-polymer   . 'CACODYLATE ION'                     dimethylarsinate 'C2 H6 As O2 -1'  136.989 
DA  'DNA linking' y "2'-DEOXYADENOSINE-5'-MONOPHOSPHATE" ?                'C10 H14 N5 O6 P' 331.222 
DC  'DNA linking' y "2'-DEOXYCYTIDINE-5'-MONOPHOSPHATE"  ?                'C9 H14 N3 O7 P'  307.197 
DG  'DNA linking' y "2'-DEOXYGUANOSINE-5'-MONOPHOSPHATE" ?                'C10 H14 N5 O7 P' 347.221 
DT  'DNA linking' y "THYMIDINE-5'-MONOPHOSPHATE"         ?                'C10 H15 N2 O8 P' 322.208 
# 
_exptl.absorpt_coefficient_mu     ? 
_exptl.absorpt_correction_T_max   ? 
_exptl.absorpt_correction_T_min   ? 
_exptl.absorpt_correction_type    ? 
_exptl.absorpt_process_details    ? 
_exptl.entry_id                   6XFY 
_exptl.crystals_number            1 
_exptl.details                    ? 
_exptl.method                     'X-RAY DIFFRACTION' 
_exptl.method_details             ? 
# 
_exptl_crystal.colour                      ? 
_exptl_crystal.density_diffrn              ? 
_exptl_crystal.density_Matthews            6.50 
_exptl_crystal.density_method              ? 
_exptl_crystal.density_percent_sol         81.08 
_exptl_crystal.description                 ? 
_exptl_crystal.F_000                       ? 
_exptl_crystal.id                          1 
_exptl_crystal.preparation                 ? 
_exptl_crystal.size_max                    ? 
_exptl_crystal.size_mid                    ? 
_exptl_crystal.size_min                    ? 
_exptl_crystal.size_rad                    ? 
_exptl_crystal.colour_lustre               ? 
_exptl_crystal.colour_modifier             ? 
_exptl_crystal.colour_primary              ? 
_exptl_crystal.density_meas                ? 
_exptl_crystal.density_meas_esd            ? 
_exptl_crystal.density_meas_gt             ? 
_exptl_crystal.density_meas_lt             ? 
_exptl_crystal.density_meas_temp           ? 
_exptl_crystal.density_meas_temp_esd       ? 
_exptl_crystal.density_meas_temp_gt        ? 
_exptl_crystal.density_meas_temp_lt        ? 
_exptl_crystal.pdbx_crystal_image_url      ? 
_exptl_crystal.pdbx_crystal_image_format   ? 
_exptl_crystal.pdbx_mosaicity              ? 
_exptl_crystal.pdbx_mosaicity_esd          ? 
# 
_exptl_crystal_grow.apparatus       ? 
_exptl_crystal_grow.atmosphere      ? 
_exptl_crystal_grow.crystal_id      1 
_exptl_crystal_grow.details         ? 
_exptl_crystal_grow.method          'VAPOR DIFFUSION, SITTING DROP' 
_exptl_crystal_grow.method_ref      ? 
_exptl_crystal_grow.pH              ? 
_exptl_crystal_grow.pressure        ? 
_exptl_crystal_grow.pressure_esd    ? 
_exptl_crystal_grow.seeding         ? 
_exptl_crystal_grow.seeding_ref     ? 
_exptl_crystal_grow.temp            298 
_exptl_crystal_grow.temp_details    'temperature gradient generated from 60 to 25 C at 0.3 degrees per hour' 
_exptl_crystal_grow.temp_esd        ? 
_exptl_crystal_grow.time            ? 
_exptl_crystal_grow.pdbx_details    
;0.5 mL of 0.05 M Cacodylate pH 6.5 with 36 mM MgCl2, 2.25 mM spermine, and 5% PEG 400 was added to the reservoir with 2 uL added to the drop containing 4 uL of DNA stock
;
_exptl_crystal_grow.pdbx_pH_range   ? 
# 
_diffrn.ambient_environment              ? 
_diffrn.ambient_temp                     100 
_diffrn.ambient_temp_details             ? 
_diffrn.ambient_temp_esd                 ? 
_diffrn.crystal_id                       1 
_diffrn.crystal_support                  ? 
_diffrn.crystal_treatment                ? 
_diffrn.details                          ? 
_diffrn.id                               1 
_diffrn.ambient_pressure                 ? 
_diffrn.ambient_pressure_esd             ? 
_diffrn.ambient_pressure_gt              ? 
_diffrn.ambient_pressure_lt              ? 
_diffrn.ambient_temp_gt                  ? 
_diffrn.ambient_temp_lt                  ? 
_diffrn.pdbx_serial_crystal_experiment   N 
# 
_diffrn_detector.details                      ? 
_diffrn_detector.detector                     PIXEL 
_diffrn_detector.diffrn_id                    1 
_diffrn_detector.type                         'DECTRIS PILATUS3 6M' 
_diffrn_detector.area_resol_mean              ? 
_diffrn_detector.dtime                        ? 
_diffrn_detector.pdbx_frames_total            ? 
_diffrn_detector.pdbx_collection_time_total   ? 
_diffrn_detector.pdbx_collection_date         2018-05-15 
_diffrn_detector.pdbx_frequency               ? 
# 
_diffrn_radiation.collimation                      ? 
_diffrn_radiation.diffrn_id                        1 
_diffrn_radiation.filter_edge                      ? 
_diffrn_radiation.inhomogeneity                    ? 
_diffrn_radiation.monochromator                    ? 
_diffrn_radiation.polarisn_norm                    ? 
_diffrn_radiation.polarisn_ratio                   ? 
_diffrn_radiation.probe                            ? 
_diffrn_radiation.type                             ? 
_diffrn_radiation.xray_symbol                      ? 
_diffrn_radiation.wavelength_id                    1 
_diffrn_radiation.pdbx_monochromatic_or_laue_m_l   M 
_diffrn_radiation.pdbx_wavelength_list             ? 
_diffrn_radiation.pdbx_wavelength                  ? 
_diffrn_radiation.pdbx_diffrn_protocol             'SINGLE WAVELENGTH' 
_diffrn_radiation.pdbx_analyzer                    ? 
_diffrn_radiation.pdbx_scattering_type             x-ray 
# 
_diffrn_radiation_wavelength.id           1 
_diffrn_radiation_wavelength.wavelength   1 
_diffrn_radiation_wavelength.wt           1.0 
# 
_diffrn_source.current                     ? 
_diffrn_source.details                     ? 
_diffrn_source.diffrn_id                   1 
_diffrn_source.power                       ? 
_diffrn_source.size                        ? 
_diffrn_source.source                      SYNCHROTRON 
_diffrn_source.target                      ? 
_diffrn_source.type                        'ALS BEAMLINE 5.0.2' 
_diffrn_source.voltage                     ? 
_diffrn_source.take-off_angle              ? 
_diffrn_source.pdbx_wavelength_list        1 
_diffrn_source.pdbx_wavelength             ? 
_diffrn_source.pdbx_synchrotron_beamline   5.0.2 
_diffrn_source.pdbx_synchrotron_site       ALS 
# 
_reflns.B_iso_Wilson_estimate            82.030 
_reflns.entry_id                         6XFY 
_reflns.data_reduction_details           ? 
_reflns.data_reduction_method            ? 
_reflns.d_resolution_high                3.050 
_reflns.d_resolution_low                 50.000 
_reflns.details                          ? 
_reflns.limit_h_max                      ? 
_reflns.limit_h_min                      ? 
_reflns.limit_k_max                      ? 
_reflns.limit_k_min                      ? 
_reflns.limit_l_max                      ? 
_reflns.limit_l_min                      ? 
_reflns.number_all                       ? 
_reflns.number_obs                       5829 
_reflns.observed_criterion               ? 
_reflns.observed_criterion_F_max         ? 
_reflns.observed_criterion_F_min         ? 
_reflns.observed_criterion_I_max         ? 
_reflns.observed_criterion_I_min         ? 
_reflns.observed_criterion_sigma_F       ? 
_reflns.observed_criterion_sigma_I       ? 
_reflns.percent_possible_obs             95.200 
_reflns.R_free_details                   ? 
_reflns.Rmerge_F_all                     ? 
_reflns.Rmerge_F_obs                     ? 
_reflns.Friedel_coverage                 ? 
_reflns.number_gt                        ? 
_reflns.threshold_expression             ? 
_reflns.pdbx_redundancy                  9.700 
_reflns.pdbx_Rmerge_I_obs                0.064 
_reflns.pdbx_Rmerge_I_all                ? 
_reflns.pdbx_Rsym_value                  ? 
_reflns.pdbx_netI_over_av_sigmaI         ? 
_reflns.pdbx_netI_over_sigmaI            6.600 
_reflns.pdbx_res_netI_over_av_sigmaI_2   ? 
_reflns.pdbx_res_netI_over_sigmaI_2      ? 
_reflns.pdbx_chi_squared                 0.590 
_reflns.pdbx_scaling_rejects             ? 
_reflns.pdbx_d_res_high_opt              ? 
_reflns.pdbx_d_res_low_opt               ? 
_reflns.pdbx_d_res_opt_method            ? 
_reflns.phase_calculation_details        ? 
_reflns.pdbx_Rrim_I_all                  0.067 
_reflns.pdbx_Rpim_I_all                  0.021 
_reflns.pdbx_d_opt                       ? 
_reflns.pdbx_number_measured_all         ? 
_reflns.pdbx_diffrn_id                   1 
_reflns.pdbx_ordinal                     1 
_reflns.pdbx_CC_half                     0.988 
_reflns.pdbx_CC_star                     ? 
_reflns.pdbx_R_split                     ? 
# 
loop_
_reflns_shell.d_res_high 
_reflns_shell.d_res_low 
_reflns_shell.meanI_over_sigI_all 
_reflns_shell.meanI_over_sigI_obs 
_reflns_shell.number_measured_all 
_reflns_shell.number_measured_obs 
_reflns_shell.number_possible 
_reflns_shell.number_unique_all 
_reflns_shell.number_unique_obs 
_reflns_shell.percent_possible_all 
_reflns_shell.percent_possible_obs 
_reflns_shell.Rmerge_F_all 
_reflns_shell.Rmerge_F_obs 
_reflns_shell.Rmerge_I_all 
_reflns_shell.Rmerge_I_obs 
_reflns_shell.meanI_over_sigI_gt 
_reflns_shell.meanI_over_uI_all 
_reflns_shell.meanI_over_uI_gt 
_reflns_shell.number_measured_gt 
_reflns_shell.number_unique_gt 
_reflns_shell.percent_possible_gt 
_reflns_shell.Rmerge_F_gt 
_reflns_shell.Rmerge_I_gt 
_reflns_shell.pdbx_redundancy 
_reflns_shell.pdbx_Rsym_value 
_reflns_shell.pdbx_chi_squared 
_reflns_shell.pdbx_netI_over_sigmaI_all 
_reflns_shell.pdbx_netI_over_sigmaI_obs 
_reflns_shell.pdbx_Rrim_I_all 
_reflns_shell.pdbx_Rpim_I_all 
_reflns_shell.pdbx_rejects 
_reflns_shell.pdbx_ordinal 
_reflns_shell.pdbx_diffrn_id 
_reflns_shell.pdbx_CC_half 
_reflns_shell.pdbx_CC_star 
_reflns_shell.pdbx_R_split 
3.050 3.100  ? ? ? ? ? ? 204 64.600  ? ? ? ? 0.838 ? ? ? ? ? ? ? ? 7.200  ? 0.433 ? ? 0.898 0.316 ? 1  1 0.855 ? ? 
3.100 3.160  ? ? ? ? ? ? 234 73.100  ? ? ? ? 0.446 ? ? ? ? ? ? ? ? 7.500  ? 0.417 ? ? 0.476 0.160 ? 2  1 0.952 ? ? 
3.160 3.220  ? ? ? ? ? ? 227 82.500  ? ? ? ? 0.228 ? ? ? ? ? ? ? ? 7.900  ? 0.493 ? ? 0.243 0.081 ? 3  1 0.994 ? ? 
3.220 3.290  ? ? ? ? ? ? 297 92.800  ? ? ? ? 0.117 ? ? ? ? ? ? ? ? 8.300  ? 0.588 ? ? 0.124 0.039 ? 4  1 0.999 ? ? 
3.290 3.360  ? ? ? ? ? ? 300 96.500  ? ? ? ? 0.210 ? ? ? ? ? ? ? ? 9.100  ? 0.472 ? ? 0.221 0.068 ? 5  1 0.995 ? ? 
3.360 3.430  ? ? ? ? ? ? 296 98.300  ? ? ? ? 0.150 ? ? ? ? ? ? ? ? 9.500  ? 0.534 ? ? 0.158 0.049 ? 6  1 0.998 ? ? 
3.430 3.520  ? ? ? ? ? ? 317 99.700  ? ? ? ? 0.296 ? ? ? ? ? ? ? ? 9.500  ? 0.479 ? ? 0.312 0.097 ? 7  1 0.994 ? ? 
3.520 3.620  ? ? ? ? ? ? 302 99.700  ? ? ? ? 0.246 ? ? ? ? ? ? ? ? 9.900  ? 0.472 ? ? 0.259 0.079 ? 8  1 0.991 ? ? 
3.620 3.720  ? ? ? ? ? ? 286 100.000 ? ? ? ? 0.382 ? ? ? ? ? ? ? ? 9.800  ? 0.473 ? ? 0.403 0.126 ? 9  1 0.974 ? ? 
3.720 3.840  ? ? ? ? ? ? 329 100.000 ? ? ? ? 0.230 ? ? ? ? ? ? ? ? 9.500  ? 0.503 ? ? 0.243 0.078 ? 10 1 0.990 ? ? 
3.840 3.980  ? ? ? ? ? ? 295 100.000 ? ? ? ? 0.161 ? ? ? ? ? ? ? ? 10.000 ? 0.528 ? ? 0.170 0.053 ? 11 1 0.995 ? ? 
3.980 4.140  ? ? ? ? ? ? 301 100.000 ? ? ? ? 0.129 ? ? ? ? ? ? ? ? 10.600 ? 0.516 ? ? 0.135 0.041 ? 12 1 0.996 ? ? 
4.140 4.330  ? ? ? ? ? ? 321 100.000 ? ? ? ? 0.123 ? ? ? ? ? ? ? ? 10.600 ? 0.519 ? ? 0.129 0.039 ? 13 1 0.995 ? ? 
4.330 4.560  ? ? ? ? ? ? 308 100.000 ? ? ? ? 0.104 ? ? ? ? ? ? ? ? 10.700 ? 0.529 ? ? 0.109 0.033 ? 14 1 0.996 ? ? 
4.560 4.840  ? ? ? ? ? ? 296 100.000 ? ? ? ? 0.089 ? ? ? ? ? ? ? ? 10.500 ? 0.554 ? ? 0.093 0.029 ? 15 1 0.997 ? ? 
4.840 5.210  ? ? ? ? ? ? 297 100.000 ? ? ? ? 0.062 ? ? ? ? ? ? ? ? 10.100 ? 0.654 ? ? 0.065 0.020 ? 16 1 0.999 ? ? 
5.210 5.740  ? ? ? ? ? ? 317 100.000 ? ? ? ? 0.052 ? ? ? ? ? ? ? ? 10.600 ? 0.784 ? ? 0.054 0.017 ? 17 1 0.999 ? ? 
5.740 6.570  ? ? ? ? ? ? 300 100.000 ? ? ? ? 0.050 ? ? ? ? ? ? ? ? 10.700 ? 0.773 ? ? 0.053 0.016 ? 18 1 0.999 ? ? 
6.570 8.270  ? ? ? ? ? ? 303 100.000 ? ? ? ? 0.040 ? ? ? ? ? ? ? ? 10.000 ? 0.856 ? ? 0.043 0.014 ? 19 1 0.999 ? ? 
8.270 50.000 ? ? ? ? ? ? 299 97.100  ? ? ? ? 0.032 ? ? ? ? ? ? ? ? 10.300 ? 0.972 ? ? 0.034 0.011 ? 20 1 0.999 ? ? 
# 
_refine.aniso_B[1][1]                            ? 
_refine.aniso_B[1][2]                            ? 
_refine.aniso_B[1][3]                            ? 
_refine.aniso_B[2][2]                            ? 
_refine.aniso_B[2][3]                            ? 
_refine.aniso_B[3][3]                            ? 
_refine.B_iso_max                                209.000 
_refine.B_iso_mean                               106.5881 
_refine.B_iso_min                                43.920 
_refine.correlation_coeff_Fo_to_Fc               ? 
_refine.correlation_coeff_Fo_to_Fc_free          ? 
_refine.details                                  ? 
_refine.diff_density_max                         ? 
_refine.diff_density_max_esd                     ? 
_refine.diff_density_min                         ? 
_refine.diff_density_min_esd                     ? 
_refine.diff_density_rms                         ? 
_refine.diff_density_rms_esd                     ? 
_refine.entry_id                                 6XFY 
_refine.pdbx_refine_id                           'X-RAY DIFFRACTION' 
_refine.ls_abs_structure_details                 ? 
_refine.ls_abs_structure_Flack                   ? 
_refine.ls_abs_structure_Flack_esd               ? 
_refine.ls_abs_structure_Rogers                  ? 
_refine.ls_abs_structure_Rogers_esd              ? 
_refine.ls_d_res_high                            3.0570 
_refine.ls_d_res_low                             34.4810 
_refine.ls_extinction_coef                       ? 
_refine.ls_extinction_coef_esd                   ? 
_refine.ls_extinction_expression                 ? 
_refine.ls_extinction_method                     ? 
_refine.ls_goodness_of_fit_all                   ? 
_refine.ls_goodness_of_fit_all_esd               ? 
_refine.ls_goodness_of_fit_obs                   ? 
_refine.ls_goodness_of_fit_obs_esd               ? 
_refine.ls_hydrogen_treatment                    ? 
_refine.ls_matrix_type                           ? 
_refine.ls_number_constraints                    ? 
_refine.ls_number_parameters                     ? 
_refine.ls_number_reflns_all                     ? 
_refine.ls_number_reflns_obs                     5764 
_refine.ls_number_reflns_R_free                  303 
_refine.ls_number_reflns_R_work                  5461 
_refine.ls_number_restraints                     ? 
_refine.ls_percent_reflns_obs                    94.4600 
_refine.ls_percent_reflns_R_free                 5.2600 
_refine.ls_R_factor_all                          ? 
_refine.ls_R_factor_obs                          0.2280 
_refine.ls_R_factor_R_free                       0.2479 
_refine.ls_R_factor_R_free_error                 ? 
_refine.ls_R_factor_R_free_error_details         ? 
_refine.ls_R_factor_R_work                       0.2269 
_refine.ls_R_Fsqd_factor_obs                     ? 
_refine.ls_R_I_factor_obs                        ? 
_refine.ls_redundancy_reflns_all                 ? 
_refine.ls_redundancy_reflns_obs                 ? 
_refine.ls_restrained_S_all                      ? 
_refine.ls_restrained_S_obs                      ? 
_refine.ls_shift_over_esd_max                    ? 
_refine.ls_shift_over_esd_mean                   ? 
_refine.ls_structure_factor_coef                 ? 
_refine.ls_weighting_details                     ? 
_refine.ls_weighting_scheme                      ? 
_refine.ls_wR_factor_all                         ? 
_refine.ls_wR_factor_obs                         ? 
_refine.ls_wR_factor_R_free                      ? 
_refine.ls_wR_factor_R_work                      ? 
_refine.occupancy_max                            ? 
_refine.occupancy_min                            ? 
_refine.solvent_model_details                    'FLAT BULK SOLVENT MODEL' 
_refine.solvent_model_param_bsol                 ? 
_refine.solvent_model_param_ksol                 ? 
_refine.pdbx_R_complete                          ? 
_refine.ls_R_factor_gt                           ? 
_refine.ls_goodness_of_fit_gt                    ? 
_refine.ls_goodness_of_fit_ref                   ? 
_refine.ls_shift_over_su_max                     ? 
_refine.ls_shift_over_su_max_lt                  ? 
_refine.ls_shift_over_su_mean                    ? 
_refine.ls_shift_over_su_mean_lt                 ? 
_refine.pdbx_ls_sigma_I                          ? 
_refine.pdbx_ls_sigma_F                          2.020 
_refine.pdbx_ls_sigma_Fsqd                       ? 
_refine.pdbx_data_cutoff_high_absF               ? 
_refine.pdbx_data_cutoff_high_rms_absF           ? 
_refine.pdbx_data_cutoff_low_absF                ? 
_refine.pdbx_isotropic_thermal_model             ? 
_refine.pdbx_ls_cross_valid_method               THROUGHOUT 
_refine.pdbx_method_to_determine_struct          'MOLECULAR REPLACEMENT' 
_refine.pdbx_starting_model                      6x8c 
_refine.pdbx_stereochemistry_target_values       ML 
_refine.pdbx_R_Free_selection_details            ? 
_refine.pdbx_stereochem_target_val_spec_case     ? 
_refine.pdbx_overall_ESU_R                       ? 
_refine.pdbx_overall_ESU_R_Free                  ? 
_refine.pdbx_solvent_vdw_probe_radii             1.1100 
_refine.pdbx_solvent_ion_probe_radii             ? 
_refine.pdbx_solvent_shrinkage_radii             0.9000 
_refine.pdbx_real_space_R                        ? 
_refine.pdbx_density_correlation                 ? 
_refine.pdbx_pd_number_of_powder_patterns        ? 
_refine.pdbx_pd_number_of_points                 ? 
_refine.pdbx_pd_meas_number_of_points            ? 
_refine.pdbx_pd_proc_ls_prof_R_factor            ? 
_refine.pdbx_pd_proc_ls_prof_wR_factor           ? 
_refine.pdbx_pd_Marquardt_correlation_coeff      ? 
_refine.pdbx_pd_Fsqrd_R_factor                   ? 
_refine.pdbx_pd_ls_matrix_band_width             ? 
_refine.pdbx_overall_phase_error                 32.7700 
_refine.pdbx_overall_SU_R_free_Cruickshank_DPI   ? 
_refine.pdbx_overall_SU_R_free_Blow_DPI          ? 
_refine.pdbx_overall_SU_R_Blow_DPI               ? 
_refine.pdbx_TLS_residual_ADP_flag               ? 
_refine.pdbx_diffrn_id                           1 
_refine.overall_SU_B                             ? 
_refine.overall_SU_ML                            0.5300 
_refine.overall_SU_R_Cruickshank_DPI             ? 
_refine.overall_SU_R_free                        ? 
_refine.overall_FOM_free_R_set                   ? 
_refine.overall_FOM_work_R_set                   ? 
_refine.pdbx_average_fsc_overall                 ? 
_refine.pdbx_average_fsc_work                    ? 
_refine.pdbx_average_fsc_free                    ? 
# 
_refine_hist.pdbx_refine_id                   'X-RAY DIFFRACTION' 
_refine_hist.cycle_id                         final 
_refine_hist.details                          ? 
_refine_hist.d_res_high                       3.0570 
_refine_hist.d_res_low                        34.4810 
_refine_hist.number_atoms_solvent             0 
_refine_hist.number_atoms_total               858 
_refine_hist.number_reflns_all                ? 
_refine_hist.number_reflns_obs                ? 
_refine_hist.number_reflns_R_free             ? 
_refine_hist.number_reflns_R_work             ? 
_refine_hist.R_factor_all                     ? 
_refine_hist.R_factor_obs                     ? 
_refine_hist.R_factor_R_free                  ? 
_refine_hist.R_factor_R_work                  ? 
_refine_hist.pdbx_number_residues_total       42 
_refine_hist.pdbx_B_iso_mean_ligand           179.49 
_refine_hist.pdbx_B_iso_mean_solvent          ? 
_refine_hist.pdbx_number_atoms_protein        0 
_refine_hist.pdbx_number_atoms_nucleic_acid   855 
_refine_hist.pdbx_number_atoms_ligand         3 
_refine_hist.pdbx_number_atoms_lipid          ? 
_refine_hist.pdbx_number_atoms_carb           ? 
_refine_hist.pdbx_pseudo_atom_details         ? 
# 
loop_
_refine_ls_restr.pdbx_refine_id 
_refine_ls_restr.criterion 
_refine_ls_restr.dev_ideal 
_refine_ls_restr.dev_ideal_target 
_refine_ls_restr.number 
_refine_ls_restr.rejects 
_refine_ls_restr.type 
_refine_ls_restr.weight 
_refine_ls_restr.pdbx_restraint_function 
'X-RAY DIFFRACTION' ? 0.005  ? 956  ? f_bond_d           ? ? 
'X-RAY DIFFRACTION' ? 0.664  ? 1467 ? f_angle_d          ? ? 
'X-RAY DIFFRACTION' ? 0.033  ? 166  ? f_chiral_restr     ? ? 
'X-RAY DIFFRACTION' ? 0.003  ? 42   ? f_plane_restr      ? ? 
'X-RAY DIFFRACTION' ? 33.527 ? 406  ? f_dihedral_angle_d ? ? 
# 
loop_
_refine_ls_shell.pdbx_refine_id 
_refine_ls_shell.d_res_high 
_refine_ls_shell.d_res_low 
_refine_ls_shell.number_reflns_all 
_refine_ls_shell.number_reflns_obs 
_refine_ls_shell.number_reflns_R_free 
_refine_ls_shell.number_reflns_R_work 
_refine_ls_shell.percent_reflns_obs 
_refine_ls_shell.percent_reflns_R_free 
_refine_ls_shell.R_factor_all 
_refine_ls_shell.R_factor_obs 
_refine_ls_shell.R_factor_R_free 
_refine_ls_shell.R_factor_R_free_error 
_refine_ls_shell.R_factor_R_work 
_refine_ls_shell.redundancy_reflns_all 
_refine_ls_shell.redundancy_reflns_obs 
_refine_ls_shell.wR_factor_all 
_refine_ls_shell.wR_factor_obs 
_refine_ls_shell.wR_factor_R_free 
_refine_ls_shell.wR_factor_R_work 
_refine_ls_shell.pdbx_R_complete 
_refine_ls_shell.pdbx_total_number_of_bins_used 
_refine_ls_shell.pdbx_phase_error 
_refine_ls_shell.pdbx_fsc_work 
_refine_ls_shell.pdbx_fsc_free 
'X-RAY DIFFRACTION' 3.057  3.8502 . . 180 2558 89.0000  . . . 0.3391 0.0000 0.3228 . . . . . . . . . . . 
'X-RAY DIFFRACTION' 3.8502 34.481 . . 123 2903 100.0000 . . . 0.2091 0.0000 0.2005 . . . . . . . . . . . 
# 
_struct.entry_id                     6XFY 
_struct.title                        
'Self-assembly of a 3D DNA crystal lattice (4x5 junction version) containing the J28 immobile Holliday junction' 
_struct.pdbx_model_details           ? 
_struct.pdbx_formula_weight          ? 
_struct.pdbx_formula_weight_method   ? 
_struct.pdbx_model_type_details      ? 
_struct.pdbx_CASP_flag               N 
# 
_struct_keywords.entry_id        6XFY 
_struct_keywords.text            
'Structural DNA nanotechnology, immobile Holliday junctions, 3D DNA self-assembly, designer DNA crystals, DNA' 
_struct_keywords.pdbx_keywords   DNA 
# 
loop_
_struct_asym.id 
_struct_asym.pdbx_blank_PDB_chainid_flag 
_struct_asym.pdbx_modified 
_struct_asym.entity_id 
_struct_asym.details 
A N N 1 ? 
B N N 2 ? 
C N N 3 ? 
D N N 4 ? 
E N N 5 ? 
F N N 5 ? 
G N N 5 ? 
# 
loop_
_struct_conn.id 
_struct_conn.conn_type_id 
_struct_conn.pdbx_leaving_atom_flag 
_struct_conn.pdbx_PDB_id 
_struct_conn.ptnr1_label_asym_id 
_struct_conn.ptnr1_label_comp_id 
_struct_conn.ptnr1_label_seq_id 
_struct_conn.ptnr1_label_atom_id 
_struct_conn.pdbx_ptnr1_label_alt_id 
_struct_conn.pdbx_ptnr1_PDB_ins_code 
_struct_conn.pdbx_ptnr1_standard_comp_id 
_struct_conn.ptnr1_symmetry 
_struct_conn.ptnr2_label_asym_id 
_struct_conn.ptnr2_label_comp_id 
_struct_conn.ptnr2_label_seq_id 
_struct_conn.ptnr2_label_atom_id 
_struct_conn.pdbx_ptnr2_label_alt_id 
_struct_conn.pdbx_ptnr2_PDB_ins_code 
_struct_conn.ptnr1_auth_asym_id 
_struct_conn.ptnr1_auth_comp_id 
_struct_conn.ptnr1_auth_seq_id 
_struct_conn.ptnr2_auth_asym_id 
_struct_conn.ptnr2_auth_comp_id 
_struct_conn.ptnr2_auth_seq_id 
_struct_conn.ptnr2_symmetry 
_struct_conn.pdbx_ptnr3_label_atom_id 
_struct_conn.pdbx_ptnr3_label_seq_id 
_struct_conn.pdbx_ptnr3_label_comp_id 
_struct_conn.pdbx_ptnr3_label_asym_id 
_struct_conn.pdbx_ptnr3_label_alt_id 
_struct_conn.pdbx_ptnr3_PDB_ins_code 
_struct_conn.details 
_struct_conn.pdbx_dist_value 
_struct_conn.pdbx_value_order 
_struct_conn.pdbx_role 
hydrog1  hydrog ? ? A DG 3  N1 ? ? ? 1_555 D DC 16 N3 ? ? A DG 3  D DC 16 1_555 ? ? ? ? ? ? WATSON-CRICK ? ? ? 
hydrog2  hydrog ? ? A DG 3  N2 ? ? ? 1_555 D DC 16 O2 ? ? A DG 3  D DC 16 1_555 ? ? ? ? ? ? WATSON-CRICK ? ? ? 
hydrog3  hydrog ? ? A DG 3  O6 ? ? ? 1_555 D DC 16 N4 ? ? A DG 3  D DC 16 1_555 ? ? ? ? ? ? WATSON-CRICK ? ? ? 
hydrog4  hydrog ? ? A DC 4  O2 ? ? ? 1_555 D DG 15 N2 ? ? A DC 4  D DG 15 1_555 ? ? ? ? ? ? 'DC-DG PAIR' ? ? ? 
hydrog5  hydrog ? ? A DA 5  N1 ? ? ? 1_555 D DT 14 N3 ? ? A DA 5  D DT 14 1_555 ? ? ? ? ? ? WATSON-CRICK ? ? ? 
hydrog6  hydrog ? ? A DA 5  N6 ? ? ? 1_555 D DT 14 O4 ? ? A DA 5  D DT 14 1_555 ? ? ? ? ? ? WATSON-CRICK ? ? ? 
hydrog7  hydrog ? ? A DG 6  N1 ? ? ? 1_555 D DC 13 N3 ? ? A DG 6  D DC 13 1_555 ? ? ? ? ? ? WATSON-CRICK ? ? ? 
hydrog8  hydrog ? ? A DG 6  N2 ? ? ? 1_555 D DC 13 O2 ? ? A DG 6  D DC 13 1_555 ? ? ? ? ? ? WATSON-CRICK ? ? ? 
hydrog9  hydrog ? ? A DG 6  O6 ? ? ? 1_555 D DC 13 N4 ? ? A DG 6  D DC 13 1_555 ? ? ? ? ? ? WATSON-CRICK ? ? ? 
hydrog10 hydrog ? ? A DA 7  N1 ? ? ? 1_555 D DT 12 N3 ? ? A DA 7  D DT 12 1_555 ? ? ? ? ? ? WATSON-CRICK ? ? ? 
hydrog11 hydrog ? ? A DA 7  N6 ? ? ? 1_555 D DT 12 O4 ? ? A DA 7  D DT 12 1_555 ? ? ? ? ? ? WATSON-CRICK ? ? ? 
hydrog12 hydrog ? ? A DC 8  N3 ? ? ? 1_555 D DG 11 N1 ? ? A DC 8  D DG 11 1_555 ? ? ? ? ? ? WATSON-CRICK ? ? ? 
hydrog13 hydrog ? ? A DC 8  N4 ? ? ? 1_555 D DG 11 O6 ? ? A DC 8  D DG 11 1_555 ? ? ? ? ? ? WATSON-CRICK ? ? ? 
hydrog14 hydrog ? ? A DC 8  O2 ? ? ? 1_555 D DG 11 N2 ? ? A DC 8  D DG 11 1_555 ? ? ? ? ? ? WATSON-CRICK ? ? ? 
hydrog15 hydrog ? ? A DA 9  N1 ? ? ? 1_555 D DT 10 N3 ? ? A DA 9  D DT 10 1_555 ? ? ? ? ? ? WATSON-CRICK ? ? ? 
hydrog16 hydrog ? ? A DA 9  N6 ? ? ? 1_555 D DT 10 O4 ? ? A DA 9  D DT 10 1_555 ? ? ? ? ? ? WATSON-CRICK ? ? ? 
hydrog17 hydrog ? ? A DT 10 N3 ? ? ? 1_555 C DA 2  N1 ? ? A DT 10 C DA 2  1_555 ? ? ? ? ? ? WATSON-CRICK ? ? ? 
hydrog18 hydrog ? ? A DT 10 O4 ? ? ? 1_555 C DA 2  N6 ? ? A DT 10 C DA 2  1_555 ? ? ? ? ? ? WATSON-CRICK ? ? ? 
hydrog19 hydrog ? ? A DG 11 N1 ? ? ? 1_555 C DC 1  N3 ? ? A DG 11 C DC 1  1_555 ? ? ? ? ? ? WATSON-CRICK ? ? ? 
hydrog20 hydrog ? ? A DG 11 N2 ? ? ? 1_555 C DC 1  O2 ? ? A DG 11 C DC 1  1_555 ? ? ? ? ? ? WATSON-CRICK ? ? ? 
hydrog21 hydrog ? ? A DG 11 O6 ? ? ? 1_555 C DC 1  N4 ? ? A DG 11 C DC 1  1_555 ? ? ? ? ? ? WATSON-CRICK ? ? ? 
hydrog22 hydrog ? ? B DA 1  N1 ? ? ? 1_555 C DT 5  N3 ? ? B DA 12 C DT 5  1_555 ? ? ? ? ? ? WATSON-CRICK ? ? ? 
hydrog23 hydrog ? ? B DA 1  N6 ? ? ? 1_555 C DT 5  O4 ? ? B DA 12 C DT 5  1_555 ? ? ? ? ? ? WATSON-CRICK ? ? ? 
hydrog24 hydrog ? ? B DC 2  N3 ? ? ? 1_555 C DG 4  N1 ? ? B DC 13 C DG 4  1_555 ? ? ? ? ? ? WATSON-CRICK ? ? ? 
hydrog25 hydrog ? ? B DC 2  N4 ? ? ? 1_555 C DG 4  O6 ? ? B DC 13 C DG 4  1_555 ? ? ? ? ? ? WATSON-CRICK ? ? ? 
hydrog26 hydrog ? ? B DC 2  O2 ? ? ? 1_555 C DG 4  N2 ? ? B DC 13 C DG 4  1_555 ? ? ? ? ? ? WATSON-CRICK ? ? ? 
hydrog27 hydrog ? ? B DT 3  N3 ? ? ? 1_555 C DA 3  N1 ? ? B DT 14 C DA 3  1_555 ? ? ? ? ? ? WATSON-CRICK ? ? ? 
hydrog28 hydrog ? ? B DT 3  O4 ? ? ? 1_555 C DA 3  N6 ? ? B DT 14 C DA 3  1_555 ? ? ? ? ? ? WATSON-CRICK ? ? ? 
hydrog29 hydrog ? ? B DC 4  N3 ? ? ? 1_555 D DG 9  N1 ? ? B DC 15 D DG 9  1_555 ? ? ? ? ? ? WATSON-CRICK ? ? ? 
hydrog30 hydrog ? ? B DC 4  N4 ? ? ? 1_555 D DG 9  O6 ? ? B DC 15 D DG 9  1_555 ? ? ? ? ? ? WATSON-CRICK ? ? ? 
hydrog31 hydrog ? ? B DC 4  O2 ? ? ? 1_555 D DG 9  N2 ? ? B DC 15 D DG 9  1_555 ? ? ? ? ? ? WATSON-CRICK ? ? ? 
hydrog32 hydrog ? ? B DC 5  N3 ? ? ? 1_555 D DG 8  N1 ? ? B DC 16 D DG 8  1_555 ? ? ? ? ? ? WATSON-CRICK ? ? ? 
hydrog33 hydrog ? ? B DC 5  N4 ? ? ? 1_555 D DG 8  O6 ? ? B DC 16 D DG 8  1_555 ? ? ? ? ? ? WATSON-CRICK ? ? ? 
hydrog34 hydrog ? ? B DC 5  O2 ? ? ? 1_555 D DG 8  N2 ? ? B DC 16 D DG 8  1_555 ? ? ? ? ? ? WATSON-CRICK ? ? ? 
hydrog35 hydrog ? ? B DA 6  N1 ? ? ? 1_555 D DT 7  N3 ? ? B DA 17 D DT 7  1_555 ? ? ? ? ? ? WATSON-CRICK ? ? ? 
hydrog36 hydrog ? ? B DA 6  N6 ? ? ? 1_555 D DT 7  O4 ? ? B DA 17 D DT 7  1_555 ? ? ? ? ? ? WATSON-CRICK ? ? ? 
hydrog37 hydrog ? ? B DC 7  N3 ? ? ? 1_555 D DG 6  N1 ? ? B DC 18 D DG 6  1_555 ? ? ? ? ? ? WATSON-CRICK ? ? ? 
hydrog38 hydrog ? ? B DC 7  N4 ? ? ? 1_555 D DG 6  O6 ? ? B DC 18 D DG 6  1_555 ? ? ? ? ? ? WATSON-CRICK ? ? ? 
hydrog39 hydrog ? ? B DC 7  O2 ? ? ? 1_555 D DG 6  N2 ? ? B DC 18 D DG 6  1_555 ? ? ? ? ? ? WATSON-CRICK ? ? ? 
hydrog40 hydrog ? ? B DT 8  N3 ? ? ? 1_555 D DA 5  N1 ? ? B DT 19 D DA 5  1_555 ? ? ? ? ? ? WATSON-CRICK ? ? ? 
hydrog41 hydrog ? ? B DT 8  O4 ? ? ? 1_555 D DA 5  N6 ? ? B DT 19 D DA 5  1_555 ? ? ? ? ? ? WATSON-CRICK ? ? ? 
hydrog42 hydrog ? ? B DC 9  N3 ? ? ? 1_555 D DG 4  N1 ? ? B DC 20 D DG 4  1_555 ? ? ? ? ? ? WATSON-CRICK ? ? ? 
hydrog43 hydrog ? ? B DC 9  N4 ? ? ? 1_555 D DG 4  O6 ? ? B DC 20 D DG 4  1_555 ? ? ? ? ? ? WATSON-CRICK ? ? ? 
hydrog44 hydrog ? ? B DC 9  O2 ? ? ? 1_555 D DG 4  N2 ? ? B DC 20 D DG 4  1_555 ? ? ? ? ? ? WATSON-CRICK ? ? ? 
# 
_struct_conn_type.id          hydrog 
_struct_conn_type.criteria    ? 
_struct_conn_type.reference   ? 
# 
_struct_site.id                   AC1 
_struct_site.pdbx_evidence_code   Software 
_struct_site.pdbx_auth_asym_id    D 
_struct_site.pdbx_auth_comp_id    CAC 
_struct_site.pdbx_auth_seq_id     102 
_struct_site.pdbx_auth_ins_code   ? 
_struct_site.pdbx_num_residues    1 
_struct_site.details              'binding site for residue CAC D 102' 
# 
_struct_site_gen.id                   1 
_struct_site_gen.site_id              AC1 
_struct_site_gen.pdbx_num_res         1 
_struct_site_gen.label_comp_id        DG 
_struct_site_gen.label_asym_id        D 
_struct_site_gen.label_seq_id         8 
_struct_site_gen.pdbx_auth_ins_code   ? 
_struct_site_gen.auth_comp_id         DG 
_struct_site_gen.auth_asym_id         D 
_struct_site_gen.auth_seq_id          8 
_struct_site_gen.label_atom_id        . 
_struct_site_gen.label_alt_id         ? 
_struct_site_gen.symmetry             1_555 
_struct_site_gen.details              ? 
# 
_atom_sites.entry_id                    6XFY 
_atom_sites.Cartn_transf_matrix[1][1]   ? 
_atom_sites.Cartn_transf_matrix[1][2]   ? 
_atom_sites.Cartn_transf_matrix[1][3]   ? 
_atom_sites.Cartn_transf_matrix[2][1]   ? 
_atom_sites.Cartn_transf_matrix[2][2]   ? 
_atom_sites.Cartn_transf_matrix[2][3]   ? 
_atom_sites.Cartn_transf_matrix[3][1]   ? 
_atom_sites.Cartn_transf_matrix[3][2]   ? 
_atom_sites.Cartn_transf_matrix[3][3]   ? 
_atom_sites.Cartn_transf_vector[1]      ? 
_atom_sites.Cartn_transf_vector[2]      ? 
_atom_sites.Cartn_transf_vector[3]      ? 
_atom_sites.fract_transf_matrix[1][1]   0.00939956 
_atom_sites.fract_transf_matrix[1][2]   -0.00425085 
_atom_sites.fract_transf_matrix[1][3]   -0.01318893 
_atom_sites.fract_transf_matrix[2][1]   0.01497430 
_atom_sites.fract_transf_matrix[2][2]   0.00714342 
_atom_sites.fract_transf_matrix[2][3]   -0.00225906 
_atom_sites.fract_transf_matrix[3][1]   0.00705754 
_atom_sites.fract_transf_matrix[3][2]   -0.01198231 
_atom_sites.fract_transf_matrix[3][3]   0.00889176 
_atom_sites.fract_transf_vector[1]      1.161816 
_atom_sites.fract_transf_vector[2]      -0.124766 
_atom_sites.fract_transf_vector[3]      0.127512 
_atom_sites.solution_primary            ? 
_atom_sites.solution_secondary          ? 
_atom_sites.solution_hydrogens          ? 
_atom_sites.special_details             ? 
# 
loop_
_atom_type.symbol 
AS 
C  
N  
O  
P  
# 
loop_
_atom_site.group_PDB 
_atom_site.id 
_atom_site.type_symbol 
_atom_site.label_atom_id 
_atom_site.label_alt_id 
_atom_site.label_comp_id 
_atom_site.label_asym_id 
_atom_site.label_entity_id 
_atom_site.label_seq_id 
_atom_site.pdbx_PDB_ins_code 
_atom_site.Cartn_x 
_atom_site.Cartn_y 
_atom_site.Cartn_z 
_atom_site.occupancy 
_atom_site.B_iso_or_equiv 
_atom_site.pdbx_formal_charge 
_atom_site.auth_seq_id 
_atom_site.auth_comp_id 
_atom_site.auth_asym_id 
_atom_site.auth_atom_id 
_atom_site.pdbx_PDB_model_num 
ATOM   1   O  "O5'" . DG  A 1 1  ? 17.635  -13.702 -10.542 1.00 163.13 ? 1   DG  A "O5'" 1 
ATOM   2   C  "C5'" . DG  A 1 1  ? 17.258  -15.047 -10.799 1.00 156.44 ? 1   DG  A "C5'" 1 
ATOM   3   C  "C4'" . DG  A 1 1  ? 16.546  -15.160 -12.134 1.00 160.31 ? 1   DG  A "C4'" 1 
ATOM   4   O  "O4'" . DG  A 1 1  ? 16.190  -16.541 -12.372 1.00 145.52 ? 1   DG  A "O4'" 1 
ATOM   5   C  "C3'" . DG  A 1 1  ? 15.239  -14.392 -12.231 1.00 168.99 ? 1   DG  A "C3'" 1 
ATOM   6   O  "O3'" . DG  A 1 1  ? 15.491  -13.058 -12.650 1.00 174.15 ? 1   DG  A "O3'" 1 
ATOM   7   C  "C2'" . DG  A 1 1  ? 14.486  -15.167 -13.304 1.00 150.60 ? 1   DG  A "C2'" 1 
ATOM   8   C  "C1'" . DG  A 1 1  ? 14.969  -16.604 -13.087 1.00 142.16 ? 1   DG  A "C1'" 1 
ATOM   9   N  N9    . DG  A 1 1  ? 14.038  -17.450 -12.340 1.00 129.83 ? 1   DG  A N9    1 
ATOM   10  C  C8    . DG  A 1 1  ? 14.354  -18.339 -11.341 1.00 122.93 ? 1   DG  A C8    1 
ATOM   11  N  N7    . DG  A 1 1  ? 13.322  -18.971 -10.855 1.00 118.38 ? 1   DG  A N7    1 
ATOM   12  C  C5    . DG  A 1 1  ? 12.248  -18.473 -11.580 1.00 121.93 ? 1   DG  A C5    1 
ATOM   13  C  C6    . DG  A 1 1  ? 10.870  -18.786 -11.496 1.00 118.05 ? 1   DG  A C6    1 
ATOM   14  O  O6    . DG  A 1 1  ? 10.311  -19.594 -10.738 1.00 113.72 ? 1   DG  A O6    1 
ATOM   15  N  N1    . DG  A 1 1  ? 10.118  -18.054 -12.415 1.00 118.46 ? 1   DG  A N1    1 
ATOM   16  C  C2    . DG  A 1 1  ? 10.633  -17.134 -13.303 1.00 127.57 ? 1   DG  A C2    1 
ATOM   17  N  N2    . DG  A 1 1  ? 9.753   -16.526 -14.111 1.00 119.42 ? 1   DG  A N2    1 
ATOM   18  N  N3    . DG  A 1 1  ? 11.922  -16.835 -13.393 1.00 127.52 ? 1   DG  A N3    1 
ATOM   19  C  C4    . DG  A 1 1  ? 12.669  -17.537 -12.502 1.00 126.70 ? 1   DG  A C4    1 
ATOM   20  P  P     . DA  A 1 2  ? 14.983  -11.821 -11.761 1.00 166.44 ? 2   DA  A P     1 
ATOM   21  O  OP1   . DA  A 1 2  ? 16.184  -11.069 -11.339 1.00 173.73 ? 2   DA  A OP1   1 
ATOM   22  O  OP2   . DA  A 1 2  ? 14.053  -12.335 -10.735 1.00 151.20 ? 2   DA  A OP2   1 
ATOM   23  O  "O5'" . DA  A 1 2  ? 14.151  -10.914 -12.786 1.00 155.78 ? 2   DA  A "O5'" 1 
ATOM   24  C  "C5'" . DA  A 1 2  ? 13.418  -11.519 -13.849 1.00 149.91 ? 2   DA  A "C5'" 1 
ATOM   25  C  "C4'" . DA  A 1 2  ? 12.012  -11.897 -13.410 1.00 141.06 ? 2   DA  A "C4'" 1 
ATOM   26  O  "O4'" . DA  A 1 2  ? 12.041  -13.160 -12.722 1.00 136.06 ? 2   DA  A "O4'" 1 
ATOM   27  C  "C3'" . DA  A 1 2  ? 11.330  -10.915 -12.448 1.00 140.82 ? 2   DA  A "C3'" 1 
ATOM   28  O  "O3'" . DA  A 1 2  ? 10.252  -10.257 -13.108 1.00 144.75 ? 2   DA  A "O3'" 1 
ATOM   29  C  "C2'" . DA  A 1 2  ? 10.824  -11.797 -11.292 1.00 136.94 ? 2   DA  A "C2'" 1 
ATOM   30  C  "C1'" . DA  A 1 2  ? 10.939  -13.202 -11.866 1.00 132.93 ? 2   DA  A "C1'" 1 
ATOM   31  N  N9    . DA  A 1 2  ? 11.168  -14.233 -10.859 1.00 130.15 ? 2   DA  A N9    1 
ATOM   32  C  C8    . DA  A 1 2  ? 12.362  -14.591 -10.297 1.00 132.06 ? 2   DA  A C8    1 
ATOM   33  N  N7    . DA  A 1 2  ? 12.267  -15.557 -9.417  1.00 126.32 ? 2   DA  A N7    1 
ATOM   34  C  C5    . DA  A 1 2  ? 10.917  -15.858 -9.403  1.00 127.05 ? 2   DA  A C5    1 
ATOM   35  C  C6    . DA  A 1 2  ? 10.162  -16.800 -8.677  1.00 123.94 ? 2   DA  A C6    1 
ATOM   36  N  N6    . DA  A 1 2  ? 10.701  -17.644 -7.789  1.00 120.74 ? 2   DA  A N6    1 
ATOM   37  N  N1    . DA  A 1 2  ? 8.830   -16.841 -8.902  1.00 124.17 ? 2   DA  A N1    1 
ATOM   38  C  C2    . DA  A 1 2  ? 8.298   -15.992 -9.793  1.00 125.20 ? 2   DA  A C2    1 
ATOM   39  N  N3    . DA  A 1 2  ? 8.905   -15.066 -10.533 1.00 127.20 ? 2   DA  A N3    1 
ATOM   40  C  C4    . DA  A 1 2  ? 10.224  -15.051 -10.288 1.00 128.21 ? 2   DA  A C4    1 
ATOM   41  P  P     . DG  A 1 3  ? 9.474   -9.052  -12.380 1.00 150.61 ? 3   DG  A P     1 
ATOM   42  O  OP1   . DG  A 1 3  ? 9.011   -8.112  -13.427 1.00 146.69 ? 3   DG  A OP1   1 
ATOM   43  O  OP2   . DG  A 1 3  ? 10.337  -8.565  -11.281 1.00 152.76 ? 3   DG  A OP2   1 
ATOM   44  O  "O5'" . DG  A 1 3  ? 8.199   -9.754  -11.721 1.00 141.53 ? 3   DG  A "O5'" 1 
ATOM   45  C  "C5'" . DG  A 1 3  ? 7.148   -10.241 -12.545 1.00 141.10 ? 3   DG  A "C5'" 1 
ATOM   46  C  "C4'" . DG  A 1 3  ? 5.971   -10.697 -11.702 1.00 149.94 ? 3   DG  A "C4'" 1 
ATOM   47  O  "O4'" . DG  A 1 3  ? 6.360   -11.852 -10.911 1.00 152.01 ? 3   DG  A "O4'" 1 
ATOM   48  C  "C3'" . DG  A 1 3  ? 5.441   -9.663  -10.708 1.00 153.66 ? 3   DG  A "C3'" 1 
ATOM   49  O  "O3'" . DG  A 1 3  ? 4.021   -9.719  -10.671 1.00 159.89 ? 3   DG  A "O3'" 1 
ATOM   50  C  "C2'" . DG  A 1 3  ? 6.055   -10.110 -9.383  1.00 149.65 ? 3   DG  A "C2'" 1 
ATOM   51  C  "C1'" . DG  A 1 3  ? 6.051   -11.621 -9.553  1.00 145.73 ? 3   DG  A "C1'" 1 
ATOM   52  N  N9    . DG  A 1 3  ? 7.041   -12.316 -8.736  1.00 136.46 ? 3   DG  A N9    1 
ATOM   53  C  C8    . DG  A 1 3  ? 8.399   -12.092 -8.709  1.00 133.21 ? 3   DG  A C8    1 
ATOM   54  N  N7    . DG  A 1 3  ? 9.040   -12.877 -7.886  1.00 130.46 ? 3   DG  A N7    1 
ATOM   55  C  C5    . DG  A 1 3  ? 8.045   -13.678 -7.336  1.00 130.36 ? 3   DG  A C5    1 
ATOM   56  C  C6    . DG  A 1 3  ? 8.137   -14.719 -6.378  1.00 125.83 ? 3   DG  A C6    1 
ATOM   57  O  O6    . DG  A 1 3  ? 9.150   -15.154 -5.807  1.00 121.34 ? 3   DG  A O6    1 
ATOM   58  N  N1    . DG  A 1 3  ? 6.887   -15.271 -6.098  1.00 125.65 ? 3   DG  A N1    1 
ATOM   59  C  C2    . DG  A 1 3  ? 5.700   -14.869 -6.668  1.00 127.32 ? 3   DG  A C2    1 
ATOM   60  N  N2    . DG  A 1 3  ? 4.595   -15.521 -6.269  1.00 124.35 ? 3   DG  A N2    1 
ATOM   61  N  N3    . DG  A 1 3  ? 5.601   -13.894 -7.567  1.00 132.76 ? 3   DG  A N3    1 
ATOM   62  C  C4    . DG  A 1 3  ? 6.809   -13.346 -7.852  1.00 133.39 ? 3   DG  A C4    1 
ATOM   63  P  P     . DC  A 1 4  ? 3.187   -8.654  -9.803  1.00 167.44 ? 4   DC  A P     1 
ATOM   64  O  OP1   . DC  A 1 4  ? 1.925   -8.384  -10.529 1.00 171.22 ? 4   DC  A OP1   1 
ATOM   65  O  OP2   . DC  A 1 4  ? 4.097   -7.536  -9.469  1.00 165.05 ? 4   DC  A OP2   1 
ATOM   66  O  "O5'" . DC  A 1 4  ? 2.844   -9.440  -8.452  1.00 169.71 ? 4   DC  A "O5'" 1 
ATOM   67  C  "C5'" . DC  A 1 4  ? 2.112   -10.663 -8.503  1.00 171.67 ? 4   DC  A "C5'" 1 
ATOM   68  C  "C4'" . DC  A 1 4  ? 1.827   -11.189 -7.106  1.00 176.66 ? 4   DC  A "C4'" 1 
ATOM   69  O  "O4'" . DC  A 1 4  ? 2.995   -11.884 -6.593  1.00 154.43 ? 4   DC  A "O4'" 1 
ATOM   70  C  "C3'" . DC  A 1 4  ? 1.472   -10.121 -6.064  1.00 171.99 ? 4   DC  A "C3'" 1 
ATOM   71  O  "O3'" . DC  A 1 4  ? 0.355   -10.554 -5.286  1.00 189.30 ? 4   DC  A "O3'" 1 
ATOM   72  C  "C2'" . DC  A 1 4  ? 2.742   -10.018 -5.217  1.00 154.24 ? 4   DC  A "C2'" 1 
ATOM   73  C  "C1'" . DC  A 1 4  ? 3.259   -11.447 -5.280  1.00 145.95 ? 4   DC  A "C1'" 1 
ATOM   74  N  N1    . DC  A 1 4  ? 4.731   -11.579 -5.021  1.00 140.04 ? 4   DC  A N1    1 
ATOM   75  C  C2    . DC  A 1 4  ? 5.203   -12.629 -4.220  1.00 133.31 ? 4   DC  A C2    1 
ATOM   76  O  O2    . DC  A 1 4  ? 4.392   -13.432 -3.736  1.00 130.81 ? 4   DC  A O2    1 
ATOM   77  N  N3    . DC  A 1 4  ? 6.540   -12.737 -3.997  1.00 131.65 ? 4   DC  A N3    1 
ATOM   78  C  C4    . DC  A 1 4  ? 7.383   -11.852 -4.537  1.00 130.03 ? 4   DC  A C4    1 
ATOM   79  N  N4    . DC  A 1 4  ? 8.690   -12.001 -4.287  1.00 126.44 ? 4   DC  A N4    1 
ATOM   80  C  C5    . DC  A 1 4  ? 6.922   -10.777 -5.356  1.00 132.18 ? 4   DC  A C5    1 
ATOM   81  C  C6    . DC  A 1 4  ? 5.602   -10.680 -5.570  1.00 138.84 ? 4   DC  A C6    1 
ATOM   82  P  P     . DA  A 1 5  ? -0.838  -9.534  -4.934  1.00 176.67 ? 5   DA  A P     1 
ATOM   83  O  OP1   . DA  A 1 5  ? -1.902  -9.708  -5.950  1.00 187.86 ? 5   DA  A OP1   1 
ATOM   84  O  OP2   . DA  A 1 5  ? -0.238  -8.200  -4.714  1.00 175.08 ? 5   DA  A OP2   1 
ATOM   85  O  "O5'" . DA  A 1 5  ? -1.387  -10.055 -3.524  1.00 165.43 ? 5   DA  A "O5'" 1 
ATOM   86  C  "C5'" . DA  A 1 5  ? -1.852  -11.394 -3.385  1.00 160.53 ? 5   DA  A "C5'" 1 
ATOM   87  C  "C4'" . DA  A 1 5  ? -1.452  -11.966 -2.034  1.00 162.09 ? 5   DA  A "C4'" 1 
ATOM   88  O  "O4'" . DA  A 1 5  ? -0.015  -12.160 -2.001  1.00 153.38 ? 5   DA  A "O4'" 1 
ATOM   89  C  "C3'" . DA  A 1 5  ? -1.802  -11.090 -0.826  1.00 166.91 ? 5   DA  A "C3'" 1 
ATOM   90  O  "O3'" . DA  A 1 5  ? -2.479  -11.865 0.168   1.00 187.02 ? 5   DA  A "O3'" 1 
ATOM   91  C  "C2'" . DA  A 1 5  ? -0.447  -10.583 -0.324  1.00 152.01 ? 5   DA  A "C2'" 1 
ATOM   92  C  "C1'" . DA  A 1 5  ? 0.508   -11.674 -0.789  1.00 145.07 ? 5   DA  A "C1'" 1 
ATOM   93  N  N9    . DA  A 1 5  ? 1.861   -11.183 -1.047  1.00 135.20 ? 5   DA  A N9    1 
ATOM   94  C  C8    . DA  A 1 5  ? 2.208   -10.095 -1.796  1.00 137.45 ? 5   DA  A C8    1 
ATOM   95  N  N7    . DA  A 1 5  ? 3.503   -9.885  -1.859  1.00 130.53 ? 5   DA  A N7    1 
ATOM   96  C  C5    . DA  A 1 5  ? 4.043   -10.908 -1.100  1.00 128.19 ? 5   DA  A C5    1 
ATOM   97  C  C6    . DA  A 1 5  ? 5.371   -11.251 -0.771  1.00 123.24 ? 5   DA  A C6    1 
ATOM   98  N  N6    . DA  A 1 5  ? 6.436   -10.556 -1.193  1.00 117.54 ? 5   DA  A N6    1 
ATOM   99  N  N1    . DA  A 1 5  ? 5.564   -12.335 0.009   1.00 125.88 ? 5   DA  A N1    1 
ATOM   100 C  C2    . DA  A 1 5  ? 4.494   -13.028 0.428   1.00 127.82 ? 5   DA  A C2    1 
ATOM   101 N  N3    . DA  A 1 5  ? 3.202   -12.804 0.188   1.00 129.53 ? 5   DA  A N3    1 
ATOM   102 C  C4    . DA  A 1 5  ? 3.043   -11.721 -0.589  1.00 129.58 ? 5   DA  A C4    1 
ATOM   103 P  P     . DG  A 1 6  ? -3.195  -11.142 1.414   1.00 176.76 ? 6   DG  A P     1 
ATOM   104 O  OP1   . DG  A 1 6  ? -4.475  -11.841 1.667   1.00 174.31 ? 6   DG  A OP1   1 
ATOM   105 O  OP2   . DG  A 1 6  ? -3.204  -9.687  1.147   1.00 169.25 ? 6   DG  A OP2   1 
ATOM   106 O  "O5'" . DG  A 1 6  ? -2.206  -11.419 2.643   1.00 158.60 ? 6   DG  A "O5'" 1 
ATOM   107 C  "C5'" . DG  A 1 6  ? -1.999  -12.754 3.096   1.00 152.41 ? 6   DG  A "C5'" 1 
ATOM   108 C  "C4'" . DG  A 1 6  ? -0.629  -12.913 3.738   1.00 147.62 ? 6   DG  A "C4'" 1 
ATOM   109 O  "O4'" . DG  A 1 6  ? 0.378   -12.330 2.894   1.00 137.40 ? 6   DG  A "O4'" 1 
ATOM   110 C  "C3'" . DG  A 1 6  ? -0.451  -12.233 5.100   1.00 146.07 ? 6   DG  A "C3'" 1 
ATOM   111 O  "O3'" . DG  A 1 6  ? -0.535  -13.200 6.141   1.00 167.46 ? 6   DG  A "O3'" 1 
ATOM   112 C  "C2'" . DG  A 1 6  ? 0.954   -11.599 5.034   1.00 135.03 ? 6   DG  A "C2'" 1 
ATOM   113 C  "C1'" . DG  A 1 6  ? 1.500   -12.084 3.694   1.00 129.23 ? 6   DG  A "C1'" 1 
ATOM   114 N  N9    . DG  A 1 6  ? 2.355   -11.111 3.024   1.00 123.56 ? 6   DG  A N9    1 
ATOM   115 C  C8    . DG  A 1 6  ? 1.955   -10.056 2.239   1.00 124.86 ? 6   DG  A C8    1 
ATOM   116 N  N7    . DG  A 1 6  ? 2.948   -9.351  1.770   1.00 119.06 ? 6   DG  A N7    1 
ATOM   117 C  C5    . DG  A 1 6  ? 4.078   -9.980  2.276   1.00 118.58 ? 6   DG  A C5    1 
ATOM   118 C  C6    . DG  A 1 6  ? 5.448   -9.667  2.107   1.00 115.59 ? 6   DG  A C6    1 
ATOM   119 O  O6    . DG  A 1 6  ? 5.951   -8.740  1.453   1.00 112.61 ? 6   DG  A O6    1 
ATOM   120 N  N1    . DG  A 1 6  ? 6.268   -10.563 2.793   1.00 117.76 ? 6   DG  A N1    1 
ATOM   121 C  C2    . DG  A 1 6  ? 5.821   -11.625 3.547   1.00 118.21 ? 6   DG  A C2    1 
ATOM   122 N  N2    . DG  A 1 6  ? 6.764   -12.378 4.134   1.00 115.16 ? 6   DG  A N2    1 
ATOM   123 N  N3    . DG  A 1 6  ? 4.538   -11.928 3.713   1.00 119.50 ? 6   DG  A N3    1 
ATOM   124 C  C4    . DG  A 1 6  ? 3.728   -11.066 3.052   1.00 120.01 ? 6   DG  A C4    1 
ATOM   125 P  P     . DA  A 1 7  ? -0.465  -12.742 7.681   1.00 161.36 ? 7   DA  A P     1 
ATOM   126 O  OP1   . DA  A 1 7  ? -1.148  -13.777 8.488   1.00 185.13 ? 7   DA  A OP1   1 
ATOM   127 O  OP2   . DA  A 1 7  ? -0.916  -11.335 7.754   1.00 158.92 ? 7   DA  A OP2   1 
ATOM   128 O  "O5'" . DA  A 1 7  ? 1.097   -12.760 8.024   1.00 142.36 ? 7   DA  A "O5'" 1 
ATOM   129 C  "C5'" . DA  A 1 7  ? 1.853   -13.945 7.832   1.00 137.12 ? 7   DA  A "C5'" 1 
ATOM   130 C  "C4'" . DA  A 1 7  ? 3.315   -13.700 8.155   1.00 134.95 ? 7   DA  A "C4'" 1 
ATOM   131 O  "O4'" . DA  A 1 7  ? 3.897   -12.841 7.140   1.00 130.78 ? 7   DA  A "O4'" 1 
ATOM   132 C  "C3'" . DA  A 1 7  ? 3.576   -13.003 9.499   1.00 134.54 ? 7   DA  A "C3'" 1 
ATOM   133 O  "O3'" . DA  A 1 7  ? 4.635   -13.655 10.195  1.00 140.15 ? 7   DA  A "O3'" 1 
ATOM   134 C  "C2'" . DA  A 1 7  ? 3.970   -11.585 9.091   1.00 129.65 ? 7   DA  A "C2'" 1 
ATOM   135 C  "C1'" . DA  A 1 7  ? 4.670   -11.852 7.773   1.00 124.87 ? 7   DA  A "C1'" 1 
ATOM   136 N  N9    . DA  A 1 7  ? 4.748   -10.683 6.905   1.00 120.11 ? 7   DA  A N9    1 
ATOM   137 C  C8    . DA  A 1 7  ? 3.706   -9.995  6.347   1.00 116.29 ? 7   DA  A C8    1 
ATOM   138 N  N7    . DA  A 1 7  ? 4.080   -8.977  5.607   1.00 111.22 ? 7   DA  A N7    1 
ATOM   139 C  C5    . DA  A 1 7  ? 5.464   -9.000  5.686   1.00 112.18 ? 7   DA  A C5    1 
ATOM   140 C  C6    . DA  A 1 7  ? 6.464   -8.182  5.120   1.00 107.63 ? 7   DA  A C6    1 
ATOM   141 N  N6    . DA  A 1 7  ? 6.199   -7.136  4.330   1.00 106.17 ? 7   DA  A N6    1 
ATOM   142 N  N1    . DA  A 1 7  ? 7.752   -8.481  5.402   1.00 107.01 ? 7   DA  A N1    1 
ATOM   143 C  C2    . DA  A 1 7  ? 8.011   -9.529  6.194   1.00 111.74 ? 7   DA  A C2    1 
ATOM   144 N  N3    . DA  A 1 7  ? 7.158   -10.369 6.781   1.00 118.25 ? 7   DA  A N3    1 
ATOM   145 C  C4    . DA  A 1 7  ? 5.890   -10.046 6.483   1.00 116.95 ? 7   DA  A C4    1 
ATOM   146 P  P     . DC  A 1 8  ? 5.108   -13.115 11.635  1.00 146.94 ? 8   DC  A P     1 
ATOM   147 O  OP1   . DC  A 1 8  ? 5.657   -14.265 12.387  1.00 149.39 ? 8   DC  A OP1   1 
ATOM   148 O  OP2   . DC  A 1 8  ? 3.989   -12.332 12.208  1.00 146.09 ? 8   DC  A OP2   1 
ATOM   149 O  "O5'" . DC  A 1 8  ? 6.306   -12.102 11.304  1.00 132.45 ? 8   DC  A "O5'" 1 
ATOM   150 C  "C5'" . DC  A 1 8  ? 7.563   -12.604 10.852  1.00 129.56 ? 8   DC  A "C5'" 1 
ATOM   151 C  "C4'" . DC  A 1 8  ? 8.604   -11.498 10.792  1.00 137.48 ? 8   DC  A "C4'" 1 
ATOM   152 O  "O4'" . DC  A 1 8  ? 8.263   -10.553 9.746   1.00 134.48 ? 8   DC  A "O4'" 1 
ATOM   153 C  "C3'" . DC  A 1 8  ? 8.768   -10.672 12.078  1.00 125.81 ? 8   DC  A "C3'" 1 
ATOM   154 O  "O3'" . DC  A 1 8  ? 10.145  -10.653 12.464  1.00 129.58 ? 8   DC  A "O3'" 1 
ATOM   155 C  "C2'" . DC  A 1 8  ? 8.268   -9.277  11.682  1.00 118.54 ? 8   DC  A "C2'" 1 
ATOM   156 C  "C1'" . DC  A 1 8  ? 8.570   -9.257  10.195  1.00 120.06 ? 8   DC  A "C1'" 1 
ATOM   157 N  N1    . DC  A 1 8  ? 7.748   -8.273  9.428   1.00 114.98 ? 8   DC  A N1    1 
ATOM   158 C  C2    . DC  A 1 8  ? 8.381   -7.258  8.698   1.00 110.82 ? 8   DC  A C2    1 
ATOM   159 O  O2    . DC  A 1 8  ? 9.618   -7.196  8.695   1.00 114.54 ? 8   DC  A O2    1 
ATOM   160 N  N3    . DC  A 1 8  ? 7.619   -6.372  8.007   1.00 102.35 ? 8   DC  A N3    1 
ATOM   161 C  C4    . DC  A 1 8  ? 6.287   -6.473  8.033   1.00 99.99  ? 8   DC  A C4    1 
ATOM   162 N  N4    . DC  A 1 8  ? 5.579   -5.576  7.338   1.00 99.58  ? 8   DC  A N4    1 
ATOM   163 C  C5    . DC  A 1 8  ? 5.625   -7.497  8.773   1.00 101.76 ? 8   DC  A C5    1 
ATOM   164 C  C6    . DC  A 1 8  ? 6.386   -8.365  9.448   1.00 111.54 ? 8   DC  A C6    1 
ATOM   165 P  P     . DA  A 1 9  ? 10.683  -9.606  13.561  1.00 136.44 ? 9   DA  A P     1 
ATOM   166 O  OP1   . DA  A 1 9  ? 11.905  -10.190 14.158  1.00 135.85 ? 9   DA  A OP1   1 
ATOM   167 O  OP2   . DA  A 1 9  ? 9.555   -9.224  14.443  1.00 128.82 ? 9   DA  A OP2   1 
ATOM   168 O  "O5'" . DA  A 1 9  ? 11.129  -8.335  12.694  1.00 118.40 ? 9   DA  A "O5'" 1 
ATOM   169 C  "C5'" . DA  A 1 9  ? 12.017  -8.510  11.594  1.00 116.43 ? 9   DA  A "C5'" 1 
ATOM   170 C  "C4'" . DA  A 1 9  ? 12.843  -7.257  11.332  1.00 119.50 ? 9   DA  A "C4'" 1 
ATOM   171 O  "O4'" . DA  A 1 9  ? 12.108  -6.344  10.476  1.00 120.32 ? 9   DA  A "O4'" 1 
ATOM   172 C  "C3'" . DA  A 1 9  ? 13.236  -6.449  12.561  1.00 117.97 ? 9   DA  A "C3'" 1 
ATOM   173 O  "O3'" . DA  A 1 9  ? 14.517  -5.868  12.348  1.00 121.97 ? 9   DA  A "O3'" 1 
ATOM   174 C  "C2'" . DA  A 1 9  ? 12.141  -5.385  12.630  1.00 115.82 ? 9   DA  A "C2'" 1 
ATOM   175 C  "C1'" . DA  A 1 9  ? 11.863  -5.123  11.155  1.00 115.57 ? 9   DA  A "C1'" 1 
ATOM   176 N  N9    . DA  A 1 9  ? 10.481  -4.741  10.879  1.00 113.66 ? 9   DA  A N9    1 
ATOM   177 C  C8    . DA  A 1 9  ? 9.355   -5.389  11.308  1.00 111.64 ? 9   DA  A C8    1 
ATOM   178 N  N7    . DA  A 1 9  ? 8.236   -4.841  10.897  1.00 103.08 ? 9   DA  A N7    1 
ATOM   179 C  C5    . DA  A 1 9  ? 8.655   -3.760  10.140  1.00 97.04  ? 9   DA  A C5    1 
ATOM   180 C  C6    . DA  A 1 9  ? 7.948   -2.774  9.426   1.00 86.49  ? 9   DA  A C6    1 
ATOM   181 N  N6    . DA  A 1 9  ? 6.612   -2.728  9.365   1.00 78.08  ? 9   DA  A N6    1 
ATOM   182 N  N1    . DA  A 1 9  ? 8.670   -1.836  8.774   1.00 86.49  ? 9   DA  A N1    1 
ATOM   183 C  C2    . DA  A 1 9  ? 10.009  -1.889  8.839   1.00 91.17  ? 9   DA  A C2    1 
ATOM   184 N  N3    . DA  A 1 9  ? 10.785  -2.767  9.478   1.00 97.37  ? 9   DA  A N3    1 
ATOM   185 C  C4    . DA  A 1 9  ? 10.039  -3.684  10.114  1.00 102.69 ? 9   DA  A C4    1 
ATOM   186 P  P     . DT  A 1 10 ? 15.114  -4.799  13.387  1.00 136.12 ? 10  DT  A P     1 
ATOM   187 O  OP1   . DT  A 1 10 ? 16.580  -4.737  13.180  1.00 136.44 ? 10  DT  A OP1   1 
ATOM   188 O  OP2   . DT  A 1 10 ? 14.572  -5.118  14.727  1.00 137.69 ? 10  DT  A OP2   1 
ATOM   189 O  "O5'" . DT  A 1 10 ? 14.490  -3.407  12.907  1.00 119.95 ? 10  DT  A "O5'" 1 
ATOM   190 C  "C5'" . DT  A 1 10 ? 14.791  -2.899  11.609  1.00 119.07 ? 10  DT  A "C5'" 1 
ATOM   191 C  "C4'" . DT  A 1 10 ? 14.851  -1.384  11.635  1.00 112.31 ? 10  DT  A "C4'" 1 
ATOM   192 O  "O4'" . DT  A 1 10 ? 13.624  -0.835  11.083  1.00 109.40 ? 10  DT  A "O4'" 1 
ATOM   193 C  "C3'" . DT  A 1 10 ? 15.000  -0.776  13.029  1.00 109.81 ? 10  DT  A "C3'" 1 
ATOM   194 O  "O3'" . DT  A 1 10 ? 15.897  0.319   12.993  1.00 103.46 ? 10  DT  A "O3'" 1 
ATOM   195 C  "C2'" . DT  A 1 10 ? 13.580  -0.325  13.364  1.00 103.70 ? 10  DT  A "C2'" 1 
ATOM   196 C  "C1'" . DT  A 1 10 ? 13.066  0.087   11.996  1.00 102.59 ? 10  DT  A "C1'" 1 
ATOM   197 N  N1    . DT  A 1 10 ? 11.577  0.034   11.873  1.00 93.12  ? 10  DT  A N1    1 
ATOM   198 C  C2    . DT  A 1 10 ? 10.933  0.952   11.079  1.00 90.97  ? 10  DT  A C2    1 
ATOM   199 O  O2    . DT  A 1 10 ? 11.516  1.821   10.454  1.00 95.24  ? 10  DT  A O2    1 
ATOM   200 N  N3    . DT  A 1 10 ? 9.570   0.816   11.036  1.00 84.08  ? 10  DT  A N3    1 
ATOM   201 C  C4    . DT  A 1 10 ? 8.805   -0.127  11.697  1.00 83.73  ? 10  DT  A C4    1 
ATOM   202 O  O4    . DT  A 1 10 ? 7.582   -0.169  11.597  1.00 80.51  ? 10  DT  A O4    1 
ATOM   203 C  C5    . DT  A 1 10 ? 9.543   -1.055  12.515  1.00 84.24  ? 10  DT  A C5    1 
ATOM   204 C  C7    . DT  A 1 10 ? 8.824   -2.120  13.278  1.00 85.04  ? 10  DT  A C7    1 
ATOM   205 C  C6    . DT  A 1 10 ? 10.877  -0.931  12.563  1.00 89.76  ? 10  DT  A C6    1 
ATOM   206 P  P     . DG  A 1 11 ? 16.585  0.835   14.350  1.00 118.58 ? 11  DG  A P     1 
ATOM   207 O  OP1   . DG  A 1 11 ? 18.037  0.565   14.247  1.00 120.75 ? 11  DG  A OP1   1 
ATOM   208 O  OP2   . DG  A 1 11 ? 15.800  0.297   15.485  1.00 116.86 ? 11  DG  A OP2   1 
ATOM   209 O  "O5'" . DG  A 1 11 ? 16.369  2.415   14.309  1.00 108.67 ? 11  DG  A "O5'" 1 
ATOM   210 C  "C5'" . DG  A 1 11 ? 16.826  3.156   13.190  1.00 102.77 ? 11  DG  A "C5'" 1 
ATOM   211 C  "C4'" . DG  A 1 11 ? 15.820  4.225   12.808  1.00 105.65 ? 11  DG  A "C4'" 1 
ATOM   212 O  "O4'" . DG  A 1 11 ? 14.494  3.647   12.727  1.00 107.85 ? 11  DG  A "O4'" 1 
ATOM   213 C  "C3'" . DG  A 1 11 ? 15.707  5.398   13.783  1.00 99.24  ? 11  DG  A "C3'" 1 
ATOM   214 O  "O3'" . DG  A 1 11 ? 15.675  6.609   13.048  1.00 95.81  ? 11  DG  A "O3'" 1 
ATOM   215 C  "C2'" . DG  A 1 11 ? 14.376  5.140   14.495  1.00 93.31  ? 11  DG  A "C2'" 1 
ATOM   216 C  "C1'" . DG  A 1 11 ? 13.581  4.498   13.377  1.00 94.32  ? 11  DG  A "C1'" 1 
ATOM   217 N  N9    . DG  A 1 11 ? 12.457  3.689   13.828  1.00 88.15  ? 11  DG  A N9    1 
ATOM   218 C  C8    . DG  A 1 11 ? 12.500  2.619   14.686  1.00 90.02  ? 11  DG  A C8    1 
ATOM   219 N  N7    . DG  A 1 11 ? 11.335  2.072   14.892  1.00 88.02  ? 11  DG  A N7    1 
ATOM   220 C  C5    . DG  A 1 11 ? 10.464  2.823   14.114  1.00 83.12  ? 11  DG  A C5    1 
ATOM   221 C  C6    . DG  A 1 11 ? 9.070   2.698   13.930  1.00 80.28  ? 11  DG  A C6    1 
ATOM   222 O  O6    . DG  A 1 11 ? 8.298   1.874   14.446  1.00 80.37  ? 11  DG  A O6    1 
ATOM   223 N  N1    . DG  A 1 11 ? 8.575   3.667   13.059  1.00 76.52  ? 11  DG  A N1    1 
ATOM   224 C  C2    . DG  A 1 11 ? 9.338   4.631   12.439  1.00 77.57  ? 11  DG  A C2    1 
ATOM   225 N  N2    . DG  A 1 11 ? 8.682   5.477   11.629  1.00 78.17  ? 11  DG  A N2    1 
ATOM   226 N  N3    . DG  A 1 11 ? 10.650  4.756   12.600  1.00 79.08  ? 11  DG  A N3    1 
ATOM   227 C  C4    . DG  A 1 11 ? 11.143  3.822   13.449  1.00 83.03  ? 11  DG  A C4    1 
ATOM   228 P  P     . DA  B 2 1  ? -4.630  21.759  12.219  1.00 111.53 ? 12  DA  B P     1 
ATOM   229 O  OP1   . DA  B 2 1  ? -4.825  22.830  13.227  1.00 105.66 ? 12  DA  B OP1   1 
ATOM   230 O  OP2   . DA  B 2 1  ? -5.761  20.879  11.838  1.00 137.69 ? 12  DA  B OP2   1 
ATOM   231 O  "O5'" . DA  B 2 1  ? -3.999  22.377  10.876  1.00 102.64 ? 12  DA  B "O5'" 1 
ATOM   232 C  "C5'" . DA  B 2 1  ? -4.355  23.693  10.448  1.00 100.92 ? 12  DA  B "C5'" 1 
ATOM   233 C  "C4'" . DA  B 2 1  ? -4.389  23.776  8.930   1.00 92.49  ? 12  DA  B "C4'" 1 
ATOM   234 O  "O4'" . DA  B 2 1  ? -3.122  23.327  8.390   1.00 90.65  ? 12  DA  B "O4'" 1 
ATOM   235 C  "C3'" . DA  B 2 1  ? -5.473  22.925  8.260   1.00 96.21  ? 12  DA  B "C3'" 1 
ATOM   236 O  "O3'" . DA  B 2 1  ? -6.270  23.729  7.400   1.00 95.27  ? 12  DA  B "O3'" 1 
ATOM   237 C  "C2'" . DA  B 2 1  ? -4.695  21.867  7.470   1.00 88.91  ? 12  DA  B "C2'" 1 
ATOM   238 C  "C1'" . DA  B 2 1  ? -3.353  22.543  7.244   1.00 81.30  ? 12  DA  B "C1'" 1 
ATOM   239 N  N9    . DA  B 2 1  ? -2.256  21.593  7.116   1.00 78.99  ? 12  DA  B N9    1 
ATOM   240 C  C8    . DA  B 2 1  ? -1.894  20.634  8.023   1.00 80.86  ? 12  DA  B C8    1 
ATOM   241 N  N7    . DA  B 2 1  ? -0.866  19.910  7.647   1.00 78.82  ? 12  DA  B N7    1 
ATOM   242 C  C5    . DA  B 2 1  ? -0.532  20.427  6.406   1.00 78.20  ? 12  DA  B C5    1 
ATOM   243 C  C6    . DA  B 2 1  ? 0.475   20.089  5.480   1.00 74.80  ? 12  DA  B C6    1 
ATOM   244 N  N6    . DA  B 2 1  ? 1.364   19.112  5.685   1.00 74.14  ? 12  DA  B N6    1 
ATOM   245 N  N1    . DA  B 2 1  ? 0.537   20.805  4.337   1.00 71.91  ? 12  DA  B N1    1 
ATOM   246 C  C2    . DA  B 2 1  ? -0.356  21.785  4.141   1.00 76.56  ? 12  DA  B C2    1 
ATOM   247 N  N3    . DA  B 2 1  ? -1.348  22.192  4.937   1.00 79.61  ? 12  DA  B N3    1 
ATOM   248 C  C4    . DA  B 2 1  ? -1.380  21.464  6.064   1.00 78.70  ? 12  DA  B C4    1 
ATOM   249 P  P     . DC  B 2 2  ? -7.509  23.073  6.614   1.00 92.57  ? 13  DC  B P     1 
ATOM   250 O  OP1   . DC  B 2 2  ? -8.477  24.153  6.332   1.00 92.78  ? 13  DC  B OP1   1 
ATOM   251 O  OP2   . DC  B 2 2  ? -7.937  21.874  7.370   1.00 97.21  ? 13  DC  B OP2   1 
ATOM   252 O  "O5'" . DC  B 2 2  ? -6.873  22.557  5.244   1.00 79.90  ? 13  DC  B "O5'" 1 
ATOM   253 C  "C5'" . DC  B 2 2  ? -6.067  23.425  4.468   1.00 88.10  ? 13  DC  B "C5'" 1 
ATOM   254 C  "C4'" . DC  B 2 2  ? -5.366  22.657  3.365   1.00 89.00  ? 13  DC  B "C4'" 1 
ATOM   255 O  "O4'" . DC  B 2 2  ? -4.316  21.855  3.924   1.00 86.69  ? 13  DC  B "O4'" 1 
ATOM   256 C  "C3'" . DC  B 2 2  ? -6.246  21.668  2.599   1.00 86.93  ? 13  DC  B "C3'" 1 
ATOM   257 O  "O3'" . DC  B 2 2  ? -6.658  22.234  1.358   1.00 92.79  ? 13  DC  B "O3'" 1 
ATOM   258 C  "C2'" . DC  B 2 2  ? -5.342  20.438  2.383   1.00 81.43  ? 13  DC  B "C2'" 1 
ATOM   259 C  "C1'" . DC  B 2 2  ? -4.007  20.873  2.975   1.00 76.30  ? 13  DC  B "C1'" 1 
ATOM   260 N  N1    . DC  B 2 2  ? -3.273  19.773  3.637   1.00 72.64  ? 13  DC  B N1    1 
ATOM   261 C  C2    . DC  B 2 2  ? -2.173  19.197  2.994   1.00 75.67  ? 13  DC  B C2    1 
ATOM   262 O  O2    . DC  B 2 2  ? -1.827  19.628  1.886   1.00 72.91  ? 13  DC  B O2    1 
ATOM   263 N  N3    . DC  B 2 2  ? -1.512  18.183  3.608   1.00 74.81  ? 13  DC  B N3    1 
ATOM   264 C  C4    . DC  B 2 2  ? -1.918  17.748  4.804   1.00 75.10  ? 13  DC  B C4    1 
ATOM   265 N  N4    . DC  B 2 2  ? -1.236  16.745  5.367   1.00 79.27  ? 13  DC  B N4    1 
ATOM   266 C  C5    . DC  B 2 2  ? -3.041  18.321  5.471   1.00 76.31  ? 13  DC  B C5    1 
ATOM   267 C  C6    . DC  B 2 2  ? -3.684  19.320  4.856   1.00 73.12  ? 13  DC  B C6    1 
ATOM   268 P  P     . DT  B 2 3  ? -7.498  21.355  0.307   1.00 107.15 ? 14  DT  B P     1 
ATOM   269 O  OP1   . DT  B 2 3  ? -8.266  22.284  -0.553  1.00 111.93 ? 14  DT  B OP1   1 
ATOM   270 O  OP2   . DT  B 2 3  ? -8.218  20.307  1.066   1.00 90.72  ? 14  DT  B OP2   1 
ATOM   271 O  "O5'" . DT  B 2 3  ? -6.378  20.634  -0.579  1.00 86.78  ? 14  DT  B "O5'" 1 
ATOM   272 C  "C5'" . DT  B 2 3  ? -5.297  21.392  -1.116  1.00 82.06  ? 14  DT  B "C5'" 1 
ATOM   273 C  "C4'" . DT  B 2 3  ? -4.430  20.530  -2.017  1.00 84.27  ? 14  DT  B "C4'" 1 
ATOM   274 O  "O4'" . DT  B 2 3  ? -3.599  19.655  -1.206  1.00 79.40  ? 14  DT  B "O4'" 1 
ATOM   275 C  "C3'" . DT  B 2 3  ? -5.194  19.614  -2.979  1.00 86.09  ? 14  DT  B "C3'" 1 
ATOM   276 O  "O3'" . DT  B 2 3  ? -4.535  19.584  -4.246  1.00 92.41  ? 14  DT  B "O3'" 1 
ATOM   277 C  "C2'" . DT  B 2 3  ? -5.124  18.257  -2.282  1.00 84.86  ? 14  DT  B "C2'" 1 
ATOM   278 C  "C1'" . DT  B 2 3  ? -3.742  18.326  -1.657  1.00 77.57  ? 14  DT  B "C1'" 1 
ATOM   279 N  N1    . DT  B 2 3  ? -3.565  17.409  -0.500  1.00 72.67  ? 14  DT  B N1    1 
ATOM   280 C  C2    . DT  B 2 3  ? -2.536  16.499  -0.520  1.00 70.25  ? 14  DT  B C2    1 
ATOM   281 O  O2    . DT  B 2 3  ? -1.745  16.406  -1.441  1.00 72.52  ? 14  DT  B O2    1 
ATOM   282 N  N3    . DT  B 2 3  ? -2.460  15.698  0.591   1.00 67.29  ? 14  DT  B N3    1 
ATOM   283 C  C4    . DT  B 2 3  ? -3.297  15.715  1.691   1.00 67.98  ? 14  DT  B C4    1 
ATOM   284 O  O4    . DT  B 2 3  ? -3.148  14.953  2.645   1.00 65.70  ? 14  DT  B O4    1 
ATOM   285 C  C5    . DT  B 2 3  ? -4.358  16.693  1.641   1.00 69.70  ? 14  DT  B C5    1 
ATOM   286 C  C7    . DT  B 2 3  ? -5.330  16.807  2.772   1.00 76.54  ? 14  DT  B C7    1 
ATOM   287 C  C6    . DT  B 2 3  ? -4.441  17.480  0.561   1.00 71.64  ? 14  DT  B C6    1 
ATOM   288 P  P     . DC  B 2 4  ? -5.275  18.983  -5.540  1.00 88.04  ? 15  DC  B P     1 
ATOM   289 O  OP1   . DC  B 2 4  ? -5.357  20.054  -6.558  1.00 97.32  ? 15  DC  B OP1   1 
ATOM   290 O  OP2   . DC  B 2 4  ? -6.512  18.310  -5.082  1.00 89.51  ? 15  DC  B OP2   1 
ATOM   291 O  "O5'" . DC  B 2 4  ? -4.258  17.872  -6.078  1.00 80.01  ? 15  DC  B "O5'" 1 
ATOM   292 C  "C5'" . DC  B 2 4  ? -3.483  17.115  -5.158  1.00 80.50  ? 15  DC  B "C5'" 1 
ATOM   293 C  "C4'" . DC  B 2 4  ? -2.670  16.060  -5.877  1.00 85.63  ? 15  DC  B "C4'" 1 
ATOM   294 O  "O4'" . DC  B 2 4  ? -2.067  15.176  -4.904  1.00 89.67  ? 15  DC  B "O4'" 1 
ATOM   295 C  "C3'" . DC  B 2 4  ? -3.470  15.156  -6.800  1.00 91.25  ? 15  DC  B "C3'" 1 
ATOM   296 O  "O3'" . DC  B 2 4  ? -2.636  14.675  -7.850  1.00 94.20  ? 15  DC  B "O3'" 1 
ATOM   297 C  "C2'" . DC  B 2 4  ? -3.918  14.034  -5.863  1.00 93.77  ? 15  DC  B "C2'" 1 
ATOM   298 C  "C1'" . DC  B 2 4  ? -2.733  13.922  -4.900  1.00 79.33  ? 15  DC  B "C1'" 1 
ATOM   299 N  N1    . DC  B 2 4  ? -3.114  13.596  -3.478  1.00 68.49  ? 15  DC  B N1    1 
ATOM   300 C  C2    . DC  B 2 4  ? -2.396  12.618  -2.777  1.00 63.94  ? 15  DC  B C2    1 
ATOM   301 O  O2    . DC  B 2 4  ? -1.462  12.032  -3.343  1.00 64.56  ? 15  DC  B O2    1 
ATOM   302 N  N3    . DC  B 2 4  ? -2.742  12.341  -1.493  1.00 55.27  ? 15  DC  B N3    1 
ATOM   303 C  C4    . DC  B 2 4  ? -3.752  12.995  -0.914  1.00 57.87  ? 15  DC  B C4    1 
ATOM   304 N  N4    . DC  B 2 4  ? -4.054  12.684  0.351   1.00 54.71  ? 15  DC  B N4    1 
ATOM   305 C  C5    . DC  B 2 4  ? -4.498  13.994  -1.610  1.00 63.54  ? 15  DC  B C5    1 
ATOM   306 C  C6    . DC  B 2 4  ? -4.147  14.262  -2.877  1.00 65.46  ? 15  DC  B C6    1 
ATOM   307 P  P     . DC  B 2 5  ? -3.291  14.068  -9.184  1.00 94.14  ? 16  DC  B P     1 
ATOM   308 O  OP1   . DC  B 2 5  ? -2.481  14.507  -10.342 1.00 98.03  ? 16  DC  B OP1   1 
ATOM   309 O  OP2   . DC  B 2 5  ? -4.742  14.357  -9.136  1.00 91.35  ? 16  DC  B OP2   1 
ATOM   310 O  "O5'" . DC  B 2 5  ? -3.093  12.500  -9.006  1.00 91.33  ? 16  DC  B "O5'" 1 
ATOM   311 C  "C5'" . DC  B 2 5  ? -1.812  11.988  -8.698  1.00 85.56  ? 16  DC  B "C5'" 1 
ATOM   312 C  "C4'" . DC  B 2 5  ? -1.915  10.542  -8.267  1.00 90.74  ? 16  DC  B "C4'" 1 
ATOM   313 O  "O4'" . DC  B 2 5  ? -2.311  10.468  -6.872  1.00 87.15  ? 16  DC  B "O4'" 1 
ATOM   314 C  "C3'" . DC  B 2 5  ? -2.940  9.702   -9.035  1.00 91.17  ? 16  DC  B "C3'" 1 
ATOM   315 O  "O3'" . DC  B 2 5  ? -2.384  8.431   -9.284  1.00 101.91 ? 16  DC  B "O3'" 1 
ATOM   316 C  "C2'" . DC  B 2 5  ? -4.106  9.604   -8.050  1.00 78.46  ? 16  DC  B "C2'" 1 
ATOM   317 C  "C1'" . DC  B 2 5  ? -3.335  9.510   -6.749  1.00 80.38  ? 16  DC  B "C1'" 1 
ATOM   318 N  N1    . DC  B 2 5  ? -4.131  9.810   -5.530  1.00 75.64  ? 16  DC  B N1    1 
ATOM   319 C  C2    . DC  B 2 5  ? -3.832  9.144   -4.336  1.00 70.02  ? 16  DC  B C2    1 
ATOM   320 O  O2    . DC  B 2 5  ? -2.910  8.315   -4.321  1.00 68.39  ? 16  DC  B O2    1 
ATOM   321 N  N3    . DC  B 2 5  ? -4.559  9.428   -3.226  1.00 60.97  ? 16  DC  B N3    1 
ATOM   322 C  C4    . DC  B 2 5  ? -5.545  10.328  -3.282  1.00 63.77  ? 16  DC  B C4    1 
ATOM   323 N  N4    . DC  B 2 5  ? -6.232  10.572  -2.161  1.00 61.09  ? 16  DC  B N4    1 
ATOM   324 C  C5    . DC  B 2 5  ? -5.865  11.017  -4.492  1.00 66.06  ? 16  DC  B C5    1 
ATOM   325 C  C6    . DC  B 2 5  ? -5.139  10.729  -5.582  1.00 70.93  ? 16  DC  B C6    1 
ATOM   326 P  P     . DA  B 2 6  ? -2.921  7.515   -10.485 1.00 105.06 ? 17  DA  B P     1 
ATOM   327 O  OP1   . DA  B 2 6  ? -2.199  7.925   -11.710 1.00 100.91 ? 17  DA  B OP1   1 
ATOM   328 O  OP2   . DA  B 2 6  ? -4.401  7.542   -10.469 1.00 97.64  ? 17  DA  B OP2   1 
ATOM   329 O  "O5'" . DA  B 2 6  ? -2.444  6.049   -10.055 1.00 96.72  ? 17  DA  B "O5'" 1 
ATOM   330 C  "C5'" . DA  B 2 6  ? -1.170  5.877   -9.438  1.00 87.87  ? 17  DA  B "C5'" 1 
ATOM   331 C  "C4'" . DA  B 2 6  ? -1.191  4.734   -8.431  1.00 88.66  ? 17  DA  B "C4'" 1 
ATOM   332 O  "O4'" . DA  B 2 6  ? -1.947  5.115   -7.257  1.00 84.25  ? 17  DA  B "O4'" 1 
ATOM   333 C  "C3'" . DA  B 2 6  ? -1.800  3.429   -8.920  1.00 92.21  ? 17  DA  B "C3'" 1 
ATOM   334 O  "O3'" . DA  B 2 6  ? -1.085  2.330   -8.368  1.00 93.39  ? 17  DA  B "O3'" 1 
ATOM   335 C  "C2'" . DA  B 2 6  ? -3.244  3.484   -8.404  1.00 88.82  ? 17  DA  B "C2'" 1 
ATOM   336 C  "C1'" . DA  B 2 6  ? -3.135  4.349   -7.150  1.00 79.73  ? 17  DA  B "C1'" 1 
ATOM   337 N  N9    . DA  B 2 6  ? -4.235  5.292   -6.994  1.00 78.83  ? 17  DA  B N9    1 
ATOM   338 C  C8    . DA  B 2 6  ? -4.831  6.028   -7.981  1.00 80.37  ? 17  DA  B C8    1 
ATOM   339 N  N7    . DA  B 2 6  ? -5.785  6.821   -7.551  1.00 78.38  ? 17  DA  B N7    1 
ATOM   340 C  C5    . DA  B 2 6  ? -5.812  6.595   -6.183  1.00 74.03  ? 17  DA  B C5    1 
ATOM   341 C  C6    . DA  B 2 6  ? -6.604  7.128   -5.146  1.00 68.06  ? 17  DA  B C6    1 
ATOM   342 N  N6    . DA  B 2 6  ? -7.561  8.040   -5.348  1.00 67.60  ? 17  DA  B N6    1 
ATOM   343 N  N1    . DA  B 2 6  ? -6.372  6.686   -3.888  1.00 64.26  ? 17  DA  B N1    1 
ATOM   344 C  C2    . DA  B 2 6  ? -5.410  5.772   -3.692  1.00 66.69  ? 17  DA  B C2    1 
ATOM   345 N  N3    . DA  B 2 6  ? -4.602  5.197   -4.586  1.00 73.25  ? 17  DA  B N3    1 
ATOM   346 C  C4    . DA  B 2 6  ? -4.858  5.657   -5.823  1.00 76.77  ? 17  DA  B C4    1 
ATOM   347 P  P     . DC  B 2 7  ? -1.461  0.828   -8.791  1.00 107.03 ? 18  DC  B P     1 
ATOM   348 O  OP1   . DC  B 2 7  ? -0.217  0.029   -8.716  1.00 100.57 ? 18  DC  B OP1   1 
ATOM   349 O  OP2   . DC  B 2 7  ? -2.209  0.897   -10.068 1.00 107.24 ? 18  DC  B OP2   1 
ATOM   350 O  "O5'" . DC  B 2 7  ? -2.472  0.349   -7.643  1.00 89.46  ? 18  DC  B "O5'" 1 
ATOM   351 C  "C5'" . DC  B 2 7  ? -2.081  0.445   -6.283  1.00 90.26  ? 18  DC  B "C5'" 1 
ATOM   352 C  "C4'" . DC  B 2 7  ? -3.262  0.225   -5.348  1.00 92.90  ? 18  DC  B "C4'" 1 
ATOM   353 O  "O4'" . DC  B 2 7  ? -4.113  1.379   -5.340  1.00 88.47  ? 18  DC  B "O4'" 1 
ATOM   354 C  "C3'" . DC  B 2 7  ? -4.175  -0.956  -5.686  1.00 92.71  ? 18  DC  B "C3'" 1 
ATOM   355 O  "O3'" . DC  B 2 7  ? -3.910  -2.017  -4.768  1.00 95.68  ? 18  DC  B "O3'" 1 
ATOM   356 C  "C2'" . DC  B 2 7  ? -5.615  -0.388  -5.538  1.00 88.26  ? 18  DC  B "C2'" 1 
ATOM   357 C  "C1'" . DC  B 2 7  ? -5.373  0.968   -4.879  1.00 83.79  ? 18  DC  B "C1'" 1 
ATOM   358 N  N1    . DC  B 2 7  ? -6.364  2.053   -5.214  1.00 77.60  ? 18  DC  B N1    1 
ATOM   359 C  C2    . DC  B 2 7  ? -7.029  2.726   -4.177  1.00 78.20  ? 18  DC  B C2    1 
ATOM   360 O  O2    . DC  B 2 7  ? -6.824  2.384   -3.004  1.00 79.57  ? 18  DC  B O2    1 
ATOM   361 N  N3    . DC  B 2 7  ? -7.894  3.727   -4.489  1.00 72.59  ? 18  DC  B N3    1 
ATOM   362 C  C4    . DC  B 2 7  ? -8.090  4.071   -5.763  1.00 69.85  ? 18  DC  B C4    1 
ATOM   363 N  N4    . DC  B 2 7  ? -8.952  5.064   -6.015  1.00 68.82  ? 18  DC  B N4    1 
ATOM   364 C  C5    . DC  B 2 7  ? -7.412  3.411   -6.832  1.00 70.61  ? 18  DC  B C5    1 
ATOM   365 C  C6    . DC  B 2 7  ? -6.559  2.424   -6.515  1.00 73.70  ? 18  DC  B C6    1 
ATOM   366 P  P     . DT  B 2 8  ? -4.791  -3.358  -4.765  1.00 112.02 ? 19  DT  B P     1 
ATOM   367 O  OP1   . DT  B 2 8  ? -3.913  -4.454  -4.294  1.00 116.61 ? 19  DT  B OP1   1 
ATOM   368 O  OP2   . DT  B 2 8  ? -5.451  -3.480  -6.084  1.00 115.97 ? 19  DT  B OP2   1 
ATOM   369 O  "O5'" . DT  B 2 8  ? -5.896  -3.074  -3.642  1.00 97.22  ? 19  DT  B "O5'" 1 
ATOM   370 C  "C5'" . DT  B 2 8  ? -5.507  -2.418  -2.440  1.00 97.79  ? 19  DT  B "C5'" 1 
ATOM   371 C  "C4'" . DT  B 2 8  ? -6.639  -2.377  -1.423  1.00 103.55 ? 19  DT  B "C4'" 1 
ATOM   372 O  "O4'" . DT  B 2 8  ? -7.483  -1.222  -1.658  1.00 99.14  ? 19  DT  B "O4'" 1 
ATOM   373 C  "C3'" . DT  B 2 8  ? -7.576  -3.576  -1.403  1.00 104.68 ? 19  DT  B "C3'" 1 
ATOM   374 O  "O3'" . DT  B 2 8  ? -8.006  -3.782  -0.064  1.00 105.39 ? 19  DT  B "O3'" 1 
ATOM   375 C  "C2'" . DT  B 2 8  ? -8.728  -3.110  -2.298  1.00 101.67 ? 19  DT  B "C2'" 1 
ATOM   376 C  "C1'" . DT  B 2 8  ? -8.810  -1.634  -1.927  1.00 96.93  ? 19  DT  B "C1'" 1 
ATOM   377 N  N1    . DT  B 2 8  ? -9.340  -0.735  -3.001  1.00 91.06  ? 19  DT  B N1    1 
ATOM   378 C  C2    . DT  B 2 8  ? -10.048 0.385   -2.633  1.00 89.78  ? 19  DT  B C2    1 
ATOM   379 O  O2    . DT  B 2 8  ? -10.296 0.662   -1.471  1.00 95.87  ? 19  DT  B O2    1 
ATOM   380 N  N3    . DT  B 2 8  ? -10.469 1.171   -3.677  1.00 85.54  ? 19  DT  B N3    1 
ATOM   381 C  C4    . DT  B 2 8  ? -10.248 0.959   -5.024  1.00 81.30  ? 19  DT  B C4    1 
ATOM   382 O  O4    . DT  B 2 8  ? -10.668 1.728   -5.890  1.00 76.92  ? 19  DT  B O4    1 
ATOM   383 C  C5    . DT  B 2 8  ? -9.488  -0.228  -5.344  1.00 80.17  ? 19  DT  B C5    1 
ATOM   384 C  C7    . DT  B 2 8  ? -9.186  -0.562  -6.771  1.00 74.98  ? 19  DT  B C7    1 
ATOM   385 C  C6    . DT  B 2 8  ? -9.070  -1.006  -4.328  1.00 87.82  ? 19  DT  B C6    1 
ATOM   386 P  P     . DC  B 2 9  ? -8.572  -5.204  0.412   1.00 123.69 ? 20  DC  B P     1 
ATOM   387 O  OP1   . DC  B 2 9  ? -7.881  -5.572  1.669   1.00 137.85 ? 20  DC  B OP1   1 
ATOM   388 O  OP2   . DC  B 2 9  ? -8.535  -6.126  -0.746  1.00 119.14 ? 20  DC  B OP2   1 
ATOM   389 O  "O5'" . DC  B 2 9  ? -10.093 -4.883  0.763   1.00 120.15 ? 20  DC  B "O5'" 1 
ATOM   390 C  "C5'" . DC  B 2 9  ? -10.425 -3.643  1.382   1.00 114.94 ? 20  DC  B "C5'" 1 
ATOM   391 C  "C4'" . DC  B 2 9  ? -11.898 -3.338  1.201   1.00 122.97 ? 20  DC  B "C4'" 1 
ATOM   392 O  "O4'" . DC  B 2 9  ? -12.100 -2.602  -0.036  1.00 112.79 ? 20  DC  B "O4'" 1 
ATOM   393 C  "C3'" . DC  B 2 9  ? -12.803 -4.573  1.115   1.00 124.75 ? 20  DC  B "C3'" 1 
ATOM   394 O  "O3'" . DC  B 2 9  ? -13.959 -4.378  1.915   1.00 127.65 ? 20  DC  B "O3'" 1 
ATOM   395 C  "C2'" . DC  B 2 9  ? -13.155 -4.646  -0.371  1.00 119.00 ? 20  DC  B "C2'" 1 
ATOM   396 C  "C1'" . DC  B 2 9  ? -13.184 -3.171  -0.732  1.00 112.97 ? 20  DC  B "C1'" 1 
ATOM   397 N  N1    . DC  B 2 9  ? -13.020 -2.898  -2.191  1.00 106.07 ? 20  DC  B N1    1 
ATOM   398 C  C2    . DC  B 2 9  ? -13.409 -1.657  -2.708  1.00 103.34 ? 20  DC  B C2    1 
ATOM   399 O  O2    . DC  B 2 9  ? -13.874 -0.801  -1.942  1.00 103.93 ? 20  DC  B O2    1 
ATOM   400 N  N3    . DC  B 2 9  ? -13.260 -1.424  -4.038  1.00 98.99  ? 20  DC  B N3    1 
ATOM   401 C  C4    . DC  B 2 9  ? -12.754 -2.371  -4.831  1.00 95.86  ? 20  DC  B C4    1 
ATOM   402 N  N4    . DC  B 2 9  ? -12.626 -2.092  -6.135  1.00 91.64  ? 20  DC  B N4    1 
ATOM   403 C  C5    . DC  B 2 9  ? -12.356 -3.645  -4.322  1.00 99.14  ? 20  DC  B C5    1 
ATOM   404 C  C6    . DC  B 2 9  ? -12.508 -3.863  -3.010  1.00 102.78 ? 20  DC  B C6    1 
ATOM   405 P  P     . DA  B 2 10 ? -14.715 -5.636  2.569   1.00 138.96 ? 21  DA  B P     1 
ATOM   406 O  OP1   . DA  B 2 10 ? -14.101 -5.892  3.893   1.00 150.14 ? 21  DA  B OP1   1 
ATOM   407 O  OP2   . DA  B 2 10 ? -14.777 -6.709  1.551   1.00 131.30 ? 21  DA  B OP2   1 
ATOM   408 O  "O5'" . DA  B 2 10 ? -16.206 -5.105  2.800   1.00 136.47 ? 21  DA  B "O5'" 1 
ATOM   409 C  "C5'" . DA  B 2 10 ? -16.421 -3.875  3.492   1.00 134.34 ? 21  DA  B "C5'" 1 
ATOM   410 C  "C4'" . DA  B 2 10 ? -17.046 -2.831  2.575   1.00 136.15 ? 21  DA  B "C4'" 1 
ATOM   411 O  "O4'" . DA  B 2 10 ? -16.476 -2.942  1.245   1.00 131.04 ? 21  DA  B "O4'" 1 
ATOM   412 C  "C3'" . DA  B 2 10 ? -18.562 -2.939  2.394   1.00 131.54 ? 21  DA  B "C3'" 1 
ATOM   413 O  "O3'" . DA  B 2 10 ? -19.141 -1.637  2.380   1.00 132.23 ? 21  DA  B "O3'" 1 
ATOM   414 C  "C2'" . DA  B 2 10 ? -18.702 -3.625  1.037   1.00 126.61 ? 21  DA  B "C2'" 1 
ATOM   415 C  "C1'" . DA  B 2 10 ? -17.513 -3.044  0.291   1.00 123.61 ? 21  DA  B "C1'" 1 
ATOM   416 N  N9    . DA  B 2 10 ? -17.040 -3.884  -0.799  1.00 119.17 ? 21  DA  B N9    1 
ATOM   417 C  C8    . DA  B 2 10 ? -16.588 -5.172  -0.708  1.00 116.03 ? 21  DA  B C8    1 
ATOM   418 N  N7    . DA  B 2 10 ? -16.213 -5.684  -1.855  1.00 109.54 ? 21  DA  B N7    1 
ATOM   419 C  C5    . DA  B 2 10 ? -16.429 -4.658  -2.760  1.00 109.89 ? 21  DA  B C5    1 
ATOM   420 C  C6    . DA  B 2 10 ? -16.230 -4.563  -4.150  1.00 109.78 ? 21  DA  B C6    1 
ATOM   421 N  N6    . DA  B 2 10 ? -15.747 -5.566  -4.890  1.00 108.11 ? 21  DA  B N6    1 
ATOM   422 N  N1    . DA  B 2 10 ? -16.549 -3.394  -4.751  1.00 109.76 ? 21  DA  B N1    1 
ATOM   423 C  C2    . DA  B 2 10 ? -17.034 -2.394  -4.002  1.00 108.68 ? 21  DA  B C2    1 
ATOM   424 N  N3    . DA  B 2 10 ? -17.264 -2.367  -2.689  1.00 110.61 ? 21  DA  B N3    1 
ATOM   425 C  C4    . DA  B 2 10 ? -16.937 -3.540  -2.124  1.00 112.67 ? 21  DA  B C4    1 
ATOM   426 P  P     . DC  C 3 1  ? -2.634  4.775   11.494  1.00 92.41  ? 1   DC  C P     1 
ATOM   427 O  OP1   . DC  C 3 1  ? -3.789  5.055   12.382  1.00 90.81  ? 1   DC  C OP1   1 
ATOM   428 O  OP2   . DC  C 3 1  ? -1.915  3.481   11.575  1.00 94.69  ? 1   DC  C OP2   1 
ATOM   429 O  "O5'" . DC  C 3 1  ? -1.545  5.936   11.662  1.00 75.15  ? 1   DC  C "O5'" 1 
ATOM   430 C  "C5'" . DC  C 3 1  ? -0.165  5.613   11.633  1.00 70.02  ? 1   DC  C "C5'" 1 
ATOM   431 C  "C4'" . DC  C 3 1  ? 0.652   6.755   11.073  1.00 71.70  ? 1   DC  C "C4'" 1 
ATOM   432 O  "O4'" . DC  C 3 1  ? 1.980   6.699   11.640  1.00 79.52  ? 1   DC  C "O4'" 1 
ATOM   433 C  "C3'" . DC  C 3 1  ? 0.882   6.698   9.574   1.00 74.03  ? 1   DC  C "C3'" 1 
ATOM   434 O  "O3'" . DC  C 3 1  ? 1.250   7.990   9.091   1.00 66.42  ? 1   DC  C "O3'" 1 
ATOM   435 C  "C2'" . DC  C 3 1  ? 2.045   5.717   9.485   1.00 75.78  ? 1   DC  C "C2'" 1 
ATOM   436 C  "C1'" . DC  C 3 1  ? 2.884   6.155   10.687  1.00 78.04  ? 1   DC  C "C1'" 1 
ATOM   437 N  N1    . DC  C 3 1  ? 3.659   5.050   11.350  1.00 77.32  ? 1   DC  C N1    1 
ATOM   438 C  C2    . DC  C 3 1  ? 5.042   5.192   11.535  1.00 78.78  ? 1   DC  C C2    1 
ATOM   439 O  O2    . DC  C 3 1  ? 5.602   6.221   11.131  1.00 82.46  ? 1   DC  C O2    1 
ATOM   440 N  N3    . DC  C 3 1  ? 5.730   4.197   12.147  1.00 72.24  ? 1   DC  C N3    1 
ATOM   441 C  C4    . DC  C 3 1  ? 5.093   3.104   12.569  1.00 72.29  ? 1   DC  C C4    1 
ATOM   442 N  N4    . DC  C 3 1  ? 5.821   2.154   13.168  1.00 74.41  ? 1   DC  C N4    1 
ATOM   443 C  C5    . DC  C 3 1  ? 3.684   2.937   12.398  1.00 70.01  ? 1   DC  C C5    1 
ATOM   444 C  C6    . DC  C 3 1  ? 3.013   3.926   11.791  1.00 72.49  ? 1   DC  C C6    1 
ATOM   445 P  P     . DA  C 3 2  ? 1.235   8.291   7.513   1.00 70.72  ? 2   DA  C P     1 
ATOM   446 O  OP1   . DA  C 3 2  ? 1.014   9.742   7.321   1.00 65.31  ? 2   DA  C OP1   1 
ATOM   447 O  OP2   . DA  C 3 2  ? 0.311   7.310   6.904   1.00 75.24  ? 2   DA  C OP2   1 
ATOM   448 O  "O5'" . DA  C 3 2  ? 2.717   7.920   7.033   1.00 69.88  ? 2   DA  C "O5'" 1 
ATOM   449 C  "C5'" . DA  C 3 2  ? 3.818   8.743   7.424   1.00 77.52  ? 2   DA  C "C5'" 1 
ATOM   450 C  "C4'" . DA  C 3 2  ? 5.137   8.173   6.923   1.00 74.31  ? 2   DA  C "C4'" 1 
ATOM   451 O  "O4'" . DA  C 3 2  ? 5.496   7.002   7.703   1.00 77.16  ? 2   DA  C "O4'" 1 
ATOM   452 C  "C3'" . DA  C 3 2  ? 5.137   7.718   5.461   1.00 72.85  ? 2   DA  C "C3'" 1 
ATOM   453 O  "O3'" . DA  C 3 2  ? 6.384   8.028   4.865   1.00 64.92  ? 2   DA  C "O3'" 1 
ATOM   454 C  "C2'" . DA  C 3 2  ? 4.957   6.208   5.586   1.00 73.74  ? 2   DA  C "C2'" 1 
ATOM   455 C  "C1'" . DA  C 3 2  ? 5.785   5.937   6.828   1.00 73.71  ? 2   DA  C "C1'" 1 
ATOM   456 N  N9    . DA  C 3 2  ? 5.456   4.685   7.496   1.00 71.35  ? 2   DA  C N9    1 
ATOM   457 C  C8    . DA  C 3 2  ? 4.243   4.050   7.520   1.00 69.67  ? 2   DA  C C8    1 
ATOM   458 N  N7    . DA  C 3 2  ? 4.245   2.931   8.207   1.00 69.13  ? 2   DA  C N7    1 
ATOM   459 C  C5    . DA  C 3 2  ? 5.552   2.825   8.659   1.00 71.24  ? 2   DA  C C5    1 
ATOM   460 C  C6    . DA  C 3 2  ? 6.209   1.863   9.445   1.00 72.02  ? 2   DA  C C6    1 
ATOM   461 N  N6    . DA  C 3 2  ? 5.602   0.777   9.930   1.00 75.83  ? 2   DA  C N6    1 
ATOM   462 N  N1    . DA  C 3 2  ? 7.522   2.061   9.714   1.00 75.24  ? 2   DA  C N1    1 
ATOM   463 C  C2    . DA  C 3 2  ? 8.125   3.152   9.222   1.00 74.51  ? 2   DA  C C2    1 
ATOM   464 N  N3    . DA  C 3 2  ? 7.610   4.124   8.472   1.00 72.96  ? 2   DA  C N3    1 
ATOM   465 C  C4    . DA  C 3 2  ? 6.309   3.897   8.226   1.00 73.26  ? 2   DA  C C4    1 
ATOM   466 P  P     . DA  C 3 3  ? 6.584   9.423   4.095   1.00 71.60  ? 3   DA  C P     1 
ATOM   467 O  OP1   . DA  C 3 3  ? 7.958   9.434   3.541   1.00 74.33  ? 3   DA  C OP1   1 
ATOM   468 O  OP2   . DA  C 3 3  ? 6.136   10.503  5.005   1.00 69.34  ? 3   DA  C OP2   1 
ATOM   469 O  "O5'" . DA  C 3 3  ? 5.551   9.334   2.878   1.00 73.28  ? 3   DA  C "O5'" 1 
ATOM   470 C  "C5'" . DA  C 3 3  ? 5.863   8.559   1.724   1.00 75.13  ? 3   DA  C "C5'" 1 
ATOM   471 C  "C4'" . DA  C 3 3  ? 5.161   9.126   0.505   1.00 67.83  ? 3   DA  C "C4'" 1 
ATOM   472 O  "O4'" . DA  C 3 3  ? 3.735   9.058   0.712   1.00 58.21  ? 3   DA  C "O4'" 1 
ATOM   473 C  "C3'" . DA  C 3 3  ? 5.447   10.591  0.229   1.00 67.43  ? 3   DA  C "C3'" 1 
ATOM   474 O  "O3'" . DA  C 3 3  ? 6.588   10.713  -0.591  1.00 67.78  ? 3   DA  C "O3'" 1 
ATOM   475 C  "C2'" . DA  C 3 3  ? 4.191   11.052  -0.506  1.00 60.51  ? 3   DA  C "C2'" 1 
ATOM   476 C  "C1'" . DA  C 3 3  ? 3.104   10.169  0.099   1.00 53.63  ? 3   DA  C "C1'" 1 
ATOM   477 N  N9    . DA  C 3 3  ? 2.284   10.832  1.102   1.00 48.24  ? 3   DA  C N9    1 
ATOM   478 C  C8    . DA  C 3 3  ? 2.235   10.554  2.435   1.00 53.48  ? 3   DA  C C8    1 
ATOM   479 N  N7    . DA  C 3 3  ? 1.387   11.298  3.102   1.00 47.64  ? 3   DA  C N7    1 
ATOM   480 C  C5    . DA  C 3 3  ? 0.836   12.119  2.136   1.00 49.20  ? 3   DA  C C5    1 
ATOM   481 C  C6    . DA  C 3 3  ? -0.133  13.136  2.195   1.00 50.52  ? 3   DA  C C6    1 
ATOM   482 N  N6    . DA  C 3 3  ? -0.737  13.509  3.331   1.00 60.22  ? 3   DA  C N6    1 
ATOM   483 N  N1    . DA  C 3 3  ? -0.459  13.760  1.043   1.00 51.50  ? 3   DA  C N1    1 
ATOM   484 C  C2    . DA  C 3 3  ? 0.151   13.381  -0.091  1.00 59.26  ? 3   DA  C C2    1 
ATOM   485 N  N3    . DA  C 3 3  ? 1.077   12.439  -0.271  1.00 52.94  ? 3   DA  C N3    1 
ATOM   486 C  C4    . DA  C 3 3  ? 1.378   11.842  0.890   1.00 50.53  ? 3   DA  C C4    1 
ATOM   487 P  P     . DG  C 3 4  ? 7.517   12.012  -0.455  1.00 77.56  ? 4   DG  C P     1 
ATOM   488 O  OP1   . DG  C 3 4  ? 8.680   11.833  -1.354  1.00 80.02  ? 4   DG  C OP1   1 
ATOM   489 O  OP2   . DG  C 3 4  ? 7.713   12.235  0.994   1.00 74.62  ? 4   DG  C OP2   1 
ATOM   490 O  "O5'" . DG  C 3 4  ? 6.594   13.210  -0.982  1.00 68.73  ? 4   DG  C "O5'" 1 
ATOM   491 C  "C5'" . DG  C 3 4  ? 6.347   13.382  -2.377  1.00 72.94  ? 4   DG  C "C5'" 1 
ATOM   492 C  "C4'" . DG  C 3 4  ? 5.208   14.359  -2.587  1.00 70.90  ? 4   DG  C "C4'" 1 
ATOM   493 O  "O4'" . DG  C 3 4  ? 4.159   14.040  -1.660  1.00 68.42  ? 4   DG  C "O4'" 1 
ATOM   494 C  "C3'" . DG  C 3 4  ? 5.552   15.813  -2.304  1.00 82.61  ? 4   DG  C "C3'" 1 
ATOM   495 O  "O3'" . DG  C 3 4  ? 5.976   16.450  -3.503  1.00 94.10  ? 4   DG  C "O3'" 1 
ATOM   496 C  "C2'" . DG  C 3 4  ? 4.234   16.410  -1.804  1.00 79.09  ? 4   DG  C "C2'" 1 
ATOM   497 C  "C1'" . DG  C 3 4  ? 3.427   15.202  -1.342  1.00 66.95  ? 4   DG  C "C1'" 1 
ATOM   498 N  N9    . DG  C 3 4  ? 3.164   15.199  0.086   1.00 58.77  ? 4   DG  C N9    1 
ATOM   499 C  C8    . DG  C 3 4  ? 3.790   14.434  1.035   1.00 58.04  ? 4   DG  C C8    1 
ATOM   500 N  N7    . DG  C 3 4  ? 3.339   14.633  2.240   1.00 57.38  ? 4   DG  C N7    1 
ATOM   501 C  C5    . DG  C 3 4  ? 2.350   15.592  2.079   1.00 59.01  ? 4   DG  C C5    1 
ATOM   502 C  C6    . DG  C 3 4  ? 1.510   16.206  3.038   1.00 60.56  ? 4   DG  C C6    1 
ATOM   503 O  O6    . DG  C 3 4  ? 1.475   16.015  4.265   1.00 63.32  ? 4   DG  C O6    1 
ATOM   504 N  N1    . DG  C 3 4  ? 0.648   17.126  2.449   1.00 62.69  ? 4   DG  C N1    1 
ATOM   505 C  C2    . DG  C 3 4  ? 0.602   17.417  1.103   1.00 66.40  ? 4   DG  C C2    1 
ATOM   506 N  N2    . DG  C 3 4  ? -0.298  18.334  0.723   1.00 68.17  ? 4   DG  C N2    1 
ATOM   507 N  N3    . DG  C 3 4  ? 1.386   16.848  0.194   1.00 63.94  ? 4   DG  C N3    1 
ATOM   508 C  C4    . DG  C 3 4  ? 2.231   15.950  0.753   1.00 60.52  ? 4   DG  C C4    1 
ATOM   509 P  P     . DT  C 3 5  ? 6.625   17.921  -3.451  1.00 111.64 ? 5   DT  C P     1 
ATOM   510 O  OP1   . DT  C 3 5  ? 7.263   18.172  -4.763  1.00 116.91 ? 5   DT  C OP1   1 
ATOM   511 O  OP2   . DT  C 3 5  ? 7.415   18.017  -2.205  1.00 95.78  ? 5   DT  C OP2   1 
ATOM   512 O  "O5'" . DT  C 3 5  ? 5.374   18.905  -3.285  1.00 92.11  ? 5   DT  C "O5'" 1 
ATOM   513 C  "C5'" . DT  C 3 5  ? 4.314   18.885  -4.233  1.00 88.74  ? 5   DT  C "C5'" 1 
ATOM   514 C  "C4'" . DT  C 3 5  ? 3.170   19.769  -3.773  1.00 93.61  ? 5   DT  C "C4'" 1 
ATOM   515 O  "O4'" . DT  C 3 5  ? 2.766   19.392  -2.428  1.00 86.24  ? 5   DT  C "O4'" 1 
ATOM   516 C  "C3'" . DT  C 3 5  ? 3.498   21.261  -3.698  1.00 86.58  ? 5   DT  C "C3'" 1 
ATOM   517 O  "O3'" . DT  C 3 5  ? 2.364   22.015  -4.108  1.00 85.50  ? 5   DT  C "O3'" 1 
ATOM   518 C  "C2'" . DT  C 3 5  ? 3.784   21.460  -2.214  1.00 77.56  ? 5   DT  C "C2'" 1 
ATOM   519 C  "C1'" . DT  C 3 5  ? 2.727   20.551  -1.627  1.00 77.16  ? 5   DT  C "C1'" 1 
ATOM   520 N  N1    . DT  C 3 5  ? 2.968   20.167  -0.219  1.00 74.42  ? 5   DT  C N1    1 
ATOM   521 C  C2    . DT  C 3 5  ? 2.122   20.641  0.750   1.00 71.75  ? 5   DT  C C2    1 
ATOM   522 O  O2    . DT  C 3 5  ? 1.178   21.376  0.510   1.00 72.81  ? 5   DT  C O2    1 
ATOM   523 N  N3    . DT  C 3 5  ? 2.419   20.226  2.022   1.00 69.50  ? 5   DT  C N3    1 
ATOM   524 C  C4    . DT  C 3 5  ? 3.457   19.399  2.406   1.00 65.78  ? 5   DT  C C4    1 
ATOM   525 O  O4    . DT  C 3 5  ? 3.645   19.081  3.579   1.00 64.10  ? 5   DT  C O4    1 
ATOM   526 C  C5    . DT  C 3 5  ? 4.305   18.934  1.333   1.00 67.43  ? 5   DT  C C5    1 
ATOM   527 C  C7    . DT  C 3 5  ? 5.462   18.033  1.621   1.00 66.68  ? 5   DT  C C7    1 
ATOM   528 C  C6    . DT  C 3 5  ? 4.021   19.337  0.087   1.00 71.96  ? 5   DT  C C6    1 
ATOM   529 O  "O5'" . DT  D 4 1  ? -14.494 -9.971  -15.919 1.00 130.04 ? 1   DT  D "O5'" 1 
ATOM   530 C  "C5'" . DT  D 4 1  ? -15.479 -10.289 -14.946 1.00 124.66 ? 1   DT  D "C5'" 1 
ATOM   531 C  "C4'" . DT  D 4 1  ? -16.685 -9.383  -15.095 1.00 123.58 ? 1   DT  D "C4'" 1 
ATOM   532 O  "O4'" . DT  D 4 1  ? -17.612 -9.624  -14.009 1.00 121.54 ? 1   DT  D "O4'" 1 
ATOM   533 C  "C3'" . DT  D 4 1  ? -16.365 -7.882  -15.064 1.00 124.54 ? 1   DT  D "C3'" 1 
ATOM   534 O  "O3'" . DT  D 4 1  ? -16.896 -7.243  -16.218 1.00 129.67 ? 1   DT  D "O3'" 1 
ATOM   535 C  "C2'" . DT  D 4 1  ? -17.033 -7.383  -13.780 1.00 122.73 ? 1   DT  D "C2'" 1 
ATOM   536 C  "C1'" . DT  D 4 1  ? -18.146 -8.396  -13.588 1.00 122.66 ? 1   DT  D "C1'" 1 
ATOM   537 N  N1    . DT  D 4 1  ? -18.608 -8.529  -12.172 1.00 123.70 ? 1   DT  D N1    1 
ATOM   538 C  C2    . DT  D 4 1  ? -19.629 -7.724  -11.728 1.00 124.72 ? 1   DT  D C2    1 
ATOM   539 O  O2    . DT  D 4 1  ? -20.177 -6.897  -12.433 1.00 124.94 ? 1   DT  D O2    1 
ATOM   540 N  N3    . DT  D 4 1  ? -19.991 -7.921  -10.420 1.00 124.85 ? 1   DT  D N3    1 
ATOM   541 C  C4    . DT  D 4 1  ? -19.445 -8.826  -9.528  1.00 123.19 ? 1   DT  D C4    1 
ATOM   542 O  O4    . DT  D 4 1  ? -19.840 -8.928  -8.367  1.00 120.02 ? 1   DT  D O4    1 
ATOM   543 C  C5    . DT  D 4 1  ? -18.377 -9.643  -10.057 1.00 122.00 ? 1   DT  D C5    1 
ATOM   544 C  C7    . DT  D 4 1  ? -17.706 -10.660 -9.185  1.00 123.55 ? 1   DT  D C7    1 
ATOM   545 C  C6    . DT  D 4 1  ? -18.015 -9.457  -11.340 1.00 122.39 ? 1   DT  D C6    1 
ATOM   546 P  P     . DC  D 4 2  ? -16.281 -5.842  -16.714 1.00 141.26 ? 2   DC  D P     1 
ATOM   547 O  OP1   . DC  D 4 2  ? -16.750 -5.610  -18.099 1.00 146.92 ? 2   DC  D OP1   1 
ATOM   548 O  OP2   . DC  D 4 2  ? -14.828 -5.870  -16.436 1.00 142.04 ? 2   DC  D OP2   1 
ATOM   549 O  "O5'" . DC  D 4 2  ? -16.970 -4.754  -15.759 1.00 133.11 ? 2   DC  D "O5'" 1 
ATOM   550 C  "C5'" . DC  D 4 2  ? -18.389 -4.601  -15.755 1.00 137.23 ? 2   DC  D "C5'" 1 
ATOM   551 C  "C4'" . DC  D 4 2  ? -18.820 -3.490  -14.809 1.00 135.80 ? 2   DC  D "C4'" 1 
ATOM   552 O  "O4'" . DC  D 4 2  ? -19.115 -4.043  -13.497 1.00 127.11 ? 2   DC  D "O4'" 1 
ATOM   553 C  "C3'" . DC  D 4 2  ? -17.783 -2.381  -14.576 1.00 135.43 ? 2   DC  D "C3'" 1 
ATOM   554 O  "O3'" . DC  D 4 2  ? -18.428 -1.109  -14.549 1.00 140.04 ? 2   DC  D "O3'" 1 
ATOM   555 C  "C2'" . DC  D 4 2  ? -17.226 -2.736  -13.201 1.00 130.10 ? 2   DC  D "C2'" 1 
ATOM   556 C  "C1'" . DC  D 4 2  ? -18.486 -3.244  -12.524 1.00 124.38 ? 2   DC  D "C1'" 1 
ATOM   557 N  N1    . DC  D 4 2  ? -18.242 -4.061  -11.296 1.00 123.91 ? 2   DC  D N1    1 
ATOM   558 C  C2    . DC  D 4 2  ? -19.018 -3.833  -10.151 1.00 125.35 ? 2   DC  D C2    1 
ATOM   559 O  O2    . DC  D 4 2  ? -19.898 -2.961  -10.181 1.00 125.60 ? 2   DC  D O2    1 
ATOM   560 N  N3    . DC  D 4 2  ? -18.785 -4.577  -9.041  1.00 121.59 ? 2   DC  D N3    1 
ATOM   561 C  C4    . DC  D 4 2  ? -17.827 -5.509  -9.047  1.00 119.09 ? 2   DC  D C4    1 
ATOM   562 N  N4    . DC  D 4 2  ? -17.637 -6.218  -7.928  1.00 117.53 ? 2   DC  D N4    1 
ATOM   563 C  C5    . DC  D 4 2  ? -17.024 -5.754  -10.202 1.00 119.25 ? 2   DC  D C5    1 
ATOM   564 C  C6    . DC  D 4 2  ? -17.262 -5.011  -11.293 1.00 121.86 ? 2   DC  D C6    1 
ATOM   565 P  P     . DT  D 4 3  ? -18.329 -0.105  -15.802 1.00 161.63 ? 3   DT  D P     1 
ATOM   566 O  OP1   . DT  D 4 3  ? -19.400 -0.482  -16.751 1.00 198.53 ? 3   DT  D OP1   1 
ATOM   567 O  OP2   . DT  D 4 3  ? -16.924 -0.064  -16.270 1.00 156.01 ? 3   DT  D OP2   1 
ATOM   568 O  "O5'" . DT  D 4 3  ? -18.717 1.316   -15.178 1.00 151.13 ? 3   DT  D "O5'" 1 
ATOM   569 C  "C5'" . DT  D 4 3  ? -17.966 1.844   -14.089 1.00 153.68 ? 3   DT  D "C5'" 1 
ATOM   570 C  "C4'" . DT  D 4 3  ? -18.855 2.079   -12.880 1.00 147.22 ? 3   DT  D "C4'" 1 
ATOM   571 O  "O4'" . DT  D 4 3  ? -18.770 0.933   -11.979 1.00 138.05 ? 3   DT  D "O4'" 1 
ATOM   572 C  "C3'" . DT  D 4 3  ? -18.476 3.298   -12.033 1.00 144.70 ? 3   DT  D "C3'" 1 
ATOM   573 O  "O3'" . DT  D 4 3  ? -19.659 3.938   -11.535 1.00 153.11 ? 3   DT  D "O3'" 1 
ATOM   574 C  "C2'" . DT  D 4 3  ? -17.671 2.666   -10.904 1.00 140.10 ? 3   DT  D "C2'" 1 
ATOM   575 C  "C1'" . DT  D 4 3  ? -18.485 1.410   -10.681 1.00 135.84 ? 3   DT  D "C1'" 1 
ATOM   576 N  N1    . DT  D 4 3  ? -17.786 0.343   -9.884  1.00 128.22 ? 3   DT  D N1    1 
ATOM   577 C  C2    . DT  D 4 3  ? -18.173 0.130   -8.579  1.00 122.92 ? 3   DT  D C2    1 
ATOM   578 O  O2    . DT  D 4 3  ? -19.057 0.768   -8.032  1.00 126.29 ? 3   DT  D O2    1 
ATOM   579 N  N3    . DT  D 4 3  ? -17.486 -0.864  -7.930  1.00 115.54 ? 3   DT  D N3    1 
ATOM   580 C  C4    . DT  D 4 3  ? -16.471 -1.650  -8.440  1.00 112.37 ? 3   DT  D C4    1 
ATOM   581 O  O4    . DT  D 4 3  ? -15.913 -2.522  -7.774  1.00 103.70 ? 3   DT  D O4    1 
ATOM   582 C  C5    . DT  D 4 3  ? -16.111 -1.377  -9.813  1.00 115.71 ? 3   DT  D C5    1 
ATOM   583 C  C7    . DT  D 4 3  ? -15.022 -2.166  -10.474 1.00 110.20 ? 3   DT  D C7    1 
ATOM   584 C  C6    . DT  D 4 3  ? -16.778 -0.404  -10.463 1.00 123.22 ? 3   DT  D C6    1 
ATOM   585 P  P     . DG  D 4 4  ? -19.633 5.495   -11.126 1.00 166.83 ? 4   DG  D P     1 
ATOM   586 O  OP1   . DG  D 4 4  ? -20.667 6.186   -11.928 1.00 190.17 ? 4   DG  D OP1   1 
ATOM   587 O  OP2   . DG  D 4 4  ? -18.227 5.952   -11.183 1.00 179.15 ? 4   DG  D OP2   1 
ATOM   588 O  "O5'" . DG  D 4 4  ? -20.092 5.510   -9.589  1.00 166.16 ? 4   DG  D "O5'" 1 
ATOM   589 C  "C5'" . DG  D 4 4  ? -19.723 4.439   -8.730  1.00 154.80 ? 4   DG  D "C5'" 1 
ATOM   590 C  "C4'" . DG  D 4 4  ? -19.613 4.893   -7.284  1.00 165.34 ? 4   DG  D "C4'" 1 
ATOM   591 O  "O4'" . DG  D 4 4  ? -18.679 4.029   -6.595  1.00 148.25 ? 4   DG  D "O4'" 1 
ATOM   592 C  "C3'" . DG  D 4 4  ? -19.052 6.292   -7.081  1.00 143.85 ? 4   DG  D "C3'" 1 
ATOM   593 O  "O3'" . DG  D 4 4  ? -19.414 6.775   -5.783  1.00 139.75 ? 4   DG  D "O3'" 1 
ATOM   594 C  "C2'" . DG  D 4 4  ? -17.553 6.036   -7.177  1.00 131.48 ? 4   DG  D "C2'" 1 
ATOM   595 C  "C1'" . DG  D 4 4  ? -17.416 4.669   -6.501  1.00 122.03 ? 4   DG  D "C1'" 1 
ATOM   596 N  N9    . DG  D 4 4  ? -16.409 3.821   -7.130  1.00 112.80 ? 4   DG  D N9    1 
ATOM   597 C  C8    . DG  D 4 4  ? -15.897 3.951   -8.398  1.00 116.61 ? 4   DG  D C8    1 
ATOM   598 N  N7    . DG  D 4 4  ? -15.001 3.052   -8.696  1.00 108.34 ? 4   DG  D N7    1 
ATOM   599 C  C5    . DG  D 4 4  ? -14.903 2.279   -7.548  1.00 104.34 ? 4   DG  D C5    1 
ATOM   600 C  C6    . DG  D 4 4  ? -14.090 1.152   -7.274  1.00 97.86  ? 4   DG  D C6    1 
ATOM   601 O  O6    . DG  D 4 4  ? -13.266 0.598   -8.017  1.00 95.60  ? 4   DG  D O6    1 
ATOM   602 N  N1    . DG  D 4 4  ? -14.304 0.668   -5.986  1.00 95.50  ? 4   DG  D N1    1 
ATOM   603 C  C2    . DG  D 4 4  ? -15.190 1.203   -5.076  1.00 98.26  ? 4   DG  D C2    1 
ATOM   604 N  N2    . DG  D 4 4  ? -15.256 0.598   -3.882  1.00 96.34  ? 4   DG  D N2    1 
ATOM   605 N  N3    . DG  D 4 4  ? -15.959 2.258   -5.322  1.00 101.47 ? 4   DG  D N3    1 
ATOM   606 C  C4    . DG  D 4 4  ? -15.763 2.742   -6.572  1.00 107.32 ? 4   DG  D C4    1 
ATOM   607 P  P     . DA  D 4 5  ? -19.198 8.320   -5.386  1.00 142.22 ? 5   DA  D P     1 
ATOM   608 O  OP1   . DA  D 4 5  ? -20.528 8.970   -5.377  1.00 141.84 ? 5   DA  D OP1   1 
ATOM   609 O  OP2   . DA  D 4 5  ? -18.121 8.880   -6.231  1.00 138.23 ? 5   DA  D OP2   1 
ATOM   610 O  "O5'" . DA  D 4 5  ? -18.643 8.255   -3.884  1.00 132.71 ? 5   DA  D "O5'" 1 
ATOM   611 C  "C5'" . DA  D 4 5  ? -19.503 7.846   -2.822  1.00 128.54 ? 5   DA  D "C5'" 1 
ATOM   612 C  "C4'" . DA  D 4 5  ? -18.708 7.225   -1.680  1.00 126.13 ? 5   DA  D "C4'" 1 
ATOM   613 O  "O4'" . DA  D 4 5  ? -17.808 6.212   -2.199  1.00 128.37 ? 5   DA  D "O4'" 1 
ATOM   614 C  "C3'" . DA  D 4 5  ? -17.839 8.188   -0.879  1.00 122.83 ? 5   DA  D "C3'" 1 
ATOM   615 O  "O3'" . DA  D 4 5  ? -17.842 7.797   0.490   1.00 123.49 ? 5   DA  D "O3'" 1 
ATOM   616 C  "C2'" . DA  D 4 5  ? -16.458 8.016   -1.514  1.00 116.44 ? 5   DA  D "C2'" 1 
ATOM   617 C  "C1'" . DA  D 4 5  ? -16.467 6.540   -1.885  1.00 110.96 ? 5   DA  D "C1'" 1 
ATOM   618 N  N9    . DA  D 4 5  ? -15.654 6.222   -3.054  1.00 107.96 ? 5   DA  D N9    1 
ATOM   619 C  C8    . DA  D 4 5  ? -15.677 6.850   -4.269  1.00 109.63 ? 5   DA  D C8    1 
ATOM   620 N  N7    . DA  D 4 5  ? -14.846 6.337   -5.148  1.00 107.98 ? 5   DA  D N7    1 
ATOM   621 C  C5    . DA  D 4 5  ? -14.244 5.292   -4.463  1.00 101.18 ? 5   DA  D C5    1 
ATOM   622 C  C6    . DA  D 4 5  ? -13.262 4.346   -4.837  1.00 93.97  ? 5   DA  D C6    1 
ATOM   623 N  N6    . DA  D 4 5  ? -12.698 4.311   -6.051  1.00 90.42  ? 5   DA  D N6    1 
ATOM   624 N  N1    . DA  D 4 5  ? -12.884 3.437   -3.910  1.00 86.77  ? 5   DA  D N1    1 
ATOM   625 C  C2    . DA  D 4 5  ? -13.451 3.477   -2.695  1.00 87.07  ? 5   DA  D C2    1 
ATOM   626 N  N3    . DA  D 4 5  ? -14.379 4.315   -2.229  1.00 94.34  ? 5   DA  D N3    1 
ATOM   627 C  C4    . DA  D 4 5  ? -14.734 5.205   -3.171  1.00 100.66 ? 5   DA  D C4    1 
ATOM   628 P  P     . DG  D 4 6  ? -17.024 8.641   1.586   1.00 138.14 ? 6   DG  D P     1 
ATOM   629 O  OP1   . DG  D 4 6  ? -17.804 8.611   2.845   1.00 135.48 ? 6   DG  D OP1   1 
ATOM   630 O  OP2   . DG  D 4 6  ? -16.651 9.943   0.990   1.00 133.52 ? 6   DG  D OP2   1 
ATOM   631 O  "O5'" . DG  D 4 6  ? -15.691 7.786   1.799   1.00 129.99 ? 6   DG  D "O5'" 1 
ATOM   632 C  "C5'" . DG  D 4 6  ? -15.778 6.377   1.971   1.00 122.53 ? 6   DG  D "C5'" 1 
ATOM   633 C  "C4'" . DG  D 4 6  ? -14.472 5.815   2.503   1.00 118.20 ? 6   DG  D "C4'" 1 
ATOM   634 O  "O4'" . DG  D 4 6  ? -13.654 5.355   1.400   1.00 111.39 ? 6   DG  D "O4'" 1 
ATOM   635 C  "C3'" . DG  D 4 6  ? -13.613 6.799   3.286   1.00 104.23 ? 6   DG  D "C3'" 1 
ATOM   636 O  "O3'" . DG  D 4 6  ? -12.963 6.126   4.351   1.00 107.78 ? 6   DG  D "O3'" 1 
ATOM   637 C  "C2'" . DG  D 4 6  ? -12.616 7.306   2.242   1.00 91.14  ? 6   DG  D "C2'" 1 
ATOM   638 C  "C1'" . DG  D 4 6  ? -12.449 6.095   1.332   1.00 89.46  ? 6   DG  D "C1'" 1 
ATOM   639 N  N9    . DG  D 4 6  ? -12.230 6.446   -0.066  1.00 84.33  ? 6   DG  D N9    1 
ATOM   640 C  C8    . DG  D 4 6  ? -12.839 7.458   -0.767  1.00 85.90  ? 6   DG  D C8    1 
ATOM   641 N  N7    . DG  D 4 6  ? -12.463 7.530   -2.014  1.00 83.76  ? 6   DG  D N7    1 
ATOM   642 C  C5    . DG  D 4 6  ? -11.549 6.493   -2.153  1.00 77.92  ? 6   DG  D C5    1 
ATOM   643 C  C6    . DG  D 4 6  ? -10.805 6.075   -3.286  1.00 74.20  ? 6   DG  D C6    1 
ATOM   644 O  O6    . DG  D 4 6  ? -10.807 6.557   -4.428  1.00 75.01  ? 6   DG  D O6    1 
ATOM   645 N  N1    . DG  D 4 6  ? -9.995  4.981   -2.992  1.00 70.12  ? 6   DG  D N1    1 
ATOM   646 C  C2    . DG  D 4 6  ? -9.912  4.367   -1.760  1.00 72.65  ? 6   DG  D C2    1 
ATOM   647 N  N2    . DG  D 4 6  ? -9.072  3.325   -1.672  1.00 72.23  ? 6   DG  D N2    1 
ATOM   648 N  N3    . DG  D 4 6  ? -10.604 4.748   -0.691  1.00 73.25  ? 6   DG  D N3    1 
ATOM   649 C  C4    . DG  D 4 6  ? -11.398 5.813   -0.960  1.00 78.17  ? 6   DG  D C4    1 
ATOM   650 P  P     . DT  D 4 7  ? -12.054 6.940   5.391   1.00 102.25 ? 7   DT  D P     1 
ATOM   651 O  OP1   . DT  D 4 7  ? -12.334 6.416   6.747   1.00 101.84 ? 7   DT  D OP1   1 
ATOM   652 O  OP2   . DT  D 4 7  ? -12.245 8.384   5.115   1.00 96.63  ? 7   DT  D OP2   1 
ATOM   653 O  "O5'" . DT  D 4 7  ? -10.564 6.528   4.982   1.00 97.02  ? 7   DT  D "O5'" 1 
ATOM   654 C  "C5'" . DT  D 4 7  ? -10.246 5.158   4.726   1.00 90.17  ? 7   DT  D "C5'" 1 
ATOM   655 C  "C4'" . DT  D 4 7  ? -8.806  5.008   4.253   1.00 84.27  ? 7   DT  D "C4'" 1 
ATOM   656 O  "O4'" . DT  D 4 7  ? -8.739  5.167   2.807   1.00 76.06  ? 7   DT  D "O4'" 1 
ATOM   657 C  "C3'" . DT  D 4 7  ? -7.816  6.039   4.820   1.00 82.42  ? 7   DT  D "C3'" 1 
ATOM   658 O  "O3'" . DT  D 4 7  ? -6.513  5.459   4.929   1.00 90.97  ? 7   DT  D "O3'" 1 
ATOM   659 C  "C2'" . DT  D 4 7  ? -7.813  7.077   3.709   1.00 77.93  ? 7   DT  D "C2'" 1 
ATOM   660 C  "C1'" . DT  D 4 7  ? -7.752  6.130   2.528   1.00 71.33  ? 7   DT  D "C1'" 1 
ATOM   661 N  N1    . DT  D 4 7  ? -8.012  6.759   1.201   1.00 69.94  ? 7   DT  D N1    1 
ATOM   662 C  C2    . DT  D 4 7  ? -7.356  6.264   0.095   1.00 67.08  ? 7   DT  D C2    1 
ATOM   663 O  O2    . DT  D 4 7  ? -6.587  5.317   0.143   1.00 63.41  ? 7   DT  D O2    1 
ATOM   664 N  N3    . DT  D 4 7  ? -7.640  6.911   -1.080  1.00 63.23  ? 7   DT  D N3    1 
ATOM   665 C  C4    . DT  D 4 7  ? -8.491  7.987   -1.255  1.00 66.57  ? 7   DT  D C4    1 
ATOM   666 O  O4    . DT  D 4 7  ? -8.683  8.501   -2.357  1.00 63.79  ? 7   DT  D O4    1 
ATOM   667 C  C5    . DT  D 4 7  ? -9.137  8.463   -0.050  1.00 66.68  ? 7   DT  D C5    1 
ATOM   668 C  C7    . DT  D 4 7  ? -10.078 9.623   -0.111  1.00 70.04  ? 7   DT  D C7    1 
ATOM   669 C  C6    . DT  D 4 7  ? -8.864  7.836   1.107   1.00 66.91  ? 7   DT  D C6    1 
ATOM   670 P  P     . DG  D 4 8  ? -6.089  4.512   6.157   1.00 94.49  ? 8   DG  D P     1 
ATOM   671 O  OP1   . DG  D 4 8  ? -7.229  3.637   6.519   1.00 91.85  ? 8   DG  D OP1   1 
ATOM   672 O  OP2   . DG  D 4 8  ? -5.440  5.354   7.188   1.00 100.90 ? 8   DG  D OP2   1 
ATOM   673 O  "O5'" . DG  D 4 8  ? -4.942  3.609   5.511   1.00 81.09  ? 8   DG  D "O5'" 1 
ATOM   674 C  "C5'" . DG  D 4 8  ? -5.023  3.275   4.128   1.00 79.31  ? 8   DG  D "C5'" 1 
ATOM   675 C  "C4'" . DG  D 4 8  ? -3.665  2.879   3.567   1.00 77.44  ? 8   DG  D "C4'" 1 
ATOM   676 O  "O4'" . DG  D 4 8  ? -3.356  3.701   2.421   1.00 77.81  ? 8   DG  D "O4'" 1 
ATOM   677 C  "C3'" . DG  D 4 8  ? -2.480  3.078   4.486   1.00 71.56  ? 8   DG  D "C3'" 1 
ATOM   678 O  "O3'" . DG  D 4 8  ? -1.412  2.259   4.031   1.00 65.71  ? 8   DG  D "O3'" 1 
ATOM   679 C  "C2'" . DG  D 4 8  ? -2.168  4.567   4.296   1.00 69.43  ? 8   DG  D "C2'" 1 
ATOM   680 C  "C1'" . DG  D 4 8  ? -2.558  4.804   2.829   1.00 67.10  ? 8   DG  D "C1'" 1 
ATOM   681 N  N9    . DG  D 4 8  ? -3.349  6.013   2.616   1.00 62.51  ? 8   DG  D N9    1 
ATOM   682 C  C8    . DG  D 4 8  ? -4.150  6.658   3.530   1.00 63.81  ? 8   DG  D C8    1 
ATOM   683 N  N7    . DG  D 4 8  ? -4.756  7.706   3.044   1.00 59.60  ? 8   DG  D N7    1 
ATOM   684 C  C5    . DG  D 4 8  ? -4.341  7.753   1.718   1.00 55.45  ? 8   DG  D C5    1 
ATOM   685 C  C6    . DG  D 4 8  ? -4.671  8.669   0.687   1.00 54.95  ? 8   DG  D C6    1 
ATOM   686 O  O6    . DG  D 4 8  ? -5.424  9.656   0.744   1.00 54.70  ? 8   DG  D O6    1 
ATOM   687 N  N1    . DG  D 4 8  ? -4.026  8.347   -0.506  1.00 48.76  ? 8   DG  D N1    1 
ATOM   688 C  C2    . DG  D 4 8  ? -3.173  7.279   -0.681  1.00 53.23  ? 8   DG  D C2    1 
ATOM   689 N  N2    . DG  D 4 8  ? -2.648  7.132   -1.904  1.00 67.97  ? 8   DG  D N2    1 
ATOM   690 N  N3    . DG  D 4 8  ? -2.859  6.415   0.275   1.00 54.04  ? 8   DG  D N3    1 
ATOM   691 C  C4    . DG  D 4 8  ? -3.477  6.711   1.441   1.00 55.01  ? 8   DG  D C4    1 
ATOM   692 P  P     . DG  D 4 9  ? 0.050   2.369   4.683   1.00 71.18  ? 9   DG  D P     1 
ATOM   693 O  OP1   . DG  D 4 9  ? 0.708   1.061   4.463   1.00 82.38  ? 9   DG  D OP1   1 
ATOM   694 O  OP2   . DG  D 4 9  ? -0.105  2.907   6.053   1.00 82.63  ? 9   DG  D OP2   1 
ATOM   695 O  "O5'" . DG  D 4 9  ? 0.798   3.456   3.777   1.00 62.59  ? 9   DG  D "O5'" 1 
ATOM   696 C  "C5'" . DG  D 4 9  ? 1.154   3.133   2.433   1.00 68.08  ? 9   DG  D "C5'" 1 
ATOM   697 C  "C4'" . DG  D 4 9  ? 1.766   4.331   1.730   1.00 68.86  ? 9   DG  D "C4'" 1 
ATOM   698 O  "O4'" . DG  D 4 9  ? 0.773   5.387   1.615   1.00 72.48  ? 9   DG  D "O4'" 1 
ATOM   699 C  "C3'" . DG  D 4 9  ? 2.969   4.965   2.447   1.00 68.16  ? 9   DG  D "C3'" 1 
ATOM   700 O  "O3'" . DG  D 4 9  ? 3.978   5.304   1.498   1.00 65.56  ? 9   DG  D "O3'" 1 
ATOM   701 C  "C2'" . DG  D 4 9  ? 2.362   6.223   3.065   1.00 65.52  ? 9   DG  D "C2'" 1 
ATOM   702 C  "C1'" . DG  D 4 9  ? 1.379   6.601   1.975   1.00 60.51  ? 9   DG  D "C1'" 1 
ATOM   703 N  N9    . DG  D 4 9  ? 0.345   7.546   2.386   1.00 50.24  ? 9   DG  D N9    1 
ATOM   704 C  C8    . DG  D 4 9  ? -0.219  7.682   3.631   1.00 52.88  ? 9   DG  D C8    1 
ATOM   705 N  N7    . DG  D 4 9  ? -1.120  8.625   3.696   1.00 49.67  ? 9   DG  D N7    1 
ATOM   706 C  C5    . DG  D 4 9  ? -1.151  9.149   2.409   1.00 46.93  ? 9   DG  D C5    1 
ATOM   707 C  C6    . DG  D 4 9  ? -1.935  10.193  1.869   1.00 43.92  ? 9   DG  D C6    1 
ATOM   708 O  O6    . DG  D 4 9  ? -2.786  10.888  2.438   1.00 47.83  ? 9   DG  D O6    1 
ATOM   709 N  N1    . DG  D 4 9  ? -1.653  10.402  0.523   1.00 46.60  ? 9   DG  D N1    1 
ATOM   710 C  C2    . DG  D 4 9  ? -0.731  9.692   -0.212  1.00 48.10  ? 9   DG  D C2    1 
ATOM   711 N  N2    . DG  D 4 9  ? -0.598  10.044  -1.501  1.00 57.81  ? 9   DG  D N2    1 
ATOM   712 N  N3    . DG  D 4 9  ? 0.012   8.710   0.285   1.00 49.58  ? 9   DG  D N3    1 
ATOM   713 C  C4    . DG  D 4 9  ? -0.251  8.494   1.595   1.00 49.48  ? 9   DG  D C4    1 
ATOM   714 P  P     . DT  D 4 10 ? 5.139   4.257   1.122   1.00 74.14  ? 10  DT  D P     1 
ATOM   715 O  OP1   . DT  D 4 10 ? 5.888   4.813   -0.029  1.00 80.68  ? 10  DT  D OP1   1 
ATOM   716 O  OP2   . DT  D 4 10 ? 4.519   2.918   1.024   1.00 81.31  ? 10  DT  D OP2   1 
ATOM   717 O  "O5'" . DT  D 4 10 ? 6.089   4.246   2.404   1.00 77.25  ? 10  DT  D "O5'" 1 
ATOM   718 C  "C5'" . DT  D 4 10 ? 7.154   5.187   2.510   1.00 80.98  ? 10  DT  D "C5'" 1 
ATOM   719 C  "C4'" . DT  D 4 10 ? 8.299   4.601   3.311   1.00 82.71  ? 10  DT  D "C4'" 1 
ATOM   720 O  "O4'" . DT  D 4 10 ? 7.811   4.201   4.609   1.00 78.19  ? 10  DT  D "O4'" 1 
ATOM   721 C  "C3'" . DT  D 4 10 ? 8.898   3.336   2.732   1.00 84.09  ? 10  DT  D "C3'" 1 
ATOM   722 O  "O3'" . DT  D 4 10 ? 9.887   3.657   1.765   1.00 91.44  ? 10  DT  D "O3'" 1 
ATOM   723 C  "C2'" . DT  D 4 10 ? 9.518   2.679   3.961   1.00 81.60  ? 10  DT  D "C2'" 1 
ATOM   724 C  "C1'" . DT  D 4 10 ? 8.578   3.111   5.089   1.00 73.82  ? 10  DT  D "C1'" 1 
ATOM   725 N  N1    . DT  D 4 10 ? 7.655   2.036   5.544   1.00 69.62  ? 10  DT  D N1    1 
ATOM   726 C  C2    . DT  D 4 10 ? 8.147   1.013   6.319   1.00 75.37  ? 10  DT  D C2    1 
ATOM   727 O  O2    . DT  D 4 10 ? 9.315   0.931   6.652   1.00 83.31  ? 10  DT  D O2    1 
ATOM   728 N  N3    . DT  D 4 10 ? 7.216   0.079   6.693   1.00 74.77  ? 10  DT  D N3    1 
ATOM   729 C  C4    . DT  D 4 10 ? 5.872   0.066   6.378   1.00 74.20  ? 10  DT  D C4    1 
ATOM   730 O  O4    . DT  D 4 10 ? 5.112   -0.822  6.763   1.00 75.28  ? 10  DT  D O4    1 
ATOM   731 C  C5    . DT  D 4 10 ? 5.422   1.171   5.565   1.00 72.96  ? 10  DT  D C5    1 
ATOM   732 C  C7    . DT  D 4 10 ? 3.985   1.269   5.157   1.00 76.04  ? 10  DT  D C7    1 
ATOM   733 C  C6    . DT  D 4 10 ? 6.325   2.091   5.193   1.00 69.85  ? 10  DT  D C6    1 
ATOM   734 P  P     . DG  D 4 11 ? 10.219  2.615   0.589   1.00 96.57  ? 11  DG  D P     1 
ATOM   735 O  OP1   . DG  D 4 11 ? 11.155  3.276   -0.350  1.00 90.00  ? 11  DG  D OP1   1 
ATOM   736 O  OP2   . DG  D 4 11 ? 8.918   2.092   0.112   1.00 89.85  ? 11  DG  D OP2   1 
ATOM   737 O  "O5'" . DG  D 4 11 ? 10.968  1.410   1.332   1.00 93.30  ? 11  DG  D "O5'" 1 
ATOM   738 C  "C5'" . DG  D 4 11 ? 12.284  1.586   1.856   1.00 94.96  ? 11  DG  D "C5'" 1 
ATOM   739 C  "C4'" . DG  D 4 11 ? 12.645  0.436   2.778   1.00 95.53  ? 11  DG  D "C4'" 1 
ATOM   740 O  "O4'" . DG  D 4 11 ? 11.556  0.211   3.689   1.00 89.42  ? 11  DG  D "O4'" 1 
ATOM   741 C  "C3'" . DG  D 4 11 ? 12.843  -0.904  2.088   1.00 102.06 ? 11  DG  D "C3'" 1 
ATOM   742 O  "O3'" . DG  D 4 11 ? 14.205  -1.063  1.720   1.00 115.99 ? 11  DG  D "O3'" 1 
ATOM   743 C  "C2'" . DG  D 4 11 ? 12.438  -1.929  3.157   1.00 100.92 ? 11  DG  D "C2'" 1 
ATOM   744 C  "C1'" . DG  D 4 11 ? 11.605  -1.119  4.152   1.00 90.47  ? 11  DG  D "C1'" 1 
ATOM   745 N  N9    . DG  D 4 11 ? 10.242  -1.607  4.299   1.00 86.79  ? 11  DG  D N9    1 
ATOM   746 C  C8    . DG  D 4 11 ? 9.119   -1.116  3.681   1.00 84.81  ? 11  DG  D C8    1 
ATOM   747 N  N7    . DG  D 4 11 ? 8.029   -1.748  4.010   1.00 81.38  ? 11  DG  D N7    1 
ATOM   748 C  C5    . DG  D 4 11 ? 8.453   -2.720  4.903   1.00 83.76  ? 11  DG  D C5    1 
ATOM   749 C  C6    . DG  D 4 11 ? 7.715   -3.706  5.594   1.00 86.43  ? 11  DG  D C6    1 
ATOM   750 O  O6    . DG  D 4 11 ? 6.496   -3.923  5.551   1.00 88.43  ? 11  DG  D O6    1 
ATOM   751 N  N1    . DG  D 4 11 ? 8.533   -4.489  6.404   1.00 93.11  ? 11  DG  D N1    1 
ATOM   752 C  C2    . DG  D 4 11 ? 9.896   -4.337  6.529   1.00 96.47  ? 11  DG  D C2    1 
ATOM   753 N  N2    . DG  D 4 11 ? 10.516  -5.189  7.361   1.00 102.16 ? 11  DG  D N2    1 
ATOM   754 N  N3    . DG  D 4 11 ? 10.602  -3.414  5.885   1.00 90.64  ? 11  DG  D N3    1 
ATOM   755 C  C4    . DG  D 4 11 ? 9.817   -2.645  5.093   1.00 87.67  ? 11  DG  D C4    1 
ATOM   756 P  P     . DT  D 4 12 ? 14.632  -2.223  0.694   1.00 118.55 ? 12  DT  D P     1 
ATOM   757 O  OP1   . DT  D 4 12 ? 15.989  -1.910  0.194   1.00 118.93 ? 12  DT  D OP1   1 
ATOM   758 O  OP2   . DT  D 4 12 ? 13.510  -2.403  -0.254  1.00 108.41 ? 12  DT  D OP2   1 
ATOM   759 O  "O5'" . DT  D 4 12 ? 14.697  -3.540  1.596   1.00 111.37 ? 12  DT  D "O5'" 1 
ATOM   760 C  "C5'" . DT  D 4 12 ? 15.498  -3.564  2.771   1.00 110.21 ? 12  DT  D "C5'" 1 
ATOM   761 C  "C4'" . DT  D 4 12 ? 15.241  -4.837  3.552   1.00 112.00 ? 12  DT  D "C4'" 1 
ATOM   762 O  "O4'" . DT  D 4 12 ? 13.849  -4.884  3.944   1.00 101.50 ? 12  DT  D "O4'" 1 
ATOM   763 C  "C3'" . DT  D 4 12 ? 15.517  -6.130  2.777   1.00 118.01 ? 12  DT  D "C3'" 1 
ATOM   764 O  "O3'" . DT  D 4 12 ? 16.370  -6.974  3.530   1.00 133.70 ? 12  DT  D "O3'" 1 
ATOM   765 C  "C2'" . DT  D 4 12 ? 14.134  -6.758  2.578   1.00 112.60 ? 12  DT  D "C2'" 1 
ATOM   766 C  "C1'" . DT  D 4 12 ? 13.345  -6.182  3.741   1.00 105.12 ? 12  DT  D "C1'" 1 
ATOM   767 N  N1    . DT  D 4 12 ? 11.887  -6.073  3.469   1.00 100.74 ? 12  DT  D N1    1 
ATOM   768 C  C2    . DT  D 4 12 ? 11.009  -6.847  4.188   1.00 102.64 ? 12  DT  D C2    1 
ATOM   769 O  O2    . DT  D 4 12 ? 11.363  -7.630  5.050   1.00 108.66 ? 12  DT  D O2    1 
ATOM   770 N  N3    . DT  D 4 12 ? 9.688   -6.670  3.863   1.00 99.06  ? 12  DT  D N3    1 
ATOM   771 C  C4    . DT  D 4 12 ? 9.173   -5.814  2.909   1.00 95.11  ? 12  DT  D C4    1 
ATOM   772 O  O4    . DT  D 4 12 ? 7.966   -5.727  2.686   1.00 92.17  ? 12  DT  D O4    1 
ATOM   773 C  C5    . DT  D 4 12 ? 10.150  -5.030  2.191   1.00 92.39  ? 12  DT  D C5    1 
ATOM   774 C  C7    . DT  D 4 12 ? 9.714   -4.068  1.133   1.00 86.87  ? 12  DT  D C7    1 
ATOM   775 C  C6    . DT  D 4 12 ? 11.444  -5.197  2.503   1.00 96.01  ? 12  DT  D C6    1 
ATOM   776 P  P     . DC  D 4 13 ? 16.979  -8.300  2.859   1.00 130.85 ? 13  DC  D P     1 
ATOM   777 O  OP1   . DC  D 4 13 ? 18.306  -8.539  3.466   1.00 131.22 ? 13  DC  D OP1   1 
ATOM   778 O  OP2   . DC  D 4 13 ? 16.855  -8.154  1.392   1.00 133.47 ? 13  DC  D OP2   1 
ATOM   779 O  "O5'" . DC  D 4 13 ? 15.979  -9.457  3.321   1.00 115.84 ? 13  DC  D "O5'" 1 
ATOM   780 C  "C5'" . DC  D 4 13 ? 15.805  -9.718  4.700   1.00 119.50 ? 13  DC  D "C5'" 1 
ATOM   781 C  "C4'" . DC  D 4 13 ? 14.774  -10.808 4.916   1.00 131.56 ? 13  DC  D "C4'" 1 
ATOM   782 O  "O4'" . DC  D 4 13 ? 13.460  -10.316 4.566   1.00 127.67 ? 13  DC  D "O4'" 1 
ATOM   783 C  "C3'" . DC  D 4 13 ? 14.985  -12.089 4.098   1.00 142.50 ? 13  DC  D "C3'" 1 
ATOM   784 O  "O3'" . DC  D 4 13 ? 14.982  -13.210 4.984   1.00 161.77 ? 13  DC  D "O3'" 1 
ATOM   785 C  "C2'" . DC  D 4 13 ? 13.782  -12.111 3.136   1.00 140.05 ? 13  DC  D "C2'" 1 
ATOM   786 C  "C1'" . DC  D 4 13 ? 12.745  -11.357 3.949   1.00 130.31 ? 13  DC  D "C1'" 1 
ATOM   787 N  N1    . DC  D 4 13 ? 11.626  -10.747 3.163   1.00 123.75 ? 13  DC  D N1    1 
ATOM   788 C  C2    . DC  D 4 13 ? 10.302  -11.104 3.458   1.00 123.30 ? 13  DC  D C2    1 
ATOM   789 O  O2    . DC  D 4 13 ? 10.087  -11.947 4.339   1.00 127.15 ? 13  DC  D O2    1 
ATOM   790 N  N3    . DC  D 4 13 ? 9.293   -10.525 2.762   1.00 118.68 ? 13  DC  D N3    1 
ATOM   791 C  C4    . DC  D 4 13 ? 9.565   -9.619  1.820   1.00 113.79 ? 13  DC  D C4    1 
ATOM   792 N  N4    . DC  D 4 13 ? 8.534   -9.078  1.161   1.00 116.35 ? 13  DC  D N4    1 
ATOM   793 C  C5    . DC  D 4 13 ? 10.904  -9.231  1.512   1.00 113.65 ? 13  DC  D C5    1 
ATOM   794 C  C6    . DC  D 4 13 ? 11.894  -9.809  2.206   1.00 117.01 ? 13  DC  D C6    1 
ATOM   795 P  P     . DT  D 4 14 ? 15.409  -14.671 4.470   1.00 159.48 ? 14  DT  D P     1 
ATOM   796 O  OP1   . DT  D 4 14 ? 16.053  -15.373 5.602   1.00 160.45 ? 14  DT  D OP1   1 
ATOM   797 O  OP2   . DT  D 4 14 ? 16.140  -14.512 3.195   1.00 159.78 ? 14  DT  D OP2   1 
ATOM   798 O  "O5'" . DT  D 4 14 ? 14.012  -15.385 4.160   1.00 152.79 ? 14  DT  D "O5'" 1 
ATOM   799 C  "C5'" . DT  D 4 14 ? 12.996  -15.434 5.159   1.00 150.04 ? 14  DT  D "C5'" 1 
ATOM   800 C  "C4'" . DT  D 4 14 ? 11.790  -16.206 4.657   1.00 157.49 ? 14  DT  D "C4'" 1 
ATOM   801 O  "O4'" . DT  D 4 14 ? 10.892  -15.304 3.951   1.00 150.17 ? 14  DT  D "O4'" 1 
ATOM   802 C  "C3'" . DT  D 4 14 ? 12.113  -17.333 3.674   1.00 169.08 ? 14  DT  D "C3'" 1 
ATOM   803 O  "O3'" . DT  D 4 14 ? 11.288  -18.472 3.936   1.00 195.10 ? 14  DT  D "O3'" 1 
ATOM   804 C  "C2'" . DT  D 4 14 ? 11.788  -16.705 2.322   1.00 161.19 ? 14  DT  D "C2'" 1 
ATOM   805 C  "C1'" . DT  D 4 14 ? 10.588  -15.849 2.686   1.00 151.34 ? 14  DT  D "C1'" 1 
ATOM   806 N  N1    . DT  D 4 14 ? 10.313  -14.733 1.720   1.00 143.11 ? 14  DT  D N1    1 
ATOM   807 C  C2    . DT  D 4 14 ? 9.011   -14.352 1.491   1.00 138.07 ? 14  DT  D C2    1 
ATOM   808 O  O2    . DT  D 4 14 ? 8.056   -14.874 2.041   1.00 140.49 ? 14  DT  D O2    1 
ATOM   809 N  N3    . DT  D 4 14 ? 8.861   -13.326 0.592   1.00 137.88 ? 14  DT  D N3    1 
ATOM   810 C  C4    . DT  D 4 14 ? 9.862   -12.659 -0.090  1.00 132.04 ? 14  DT  D C4    1 
ATOM   811 O  O4    . DT  D 4 14 ? 9.626   -11.746 -0.880  1.00 128.40 ? 14  DT  D O4    1 
ATOM   812 C  C5    . DT  D 4 14 ? 11.205  -13.109 0.192   1.00 130.15 ? 14  DT  D C5    1 
ATOM   813 C  C7    . DT  D 4 14 ? 12.373  -12.460 -0.487  1.00 124.18 ? 14  DT  D C7    1 
ATOM   814 C  C6    . DT  D 4 14 ? 11.364  -14.114 1.071   1.00 136.36 ? 14  DT  D C6    1 
ATOM   815 P  P     . DG  D 4 15 ? 11.767  -19.939 3.480   1.00 183.60 ? 15  DG  D P     1 
ATOM   816 O  OP1   . DG  D 4 15 ? 12.489  -20.556 4.616   1.00 192.31 ? 15  DG  D OP1   1 
ATOM   817 O  OP2   . DG  D 4 15 ? 12.428  -19.813 2.162   1.00 176.22 ? 15  DG  D OP2   1 
ATOM   818 O  "O5'" . DG  D 4 15 ? 10.407  -20.749 3.258   1.00 175.77 ? 15  DG  D "O5'" 1 
ATOM   819 C  "C5'" . DG  D 4 15 ? 9.437   -20.830 4.294   1.00 174.30 ? 15  DG  D "C5'" 1 
ATOM   820 C  "C4'" . DG  D 4 15 ? 8.042   -20.878 3.700   1.00 172.66 ? 15  DG  D "C4'" 1 
ATOM   821 O  "O4'" . DG  D 4 15 ? 7.785   -19.634 3.005   1.00 171.22 ? 15  DG  D "O4'" 1 
ATOM   822 C  "C3'" . DG  D 4 15 ? 7.810   -22.008 2.693   1.00 171.09 ? 15  DG  D "C3'" 1 
ATOM   823 O  "O3'" . DG  D 4 15 ? 6.581   -22.742 2.999   1.00 178.49 ? 15  DG  D "O3'" 1 
ATOM   824 C  "C2'" . DG  D 4 15 ? 7.809   -21.323 1.325   1.00 165.95 ? 15  DG  D "C2'" 1 
ATOM   825 C  "C1'" . DG  D 4 15 ? 7.518   -19.857 1.636   1.00 159.01 ? 15  DG  D "C1'" 1 
ATOM   826 N  N9    . DG  D 4 15 ? 8.342   -18.946 0.851   1.00 151.59 ? 15  DG  D N9    1 
ATOM   827 C  C8    . DG  D 4 15 ? 9.710   -18.972 0.729   1.00 150.29 ? 15  DG  D C8    1 
ATOM   828 N  N7    . DG  D 4 15 ? 10.181  -18.042 -0.053  1.00 147.36 ? 15  DG  D N7    1 
ATOM   829 C  C5    . DG  D 4 15 ? 9.054   -17.350 -0.476  1.00 144.07 ? 15  DG  D C5    1 
ATOM   830 C  C6    . DG  D 4 15 ? 8.940   -16.232 -1.339  1.00 137.48 ? 15  DG  D C6    1 
ATOM   831 O  O6    . DG  D 4 15 ? 9.845   -15.611 -1.916  1.00 134.53 ? 15  DG  D O6    1 
ATOM   832 N  N1    . DG  D 4 15 ? 7.611   -15.846 -1.506  1.00 132.73 ? 15  DG  D N1    1 
ATOM   833 C  C2    . DG  D 4 15 ? 6.529   -16.462 -0.915  1.00 133.54 ? 15  DG  D C2    1 
ATOM   834 N  N2    . DG  D 4 15 ? 5.325   -15.946 -1.197  1.00 128.48 ? 15  DG  D N2    1 
ATOM   835 N  N3    . DG  D 4 15 ? 6.624   -17.511 -0.104  1.00 140.63 ? 15  DG  D N3    1 
ATOM   836 C  C4    . DG  D 4 15 ? 7.911   -17.899 0.070   1.00 144.02 ? 15  DG  D C4    1 
ATOM   837 P  P     . DC  D 4 16 ? 5.242   -22.637 2.103   1.00 185.78 ? 16  DC  D P     1 
ATOM   838 O  OP1   . DC  D 4 16 ? 4.785   -21.229 2.123   1.00 180.89 ? 16  DC  D OP1   1 
ATOM   839 O  OP2   . DC  D 4 16 ? 4.324   -23.677 2.617   1.00 182.67 ? 16  DC  D OP2   1 
ATOM   840 O  "O5'" . DC  D 4 16 ? 5.673   -23.119 0.632   1.00 161.58 ? 16  DC  D "O5'" 1 
ATOM   841 C  "C5'" . DC  D 4 16 ? 4.692   -23.318 -0.393  1.00 151.97 ? 16  DC  D "C5'" 1 
ATOM   842 C  "C4'" . DC  D 4 16 ? 3.934   -22.034 -0.687  1.00 143.06 ? 16  DC  D "C4'" 1 
ATOM   843 O  "O4'" . DC  D 4 16 ? 4.866   -20.962 -0.973  1.00 139.95 ? 16  DC  D "O4'" 1 
ATOM   844 C  "C3'" . DC  D 4 16 ? 2.976   -22.099 -1.882  1.00 139.29 ? 16  DC  D "C3'" 1 
ATOM   845 O  "O3'" . DC  D 4 16 ? 1.674   -21.691 -1.480  1.00 136.92 ? 16  DC  D "O3'" 1 
ATOM   846 C  "C2'" . DC  D 4 16 ? 3.583   -21.124 -2.899  1.00 130.16 ? 16  DC  D "C2'" 1 
ATOM   847 C  "C1'" . DC  D 4 16 ? 4.328   -20.161 -1.992  1.00 135.68 ? 16  DC  D "C1'" 1 
ATOM   848 N  N1    . DC  D 4 16 ? 5.445   -19.431 -2.666  1.00 133.30 ? 16  DC  D N1    1 
ATOM   849 C  C2    . DC  D 4 16 ? 5.163   -18.337 -3.498  1.00 129.31 ? 16  DC  D C2    1 
ATOM   850 O  O2    . DC  D 4 16 ? 3.986   -17.994 -3.672  1.00 126.82 ? 16  DC  D O2    1 
ATOM   851 N  N3    . DC  D 4 16 ? 6.195   -17.685 -4.093  1.00 128.65 ? 16  DC  D N3    1 
ATOM   852 C  C4    . DC  D 4 16 ? 7.452   -18.084 -3.882  1.00 129.89 ? 16  DC  D C4    1 
ATOM   853 N  N4    . DC  D 4 16 ? 8.435   -17.409 -4.490  1.00 127.29 ? 16  DC  D N4    1 
ATOM   854 C  C5    . DC  D 4 16 ? 7.757   -19.192 -3.037  1.00 133.89 ? 16  DC  D C5    1 
ATOM   855 C  C6    . DC  D 4 16 ? 6.734   -19.828 -2.453  1.00 134.10 ? 16  DC  D C6    1 
HETATM 856 AS AS    . CAC E 5 .  ? 3.540   13.308  6.757   1.00 151.43 ? 101 CAC C AS    1 
HETATM 857 AS AS    . CAC F 5 .  ? 3.345   -2.382  3.028   1.00 209.00 ? 101 CAC D AS    1 
HETATM 858 AS AS    . CAC G 5 .  ? -5.306  8.502   7.014   1.00 178.03 ? 102 CAC D AS    1 
# 
loop_
_pdbx_poly_seq_scheme.asym_id 
_pdbx_poly_seq_scheme.entity_id 
_pdbx_poly_seq_scheme.seq_id 
_pdbx_poly_seq_scheme.mon_id 
_pdbx_poly_seq_scheme.ndb_seq_num 
_pdbx_poly_seq_scheme.pdb_seq_num 
_pdbx_poly_seq_scheme.auth_seq_num 
_pdbx_poly_seq_scheme.pdb_mon_id 
_pdbx_poly_seq_scheme.auth_mon_id 
_pdbx_poly_seq_scheme.pdb_strand_id 
_pdbx_poly_seq_scheme.pdb_ins_code 
_pdbx_poly_seq_scheme.hetero 
A 1 1  DG 1  1  1  DG DG A . n 
A 1 2  DA 2  2  2  DA DA A . n 
A 1 3  DG 3  3  3  DG DG A . n 
A 1 4  DC 4  4  4  DC DC A . n 
A 1 5  DA 5  5  5  DA DA A . n 
A 1 6  DG 6  6  6  DG DG A . n 
A 1 7  DA 7  7  7  DA DA A . n 
A 1 8  DC 8  8  8  DC DC A . n 
A 1 9  DA 9  9  9  DA DA A . n 
A 1 10 DT 10 10 10 DT DT A . n 
A 1 11 DG 11 11 11 DG DG A . n 
B 2 1  DA 1  12 12 DA DA B . n 
B 2 2  DC 2  13 13 DC DC B . n 
B 2 3  DT 3  14 14 DT DT B . n 
B 2 4  DC 4  15 15 DC DC B . n 
B 2 5  DC 5  16 16 DC DC B . n 
B 2 6  DA 6  17 17 DA DA B . n 
B 2 7  DC 7  18 18 DC DC B . n 
B 2 8  DT 8  19 19 DT DT B . n 
B 2 9  DC 9  20 20 DC DC B . n 
B 2 10 DA 10 21 21 DA DA B . n 
C 3 1  DC 1  1  1  DC DC C . n 
C 3 2  DA 2  2  2  DA DA C . n 
C 3 3  DA 3  3  3  DA DA C . n 
C 3 4  DG 4  4  4  DG DG C . n 
C 3 5  DT 5  5  5  DT DT C . n 
D 4 1  DT 1  1  1  DT DT D . n 
D 4 2  DC 2  2  2  DC DC D . n 
D 4 3  DT 3  3  3  DT DT D . n 
D 4 4  DG 4  4  4  DG DG D . n 
D 4 5  DA 5  5  5  DA DA D . n 
D 4 6  DG 6  6  6  DG DG D . n 
D 4 7  DT 7  7  7  DT DT D . n 
D 4 8  DG 8  8  8  DG DG D . n 
D 4 9  DG 9  9  9  DG DG D . n 
D 4 10 DT 10 10 10 DT DT D . n 
D 4 11 DG 11 11 11 DG DG D . n 
D 4 12 DT 12 12 12 DT DT D . n 
D 4 13 DC 13 13 13 DC DC D . n 
D 4 14 DT 14 14 14 DT DT D . n 
D 4 15 DG 15 15 15 DG DG D . n 
D 4 16 DC 16 16 16 DC DC D . n 
# 
loop_
_pdbx_nonpoly_scheme.asym_id 
_pdbx_nonpoly_scheme.entity_id 
_pdbx_nonpoly_scheme.mon_id 
_pdbx_nonpoly_scheme.ndb_seq_num 
_pdbx_nonpoly_scheme.pdb_seq_num 
_pdbx_nonpoly_scheme.auth_seq_num 
_pdbx_nonpoly_scheme.pdb_mon_id 
_pdbx_nonpoly_scheme.auth_mon_id 
_pdbx_nonpoly_scheme.pdb_strand_id 
_pdbx_nonpoly_scheme.pdb_ins_code 
E 5 CAC 1 101 2 CAC AS C . 
F 5 CAC 1 101 1 CAC AS D . 
G 5 CAC 1 102 3 CAC AS D . 
# 
_pdbx_struct_assembly.id                   1 
_pdbx_struct_assembly.details              author_and_software_defined_assembly 
_pdbx_struct_assembly.method_details       PISA 
_pdbx_struct_assembly.oligomeric_details   tetrameric 
_pdbx_struct_assembly.oligomeric_count     4 
# 
_pdbx_struct_assembly_gen.assembly_id       1 
_pdbx_struct_assembly_gen.oper_expression   1 
_pdbx_struct_assembly_gen.asym_id_list      A,B,C,D,E,F,G 
# 
loop_
_pdbx_struct_assembly_prop.biol_id 
_pdbx_struct_assembly_prop.type 
_pdbx_struct_assembly_prop.value 
_pdbx_struct_assembly_prop.details 
1 'ABSA (A^2)' 2720 ? 
1 MORE         -14  ? 
1 'SSA (A^2)'  7990 ? 
# 
_pdbx_struct_oper_list.id                   1 
_pdbx_struct_oper_list.type                 'identity operation' 
_pdbx_struct_oper_list.name                 1_555 
_pdbx_struct_oper_list.symmetry_operation   x,y,z 
_pdbx_struct_oper_list.matrix[1][1]         1.0000000000 
_pdbx_struct_oper_list.matrix[1][2]         0.0000000000 
_pdbx_struct_oper_list.matrix[1][3]         0.0000000000 
_pdbx_struct_oper_list.vector[1]            0.0000000000 
_pdbx_struct_oper_list.matrix[2][1]         0.0000000000 
_pdbx_struct_oper_list.matrix[2][2]         1.0000000000 
_pdbx_struct_oper_list.matrix[2][3]         0.0000000000 
_pdbx_struct_oper_list.vector[2]            0.0000000000 
_pdbx_struct_oper_list.matrix[3][1]         0.0000000000 
_pdbx_struct_oper_list.matrix[3][2]         0.0000000000 
_pdbx_struct_oper_list.matrix[3][3]         1.0000000000 
_pdbx_struct_oper_list.vector[3]            0.0000000000 
# 
loop_
_pdbx_audit_revision_history.ordinal 
_pdbx_audit_revision_history.data_content_type 
_pdbx_audit_revision_history.major_revision 
_pdbx_audit_revision_history.minor_revision 
_pdbx_audit_revision_history.revision_date 
1 'Structure model' 1 0 2021-07-14 
2 'Structure model' 1 1 2022-07-06 
3 'Structure model' 1 2 2023-10-18 
# 
_pdbx_audit_revision_details.ordinal             1 
_pdbx_audit_revision_details.revision_ordinal    1 
_pdbx_audit_revision_details.data_content_type   'Structure model' 
_pdbx_audit_revision_details.provider            repository 
_pdbx_audit_revision_details.type                'Initial release' 
_pdbx_audit_revision_details.description         ? 
_pdbx_audit_revision_details.details             ? 
# 
loop_
_pdbx_audit_revision_group.ordinal 
_pdbx_audit_revision_group.revision_ordinal 
_pdbx_audit_revision_group.data_content_type 
_pdbx_audit_revision_group.group 
1 2 'Structure model' 'Database references'    
2 3 'Structure model' 'Data collection'        
3 3 'Structure model' 'Refinement description' 
# 
loop_
_pdbx_audit_revision_category.ordinal 
_pdbx_audit_revision_category.revision_ordinal 
_pdbx_audit_revision_category.data_content_type 
_pdbx_audit_revision_category.category 
1 2 'Structure model' citation                      
2 2 'Structure model' citation_author               
3 2 'Structure model' database_2                    
4 3 'Structure model' chem_comp_atom                
5 3 'Structure model' chem_comp_bond                
6 3 'Structure model' pdbx_initial_refinement_model 
# 
loop_
_pdbx_audit_revision_item.ordinal 
_pdbx_audit_revision_item.revision_ordinal 
_pdbx_audit_revision_item.data_content_type 
_pdbx_audit_revision_item.item 
1  2 'Structure model' '_citation.country'                   
2  2 'Structure model' '_citation.journal_abbrev'            
3  2 'Structure model' '_citation.journal_id_CSD'            
4  2 'Structure model' '_citation.journal_id_ISSN'           
5  2 'Structure model' '_citation.journal_volume'            
6  2 'Structure model' '_citation.page_first'                
7  2 'Structure model' '_citation.page_last'                 
8  2 'Structure model' '_citation.pdbx_database_id_DOI'      
9  2 'Structure model' '_citation.pdbx_database_id_PubMed'   
10 2 'Structure model' '_citation.title'                     
11 2 'Structure model' '_citation.year'                      
12 2 'Structure model' '_database_2.pdbx_DOI'                
13 2 'Structure model' '_database_2.pdbx_database_accession' 
# 
loop_
_software.citation_id 
_software.classification 
_software.compiler_name 
_software.compiler_version 
_software.contact_author 
_software.contact_author_email 
_software.date 
_software.description 
_software.dependencies 
_software.hardware 
_software.language 
_software.location 
_software.mods 
_software.name 
_software.os 
_software.os_version 
_software.type 
_software.version 
_software.pdbx_ordinal 
? 'data reduction'  ? ? ? ? ? ? ? ? ? ? ? HKL-2000    ? ? ? .           1 
? 'data scaling'    ? ? ? ? ? ? ? ? ? ? ? HKL-2000    ? ? ? .           2 
? refinement        ? ? ? ? ? ? ? ? ? ? ? PHENIX      ? ? ? 1.11.1_2575 3 
? 'data extraction' ? ? ? ? ? ? ? ? ? ? ? PDB_EXTRACT ? ? ? 3.25        4 
? phasing           ? ? ? ? ? ? ? ? ? ? ? PHASER      ? ? ? .           5 
# 
_pdbx_entry_details.entry_id                 6XFY 
_pdbx_entry_details.has_ligand_of_interest   N 
_pdbx_entry_details.compound_details         ? 
_pdbx_entry_details.source_details           ? 
_pdbx_entry_details.nonpolymer_details       ? 
_pdbx_entry_details.sequence_details         ? 
# 
loop_
_pdbx_unobs_or_zero_occ_atoms.id 
_pdbx_unobs_or_zero_occ_atoms.PDB_model_num 
_pdbx_unobs_or_zero_occ_atoms.polymer_flag 
_pdbx_unobs_or_zero_occ_atoms.occupancy_flag 
_pdbx_unobs_or_zero_occ_atoms.auth_asym_id 
_pdbx_unobs_or_zero_occ_atoms.auth_comp_id 
_pdbx_unobs_or_zero_occ_atoms.auth_seq_id 
_pdbx_unobs_or_zero_occ_atoms.PDB_ins_code 
_pdbx_unobs_or_zero_occ_atoms.auth_atom_id 
_pdbx_unobs_or_zero_occ_atoms.label_alt_id 
_pdbx_unobs_or_zero_occ_atoms.label_asym_id 
_pdbx_unobs_or_zero_occ_atoms.label_comp_id 
_pdbx_unobs_or_zero_occ_atoms.label_seq_id 
_pdbx_unobs_or_zero_occ_atoms.label_atom_id 
1  1 N 1 C CAC 101 ? O1 ? E CAC 1 O1 
2  1 N 1 C CAC 101 ? O2 ? E CAC 1 O2 
3  1 N 1 C CAC 101 ? C1 ? E CAC 1 C1 
4  1 N 1 C CAC 101 ? C2 ? E CAC 1 C2 
5  1 N 1 D CAC 101 ? O1 ? F CAC 1 O1 
6  1 N 1 D CAC 101 ? O2 ? F CAC 1 O2 
7  1 N 1 D CAC 101 ? C1 ? F CAC 1 C1 
8  1 N 1 D CAC 101 ? C2 ? F CAC 1 C2 
9  1 N 1 D CAC 102 ? O1 ? G CAC 1 O1 
10 1 N 1 D CAC 102 ? O2 ? G CAC 1 O2 
11 1 N 1 D CAC 102 ? C1 ? G CAC 1 C1 
12 1 N 1 D CAC 102 ? C2 ? G CAC 1 C2 
# 
loop_
_chem_comp_atom.comp_id 
_chem_comp_atom.atom_id 
_chem_comp_atom.type_symbol 
_chem_comp_atom.pdbx_aromatic_flag 
_chem_comp_atom.pdbx_stereo_config 
_chem_comp_atom.pdbx_ordinal 
CAC AS     AS N N 1   
CAC O1     O  N N 2   
CAC O2     O  N N 3   
CAC C1     C  N N 4   
CAC C2     C  N N 5   
CAC H11    H  N N 6   
CAC H12    H  N N 7   
CAC H13    H  N N 8   
CAC H21    H  N N 9   
CAC H22    H  N N 10  
CAC H23    H  N N 11  
DA  OP3    O  N N 12  
DA  P      P  N N 13  
DA  OP1    O  N N 14  
DA  OP2    O  N N 15  
DA  "O5'"  O  N N 16  
DA  "C5'"  C  N N 17  
DA  "C4'"  C  N R 18  
DA  "O4'"  O  N N 19  
DA  "C3'"  C  N S 20  
DA  "O3'"  O  N N 21  
DA  "C2'"  C  N N 22  
DA  "C1'"  C  N R 23  
DA  N9     N  Y N 24  
DA  C8     C  Y N 25  
DA  N7     N  Y N 26  
DA  C5     C  Y N 27  
DA  C6     C  Y N 28  
DA  N6     N  N N 29  
DA  N1     N  Y N 30  
DA  C2     C  Y N 31  
DA  N3     N  Y N 32  
DA  C4     C  Y N 33  
DA  HOP3   H  N N 34  
DA  HOP2   H  N N 35  
DA  "H5'"  H  N N 36  
DA  "H5''" H  N N 37  
DA  "H4'"  H  N N 38  
DA  "H3'"  H  N N 39  
DA  "HO3'" H  N N 40  
DA  "H2'"  H  N N 41  
DA  "H2''" H  N N 42  
DA  "H1'"  H  N N 43  
DA  H8     H  N N 44  
DA  H61    H  N N 45  
DA  H62    H  N N 46  
DA  H2     H  N N 47  
DC  OP3    O  N N 48  
DC  P      P  N N 49  
DC  OP1    O  N N 50  
DC  OP2    O  N N 51  
DC  "O5'"  O  N N 52  
DC  "C5'"  C  N N 53  
DC  "C4'"  C  N R 54  
DC  "O4'"  O  N N 55  
DC  "C3'"  C  N S 56  
DC  "O3'"  O  N N 57  
DC  "C2'"  C  N N 58  
DC  "C1'"  C  N R 59  
DC  N1     N  N N 60  
DC  C2     C  N N 61  
DC  O2     O  N N 62  
DC  N3     N  N N 63  
DC  C4     C  N N 64  
DC  N4     N  N N 65  
DC  C5     C  N N 66  
DC  C6     C  N N 67  
DC  HOP3   H  N N 68  
DC  HOP2   H  N N 69  
DC  "H5'"  H  N N 70  
DC  "H5''" H  N N 71  
DC  "H4'"  H  N N 72  
DC  "H3'"  H  N N 73  
DC  "HO3'" H  N N 74  
DC  "H2'"  H  N N 75  
DC  "H2''" H  N N 76  
DC  "H1'"  H  N N 77  
DC  H41    H  N N 78  
DC  H42    H  N N 79  
DC  H5     H  N N 80  
DC  H6     H  N N 81  
DG  OP3    O  N N 82  
DG  P      P  N N 83  
DG  OP1    O  N N 84  
DG  OP2    O  N N 85  
DG  "O5'"  O  N N 86  
DG  "C5'"  C  N N 87  
DG  "C4'"  C  N R 88  
DG  "O4'"  O  N N 89  
DG  "C3'"  C  N S 90  
DG  "O3'"  O  N N 91  
DG  "C2'"  C  N N 92  
DG  "C1'"  C  N R 93  
DG  N9     N  Y N 94  
DG  C8     C  Y N 95  
DG  N7     N  Y N 96  
DG  C5     C  Y N 97  
DG  C6     C  N N 98  
DG  O6     O  N N 99  
DG  N1     N  N N 100 
DG  C2     C  N N 101 
DG  N2     N  N N 102 
DG  N3     N  N N 103 
DG  C4     C  Y N 104 
DG  HOP3   H  N N 105 
DG  HOP2   H  N N 106 
DG  "H5'"  H  N N 107 
DG  "H5''" H  N N 108 
DG  "H4'"  H  N N 109 
DG  "H3'"  H  N N 110 
DG  "HO3'" H  N N 111 
DG  "H2'"  H  N N 112 
DG  "H2''" H  N N 113 
DG  "H1'"  H  N N 114 
DG  H8     H  N N 115 
DG  H1     H  N N 116 
DG  H21    H  N N 117 
DG  H22    H  N N 118 
DT  OP3    O  N N 119 
DT  P      P  N N 120 
DT  OP1    O  N N 121 
DT  OP2    O  N N 122 
DT  "O5'"  O  N N 123 
DT  "C5'"  C  N N 124 
DT  "C4'"  C  N R 125 
DT  "O4'"  O  N N 126 
DT  "C3'"  C  N S 127 
DT  "O3'"  O  N N 128 
DT  "C2'"  C  N N 129 
DT  "C1'"  C  N R 130 
DT  N1     N  N N 131 
DT  C2     C  N N 132 
DT  O2     O  N N 133 
DT  N3     N  N N 134 
DT  C4     C  N N 135 
DT  O4     O  N N 136 
DT  C5     C  N N 137 
DT  C7     C  N N 138 
DT  C6     C  N N 139 
DT  HOP3   H  N N 140 
DT  HOP2   H  N N 141 
DT  "H5'"  H  N N 142 
DT  "H5''" H  N N 143 
DT  "H4'"  H  N N 144 
DT  "H3'"  H  N N 145 
DT  "HO3'" H  N N 146 
DT  "H2'"  H  N N 147 
DT  "H2''" H  N N 148 
DT  "H1'"  H  N N 149 
DT  H3     H  N N 150 
DT  H71    H  N N 151 
DT  H72    H  N N 152 
DT  H73    H  N N 153 
DT  H6     H  N N 154 
# 
loop_
_chem_comp_bond.comp_id 
_chem_comp_bond.atom_id_1 
_chem_comp_bond.atom_id_2 
_chem_comp_bond.value_order 
_chem_comp_bond.pdbx_aromatic_flag 
_chem_comp_bond.pdbx_stereo_config 
_chem_comp_bond.pdbx_ordinal 
CAC AS    O1     doub N N 1   
CAC AS    O2     sing N N 2   
CAC AS    C1     sing N N 3   
CAC AS    C2     sing N N 4   
CAC C1    H11    sing N N 5   
CAC C1    H12    sing N N 6   
CAC C1    H13    sing N N 7   
CAC C2    H21    sing N N 8   
CAC C2    H22    sing N N 9   
CAC C2    H23    sing N N 10  
DA  OP3   P      sing N N 11  
DA  OP3   HOP3   sing N N 12  
DA  P     OP1    doub N N 13  
DA  P     OP2    sing N N 14  
DA  P     "O5'"  sing N N 15  
DA  OP2   HOP2   sing N N 16  
DA  "O5'" "C5'"  sing N N 17  
DA  "C5'" "C4'"  sing N N 18  
DA  "C5'" "H5'"  sing N N 19  
DA  "C5'" "H5''" sing N N 20  
DA  "C4'" "O4'"  sing N N 21  
DA  "C4'" "C3'"  sing N N 22  
DA  "C4'" "H4'"  sing N N 23  
DA  "O4'" "C1'"  sing N N 24  
DA  "C3'" "O3'"  sing N N 25  
DA  "C3'" "C2'"  sing N N 26  
DA  "C3'" "H3'"  sing N N 27  
DA  "O3'" "HO3'" sing N N 28  
DA  "C2'" "C1'"  sing N N 29  
DA  "C2'" "H2'"  sing N N 30  
DA  "C2'" "H2''" sing N N 31  
DA  "C1'" N9     sing N N 32  
DA  "C1'" "H1'"  sing N N 33  
DA  N9    C8     sing Y N 34  
DA  N9    C4     sing Y N 35  
DA  C8    N7     doub Y N 36  
DA  C8    H8     sing N N 37  
DA  N7    C5     sing Y N 38  
DA  C5    C6     sing Y N 39  
DA  C5    C4     doub Y N 40  
DA  C6    N6     sing N N 41  
DA  C6    N1     doub Y N 42  
DA  N6    H61    sing N N 43  
DA  N6    H62    sing N N 44  
DA  N1    C2     sing Y N 45  
DA  C2    N3     doub Y N 46  
DA  C2    H2     sing N N 47  
DA  N3    C4     sing Y N 48  
DC  OP3   P      sing N N 49  
DC  OP3   HOP3   sing N N 50  
DC  P     OP1    doub N N 51  
DC  P     OP2    sing N N 52  
DC  P     "O5'"  sing N N 53  
DC  OP2   HOP2   sing N N 54  
DC  "O5'" "C5'"  sing N N 55  
DC  "C5'" "C4'"  sing N N 56  
DC  "C5'" "H5'"  sing N N 57  
DC  "C5'" "H5''" sing N N 58  
DC  "C4'" "O4'"  sing N N 59  
DC  "C4'" "C3'"  sing N N 60  
DC  "C4'" "H4'"  sing N N 61  
DC  "O4'" "C1'"  sing N N 62  
DC  "C3'" "O3'"  sing N N 63  
DC  "C3'" "C2'"  sing N N 64  
DC  "C3'" "H3'"  sing N N 65  
DC  "O3'" "HO3'" sing N N 66  
DC  "C2'" "C1'"  sing N N 67  
DC  "C2'" "H2'"  sing N N 68  
DC  "C2'" "H2''" sing N N 69  
DC  "C1'" N1     sing N N 70  
DC  "C1'" "H1'"  sing N N 71  
DC  N1    C2     sing N N 72  
DC  N1    C6     sing N N 73  
DC  C2    O2     doub N N 74  
DC  C2    N3     sing N N 75  
DC  N3    C4     doub N N 76  
DC  C4    N4     sing N N 77  
DC  C4    C5     sing N N 78  
DC  N4    H41    sing N N 79  
DC  N4    H42    sing N N 80  
DC  C5    C6     doub N N 81  
DC  C5    H5     sing N N 82  
DC  C6    H6     sing N N 83  
DG  OP3   P      sing N N 84  
DG  OP3   HOP3   sing N N 85  
DG  P     OP1    doub N N 86  
DG  P     OP2    sing N N 87  
DG  P     "O5'"  sing N N 88  
DG  OP2   HOP2   sing N N 89  
DG  "O5'" "C5'"  sing N N 90  
DG  "C5'" "C4'"  sing N N 91  
DG  "C5'" "H5'"  sing N N 92  
DG  "C5'" "H5''" sing N N 93  
DG  "C4'" "O4'"  sing N N 94  
DG  "C4'" "C3'"  sing N N 95  
DG  "C4'" "H4'"  sing N N 96  
DG  "O4'" "C1'"  sing N N 97  
DG  "C3'" "O3'"  sing N N 98  
DG  "C3'" "C2'"  sing N N 99  
DG  "C3'" "H3'"  sing N N 100 
DG  "O3'" "HO3'" sing N N 101 
DG  "C2'" "C1'"  sing N N 102 
DG  "C2'" "H2'"  sing N N 103 
DG  "C2'" "H2''" sing N N 104 
DG  "C1'" N9     sing N N 105 
DG  "C1'" "H1'"  sing N N 106 
DG  N9    C8     sing Y N 107 
DG  N9    C4     sing Y N 108 
DG  C8    N7     doub Y N 109 
DG  C8    H8     sing N N 110 
DG  N7    C5     sing Y N 111 
DG  C5    C6     sing N N 112 
DG  C5    C4     doub Y N 113 
DG  C6    O6     doub N N 114 
DG  C6    N1     sing N N 115 
DG  N1    C2     sing N N 116 
DG  N1    H1     sing N N 117 
DG  C2    N2     sing N N 118 
DG  C2    N3     doub N N 119 
DG  N2    H21    sing N N 120 
DG  N2    H22    sing N N 121 
DG  N3    C4     sing N N 122 
DT  OP3   P      sing N N 123 
DT  OP3   HOP3   sing N N 124 
DT  P     OP1    doub N N 125 
DT  P     OP2    sing N N 126 
DT  P     "O5'"  sing N N 127 
DT  OP2   HOP2   sing N N 128 
DT  "O5'" "C5'"  sing N N 129 
DT  "C5'" "C4'"  sing N N 130 
DT  "C5'" "H5'"  sing N N 131 
DT  "C5'" "H5''" sing N N 132 
DT  "C4'" "O4'"  sing N N 133 
DT  "C4'" "C3'"  sing N N 134 
DT  "C4'" "H4'"  sing N N 135 
DT  "O4'" "C1'"  sing N N 136 
DT  "C3'" "O3'"  sing N N 137 
DT  "C3'" "C2'"  sing N N 138 
DT  "C3'" "H3'"  sing N N 139 
DT  "O3'" "HO3'" sing N N 140 
DT  "C2'" "C1'"  sing N N 141 
DT  "C2'" "H2'"  sing N N 142 
DT  "C2'" "H2''" sing N N 143 
DT  "C1'" N1     sing N N 144 
DT  "C1'" "H1'"  sing N N 145 
DT  N1    C2     sing N N 146 
DT  N1    C6     sing N N 147 
DT  C2    O2     doub N N 148 
DT  C2    N3     sing N N 149 
DT  N3    C4     sing N N 150 
DT  N3    H3     sing N N 151 
DT  C4    O4     doub N N 152 
DT  C4    C5     sing N N 153 
DT  C5    C7     sing N N 154 
DT  C5    C6     doub N N 155 
DT  C7    H71    sing N N 156 
DT  C7    H72    sing N N 157 
DT  C7    H73    sing N N 158 
DT  C6    H6     sing N N 159 
# 
loop_
_ndb_struct_conf_na.entry_id 
_ndb_struct_conf_na.feature 
6XFY 'double helix'        
6XFY 'a-form double helix' 
6XFY 'b-form double helix' 
# 
loop_
_ndb_struct_na_base_pair.model_number 
_ndb_struct_na_base_pair.i_label_asym_id 
_ndb_struct_na_base_pair.i_label_comp_id 
_ndb_struct_na_base_pair.i_label_seq_id 
_ndb_struct_na_base_pair.i_symmetry 
_ndb_struct_na_base_pair.j_label_asym_id 
_ndb_struct_na_base_pair.j_label_comp_id 
_ndb_struct_na_base_pair.j_label_seq_id 
_ndb_struct_na_base_pair.j_symmetry 
_ndb_struct_na_base_pair.shear 
_ndb_struct_na_base_pair.stretch 
_ndb_struct_na_base_pair.stagger 
_ndb_struct_na_base_pair.buckle 
_ndb_struct_na_base_pair.propeller 
_ndb_struct_na_base_pair.opening 
_ndb_struct_na_base_pair.pair_number 
_ndb_struct_na_base_pair.pair_name 
_ndb_struct_na_base_pair.i_auth_asym_id 
_ndb_struct_na_base_pair.i_auth_seq_id 
_ndb_struct_na_base_pair.i_PDB_ins_code 
_ndb_struct_na_base_pair.j_auth_asym_id 
_ndb_struct_na_base_pair.j_auth_seq_id 
_ndb_struct_na_base_pair.j_PDB_ins_code 
_ndb_struct_na_base_pair.hbond_type_28 
_ndb_struct_na_base_pair.hbond_type_12 
1 A DG 3  1_555 D DC 16 1_555 1.012  0.083  0.020  -3.276 -11.187 -14.392 1  A_DG3:DC16_D A 3  ? D 16 ? 19 1 
1 A DC 4  1_555 D DG 15 1_555 0.414  1.187  0.010  -1.523 -9.907  8.336   2  A_DC4:DG15_D A 4  ? D 15 ? ?  ? 
1 A DA 5  1_555 D DT 14 1_555 -0.132 0.458  0.156  -2.884 -8.882  -5.772  3  A_DA5:DT14_D A 5  ? D 14 ? 20 1 
1 A DG 6  1_555 D DC 13 1_555 0.726  -0.066 0.200  -0.058 -10.658 -11.979 4  A_DG6:DC13_D A 6  ? D 13 ? 19 1 
1 A DA 7  1_555 D DT 12 1_555 -0.155 -0.025 0.044  -4.258 -8.981  -10.627 5  A_DA7:DT12_D A 7  ? D 12 ? 20 1 
1 A DC 8  1_555 D DG 11 1_555 -0.243 -0.372 0.248  -1.161 -7.098  -2.012  6  A_DC8:DG11_D A 8  ? D 11 ? 19 1 
1 A DA 9  1_555 D DT 10 1_555 -0.404 0.157  0.590  -0.208 -10.757 4.083   7  A_DA9:DT10_D A 9  ? D 10 ? 20 1 
1 A DT 10 1_555 C DA 2  1_555 -0.984 -0.293 0.117  -0.397 -11.453 -4.413  8  A_DT10:DA2_C A 10 ? C 2  ? 20 1 
1 A DG 11 1_555 C DC 1  1_555 0.807  -0.038 0.148  2.022  -12.173 -7.452  9  A_DG11:DC1_C A 11 ? C 1  ? 19 1 
1 B DA 1  1_555 C DT 5  1_555 0.323  0.076  0.386  11.888 -16.219 -4.254  10 B_DA12:DT5_C B 12 ? C 5  ? 20 1 
1 B DC 2  1_555 C DG 4  1_555 -0.023 -0.276 0.365  8.888  -16.587 5.416   11 B_DC13:DG4_C B 13 ? C 4  ? 19 1 
1 B DT 3  1_555 C DA 3  1_555 -0.469 -0.158 0.241  2.375  -17.478 -4.684  12 B_DT14:DA3_C B 14 ? C 3  ? 20 1 
1 B DC 4  1_555 D DG 9  1_555 -0.604 0.006  0.041  0.815  -6.171  0.583   13 B_DC15:DG9_D B 15 ? D 9  ? 19 1 
1 B DC 5  1_555 D DG 8  1_555 -0.275 0.004  0.378  5.705  -9.737  3.035   14 B_DC16:DG8_D B 16 ? D 8  ? 19 1 
1 B DA 6  1_555 D DT 7  1_555 0.854  0.103  -0.313 -2.390 -7.834  0.598   15 B_DA17:DT7_D B 17 ? D 7  ? 20 1 
1 B DC 7  1_555 D DG 6  1_555 -0.573 -0.160 -0.523 6.101  -9.585  1.019   16 B_DC18:DG6_D B 18 ? D 6  ? 19 1 
1 B DT 8  1_555 D DA 5  1_555 -0.875 0.280  -0.706 10.416 -13.923 -2.539  17 B_DT19:DA5_D B 19 ? D 5  ? 20 1 
1 B DC 9  1_555 D DG 4  1_555 -0.772 0.077  -0.318 11.170 -18.165 8.289   18 B_DC20:DG4_D B 20 ? D 4  ? 19 1 
# 
loop_
_ndb_struct_na_base_pair_step.model_number 
_ndb_struct_na_base_pair_step.i_label_asym_id_1 
_ndb_struct_na_base_pair_step.i_label_comp_id_1 
_ndb_struct_na_base_pair_step.i_label_seq_id_1 
_ndb_struct_na_base_pair_step.i_symmetry_1 
_ndb_struct_na_base_pair_step.j_label_asym_id_1 
_ndb_struct_na_base_pair_step.j_label_comp_id_1 
_ndb_struct_na_base_pair_step.j_label_seq_id_1 
_ndb_struct_na_base_pair_step.j_symmetry_1 
_ndb_struct_na_base_pair_step.i_label_asym_id_2 
_ndb_struct_na_base_pair_step.i_label_comp_id_2 
_ndb_struct_na_base_pair_step.i_label_seq_id_2 
_ndb_struct_na_base_pair_step.i_symmetry_2 
_ndb_struct_na_base_pair_step.j_label_asym_id_2 
_ndb_struct_na_base_pair_step.j_label_comp_id_2 
_ndb_struct_na_base_pair_step.j_label_seq_id_2 
_ndb_struct_na_base_pair_step.j_symmetry_2 
_ndb_struct_na_base_pair_step.shift 
_ndb_struct_na_base_pair_step.slide 
_ndb_struct_na_base_pair_step.rise 
_ndb_struct_na_base_pair_step.tilt 
_ndb_struct_na_base_pair_step.roll 
_ndb_struct_na_base_pair_step.twist 
_ndb_struct_na_base_pair_step.x_displacement 
_ndb_struct_na_base_pair_step.y_displacement 
_ndb_struct_na_base_pair_step.helical_rise 
_ndb_struct_na_base_pair_step.inclination 
_ndb_struct_na_base_pair_step.tip 
_ndb_struct_na_base_pair_step.helical_twist 
_ndb_struct_na_base_pair_step.step_number 
_ndb_struct_na_base_pair_step.step_name 
_ndb_struct_na_base_pair_step.i_auth_asym_id_1 
_ndb_struct_na_base_pair_step.i_auth_seq_id_1 
_ndb_struct_na_base_pair_step.i_PDB_ins_code_1 
_ndb_struct_na_base_pair_step.j_auth_asym_id_1 
_ndb_struct_na_base_pair_step.j_auth_seq_id_1 
_ndb_struct_na_base_pair_step.j_PDB_ins_code_1 
_ndb_struct_na_base_pair_step.i_auth_asym_id_2 
_ndb_struct_na_base_pair_step.i_auth_seq_id_2 
_ndb_struct_na_base_pair_step.i_PDB_ins_code_2 
_ndb_struct_na_base_pair_step.j_auth_asym_id_2 
_ndb_struct_na_base_pair_step.j_auth_seq_id_2 
_ndb_struct_na_base_pair_step.j_PDB_ins_code_2 
1 A DG 3  1_555 D DC 16 1_555 A DC 4  1_555 D DG 15 1_555 0.923  -1.263 3.115 3.504  1.055  26.839 -2.954 -1.117 3.157 2.259  
-7.504  27.083 1  AA_DG3DC4:DG15DC16_DD A 3  ? D 16 ? A 4  ? D 15 ? 
1 A DC 4  1_555 D DG 15 1_555 A DA 5  1_555 D DT 14 1_555 -0.625 1.420  3.347 -0.824 1.567  37.833 1.980  0.854  3.414 2.415  
1.271   37.873 2  AA_DC4DA5:DT14DG15_DD A 4  ? D 15 ? A 5  ? D 14 ? 
1 A DA 5  1_555 D DT 14 1_555 A DG 6  1_555 D DC 13 1_555 -0.254 -0.441 3.260 -3.366 2.215  34.407 -1.080 -0.090 3.236 3.728  
5.666   34.635 3  AA_DA5DG6:DC13DT14_DD A 5  ? D 14 ? A 6  ? D 13 ? 
1 A DG 6  1_555 D DC 13 1_555 A DA 7  1_555 D DT 12 1_555 0.000  -1.107 3.348 -0.547 0.415  32.197 -2.072 -0.100 3.333 0.748  
0.987   32.204 4  AA_DG6DA7:DT12DC13_DD A 6  ? D 13 ? A 7  ? D 12 ? 
1 A DA 7  1_555 D DT 12 1_555 A DC 8  1_555 D DG 11 1_555 0.470  -1.193 3.316 -3.591 -0.391 33.944 -1.969 -1.375 3.264 -0.668 
6.130   34.130 5  AA_DA7DC8:DG11DT12_DD A 7  ? D 12 ? A 8  ? D 11 ? 
1 A DC 8  1_555 D DG 11 1_555 A DA 9  1_555 D DT 10 1_555 -0.117 -1.348 3.114 -4.354 1.221  33.561 -2.501 -0.463 3.055 2.103  
7.499   33.856 6  AA_DC8DA9:DT10DG11_DD A 8  ? D 11 ? A 9  ? D 10 ? 
1 A DA 9  1_555 D DT 10 1_555 A DT 10 1_555 C DA 2  1_555 -1.254 -1.534 3.310 2.391  2.568  22.275 -4.832 4.053  2.967 6.595  
-6.140  22.546 7  AA_DA9DT10:DA2DT10_CD A 9  ? D 10 ? A 10 ? C 2  ? 
1 A DT 10 1_555 C DA 2  1_555 A DG 11 1_555 C DC 1  1_555 -0.229 0.800  3.431 -1.653 1.900  40.919 0.923  0.136  3.469 2.715  
2.362   40.993 8  AA_DT10DG11:DC1DA2_CC A 10 ? C 2  ? A 11 ? C 1  ? 
1 B DA 1  1_555 C DT 5  1_555 B DC 2  1_555 C DG 4  1_555 1.111  -1.242 3.327 -1.781 -2.216 30.910 -1.885 -2.426 3.338 -4.148 
3.333   31.037 9  BB_DA12DC13:DG4DT5_CC B 12 ? C 5  ? B 13 ? C 4  ? 
1 B DC 2  1_555 C DG 4  1_555 B DT 3  1_555 C DA 3  1_555 -0.707 -1.221 3.455 -1.333 -1.001 34.123 -1.909 0.979  3.513 -1.705 
2.270   34.163 10 BB_DC13DT14:DA3DG4_CC B 13 ? C 4  ? B 14 ? C 3  ? 
1 B DT 3  1_555 C DA 3  1_555 B DC 4  1_555 D DG 9  1_555 -0.472 -1.195 3.199 0.160  1.202  30.853 -2.472 0.918  3.149 2.259  
-0.301  30.876 11 BB_DT14DC15:DG9DA3_DC B 14 ? C 3  ? B 15 ? D 9  ? 
1 B DC 4  1_555 D DG 9  1_555 B DC 5  1_555 D DG 8  1_555 -0.098 0.431  3.388 -0.072 3.457  28.591 0.059  0.180  3.415 6.967  
0.145   28.795 12 BB_DC15DC16:DG8DG9_DD B 15 ? D 9  ? B 16 ? D 8  ? 
1 B DC 5  1_555 D DG 8  1_555 B DA 6  1_555 D DT 7  1_555 0.195  1.987  3.594 6.045  -1.353 52.280 2.338  0.211  3.546 -1.529 
-6.832  52.620 13 BB_DC16DA17:DT7DG8_DD B 16 ? D 8  ? B 17 ? D 7  ? 
1 B DA 6  1_555 D DT 7  1_555 B DC 7  1_555 D DG 6  1_555 0.129  -0.655 3.071 1.159  2.656  20.910 -2.818 0.097  2.968 7.273  
-3.174  21.108 14 BB_DA17DC18:DG6DT7_DD B 17 ? D 7  ? B 18 ? D 6  ? 
1 B DC 7  1_555 D DG 6  1_555 B DT 8  1_555 D DA 5  1_555 -0.036 -0.069 3.224 3.443  3.133  34.795 -0.577 0.566  3.188 5.211  
-5.725  35.095 15 BB_DC18DT19:DA5DG6_DD B 18 ? D 6  ? B 19 ? D 5  ? 
1 B DT 8  1_555 D DA 5  1_555 B DC 9  1_555 D DG 4  1_555 1.381  1.405  3.307 6.393  3.081  35.552 1.798  -1.264 3.598 4.985  
-10.343 36.231 16 BB_DT19DC20:DG4DA5_DD B 19 ? D 5  ? B 20 ? D 4  ? 
# 
loop_
_pdbx_audit_support.funding_organization 
_pdbx_audit_support.country 
_pdbx_audit_support.grant_number 
_pdbx_audit_support.ordinal 
'National Science Foundation (NSF, United States)'                                         'United States' 1360635     1 
'National Institutes of Health/National Institute of General Medical Sciences (NIH/NIGMS)' 'United States' R01GM104960 2 
'National Science Foundation (NSF, United States)'                                         'United States' NSF2004250  3 
# 
_pdbx_entity_nonpoly.entity_id   5 
_pdbx_entity_nonpoly.name        'CACODYLATE ION' 
_pdbx_entity_nonpoly.comp_id     CAC 
# 
_pdbx_initial_refinement_model.id               1 
_pdbx_initial_refinement_model.entity_id_list   ? 
_pdbx_initial_refinement_model.type             'experimental model' 
_pdbx_initial_refinement_model.source_name      PDB 
_pdbx_initial_refinement_model.accession_code   6X8C 
_pdbx_initial_refinement_model.details          ? 
# 
_pdbx_struct_assembly_auth_evidence.id                     1 
_pdbx_struct_assembly_auth_evidence.assembly_id            1 
_pdbx_struct_assembly_auth_evidence.experimental_support   none 
_pdbx_struct_assembly_auth_evidence.details                ? 
# 
